data_2Y42
#
_entry.id   2Y42
#
_cell.length_a   56.380
_cell.length_b   161.450
_cell.length_c   83.910
_cell.angle_alpha   90.00
_cell.angle_beta   91.96
_cell.angle_gamma   90.00
#
_symmetry.space_group_name_H-M   'P 1 21 1'
#
loop_
_entity.id
_entity.type
_entity.pdbx_description
1 polymer '3-ISOPROPYLMALATE DEHYDROGENASE'
2 non-polymer BICINE
3 non-polymer NICOTINAMIDE-ADENINE-DINUCLEOTIDE
4 non-polymer 'MANGANESE (II) ION'
5 water water
#
_entity_poly.entity_id   1
_entity_poly.type   'polypeptide(L)'
_entity_poly.pdbx_seq_one_letter_code
;MASMKVAVLPGDGIGPEVTEAALKVLRALDEAEGLGLAYEVFPFGGAAIDAFGEPFPEPTRKGVEEAEAVLLGSVGGPKW
DGLPRKIRPETGLLSLRKSQDLFANLRPAKVFPGLERLSPLKEEIARGVDVLIVRELTGGIYFGEPRGMSEAEAWNTERY
SKPEVERVARVAFEAARKRRKHVVSVDKANVLEVGEFWRKTVEEVGRGYPDVALEHQYVDAMAMHLVRSPARFDVVVTGN
IFGDILSDLASVLPGSLGLLPSASLGRGTPVFEPVHGSAPDIAGKGIANPTAAILSAAMMLEHAFGLVELARKVEDAVAK
ALLETPPPDLGGSAGTEAFTATVLRHLAAAALEHHHHHH
;
_entity_poly.pdbx_strand_id   A,B,C,D
#
loop_
_chem_comp.id
_chem_comp.type
_chem_comp.name
_chem_comp.formula
BCN non-polymer BICINE 'C6 H13 N O4'
MN non-polymer 'MANGANESE (II) ION' 'Mn 2'
NAD non-polymer NICOTINAMIDE-ADENINE-DINUCLEOTIDE 'C21 H27 N7 O14 P2'
#
# COMPACT_ATOMS: atom_id res chain seq x y z
N SER A 3 9.24 -40.68 -35.34
CA SER A 3 8.60 -39.49 -35.97
C SER A 3 8.52 -38.28 -35.02
N MET A 4 7.76 -38.40 -33.94
CA MET A 4 7.58 -37.30 -32.97
C MET A 4 7.48 -37.83 -31.53
N LYS A 5 8.60 -38.06 -30.86
CA LYS A 5 8.56 -38.65 -29.50
C LYS A 5 8.54 -37.57 -28.41
N VAL A 6 7.55 -37.63 -27.53
CA VAL A 6 7.25 -36.52 -26.60
C VAL A 6 6.97 -37.04 -25.19
N ALA A 7 7.68 -36.49 -24.21
CA ALA A 7 7.39 -36.77 -22.82
C ALA A 7 6.47 -35.67 -22.32
N VAL A 8 5.35 -36.05 -21.71
CA VAL A 8 4.39 -35.07 -21.23
C VAL A 8 4.41 -35.08 -19.71
N LEU A 9 4.75 -33.95 -19.08
CA LEU A 9 4.81 -33.91 -17.62
C LEU A 9 3.83 -32.88 -17.13
N PRO A 10 2.58 -33.28 -16.86
CA PRO A 10 1.54 -32.28 -16.54
C PRO A 10 1.67 -31.69 -15.12
N GLY A 11 2.16 -32.48 -14.17
CA GLY A 11 2.35 -32.05 -12.80
C GLY A 11 1.10 -31.72 -12.00
N ASP A 12 1.07 -30.49 -11.51
CA ASP A 12 0.12 -30.10 -10.48
C ASP A 12 -0.81 -28.96 -10.88
N GLY A 13 -1.96 -28.88 -10.22
CA GLY A 13 -2.86 -27.73 -10.33
C GLY A 13 -3.59 -27.64 -11.67
N ILE A 14 -3.36 -26.54 -12.39
CA ILE A 14 -3.97 -26.35 -13.72
C ILE A 14 -3.14 -27.01 -14.82
N GLY A 15 -1.88 -27.30 -14.50
CA GLY A 15 -0.99 -28.09 -15.37
C GLY A 15 -1.69 -29.21 -16.12
N PRO A 16 -2.30 -30.16 -15.40
CA PRO A 16 -3.00 -31.22 -16.14
C PRO A 16 -4.05 -30.71 -17.13
N GLU A 17 -4.78 -29.65 -16.77
CA GLU A 17 -5.89 -29.14 -17.59
C GLU A 17 -5.37 -28.52 -18.87
N VAL A 18 -4.49 -27.54 -18.71
CA VAL A 18 -3.91 -26.84 -19.83
C VAL A 18 -3.05 -27.73 -20.71
N THR A 19 -2.41 -28.74 -20.12
CA THR A 19 -1.66 -29.72 -20.92
C THR A 19 -2.57 -30.58 -21.76
N GLU A 20 -3.70 -31.01 -21.18
CA GLU A 20 -4.65 -31.85 -21.91
C GLU A 20 -5.17 -31.09 -23.13
N ALA A 21 -5.39 -29.79 -22.97
CA ALA A 21 -5.78 -28.89 -24.06
C ALA A 21 -4.78 -28.88 -25.21
N ALA A 22 -3.49 -28.69 -24.89
CA ALA A 22 -2.41 -28.78 -25.89
C ALA A 22 -2.41 -30.09 -26.66
N LEU A 23 -2.69 -31.20 -25.97
CA LEU A 23 -2.70 -32.51 -26.59
C LEU A 23 -3.82 -32.66 -27.60
N LYS A 24 -4.98 -32.07 -27.29
CA LYS A 24 -6.12 -32.10 -28.21
C LYS A 24 -5.67 -31.49 -29.53
N VAL A 25 -5.00 -30.36 -29.40
CA VAL A 25 -4.45 -29.66 -30.54
C VAL A 25 -3.42 -30.55 -31.26
N LEU A 26 -2.52 -31.18 -30.51
CA LEU A 26 -1.51 -32.04 -31.11
C LEU A 26 -2.13 -33.28 -31.76
N ARG A 27 -3.13 -33.85 -31.09
CA ARG A 27 -3.86 -34.98 -31.64
C ARG A 27 -4.60 -34.57 -32.91
N ALA A 28 -5.26 -33.42 -32.88
CA ALA A 28 -5.97 -32.93 -34.06
C ALA A 28 -5.03 -32.80 -35.25
N LEU A 29 -3.82 -32.32 -34.99
CA LEU A 29 -2.80 -32.17 -36.02
C LEU A 29 -2.31 -33.51 -36.53
N ASP A 30 -1.87 -34.36 -35.62
CA ASP A 30 -1.30 -35.65 -36.01
C ASP A 30 -2.23 -36.33 -37.00
N GLU A 31 -3.52 -36.35 -36.67
CA GLU A 31 -4.53 -36.99 -37.49
C GLU A 31 -4.62 -36.37 -38.88
N ALA A 32 -4.90 -35.07 -38.95
CA ALA A 32 -5.07 -34.40 -40.24
C ALA A 32 -3.77 -34.22 -41.06
N GLU A 33 -2.61 -34.34 -40.41
CA GLU A 33 -1.31 -34.08 -41.07
C GLU A 33 -0.35 -35.28 -41.08
N GLY A 34 -0.62 -36.27 -40.23
CA GLY A 34 0.16 -37.51 -40.19
C GLY A 34 1.54 -37.36 -39.61
N LEU A 35 1.63 -36.90 -38.36
CA LEU A 35 2.92 -36.62 -37.75
C LEU A 35 3.57 -37.83 -37.10
N GLY A 36 2.79 -38.88 -36.86
CA GLY A 36 3.29 -40.09 -36.20
C GLY A 36 3.68 -39.82 -34.76
N LEU A 37 2.85 -39.00 -34.12
CA LEU A 37 3.01 -38.60 -32.73
C LEU A 37 3.03 -39.77 -31.76
N ALA A 38 4.12 -39.89 -31.03
CA ALA A 38 4.22 -40.87 -29.97
C ALA A 38 4.45 -40.12 -28.67
N TYR A 39 3.55 -40.28 -27.72
CA TYR A 39 3.77 -39.67 -26.42
C TYR A 39 3.38 -40.58 -25.26
N GLU A 40 3.97 -40.32 -24.11
CA GLU A 40 3.57 -40.99 -22.88
C GLU A 40 3.49 -39.94 -21.78
N VAL A 41 2.70 -40.22 -20.76
CA VAL A 41 2.48 -39.31 -19.63
C VAL A 41 3.33 -39.74 -18.43
N PHE A 42 4.00 -38.77 -17.81
CA PHE A 42 4.94 -39.04 -16.70
C PHE A 42 4.66 -38.22 -15.44
N PRO A 43 4.60 -38.89 -14.27
CA PRO A 43 4.38 -38.22 -13.00
C PRO A 43 5.47 -37.17 -12.71
N PHE A 44 5.08 -36.00 -12.20
CA PHE A 44 6.03 -34.91 -11.98
C PHE A 44 5.56 -33.91 -10.93
N GLY A 45 6.51 -33.35 -10.19
CA GLY A 45 6.21 -32.42 -9.10
C GLY A 45 5.41 -33.08 -8.00
N GLY A 46 4.55 -32.30 -7.36
CA GLY A 46 3.71 -32.81 -6.25
C GLY A 46 2.79 -33.97 -6.61
N ALA A 47 2.52 -34.14 -7.90
CA ALA A 47 1.74 -35.28 -8.35
C ALA A 47 2.59 -36.54 -8.25
N ALA A 48 3.92 -36.36 -8.18
CA ALA A 48 4.88 -37.45 -8.01
C ALA A 48 5.36 -37.61 -6.56
N ILE A 49 5.56 -36.50 -5.84
CA ILE A 49 5.85 -36.54 -4.39
C ILE A 49 4.81 -37.36 -3.60
N ASP A 50 3.57 -37.39 -4.10
CA ASP A 50 2.51 -38.19 -3.50
C ASP A 50 2.60 -39.67 -3.88
N ALA A 51 3.31 -39.97 -4.98
CA ALA A 51 3.29 -41.30 -5.59
C ALA A 51 4.65 -42.01 -5.64
N PHE A 52 5.73 -41.24 -5.62
CA PHE A 52 7.09 -41.77 -5.71
C PHE A 52 8.03 -41.13 -4.68
N GLY A 53 7.45 -40.61 -3.60
CA GLY A 53 8.21 -40.01 -2.48
C GLY A 53 9.28 -39.00 -2.88
N GLU A 54 9.28 -38.63 -4.16
CA GLU A 54 10.31 -37.79 -4.79
C GLU A 54 9.64 -36.75 -5.73
N PRO A 55 10.38 -35.68 -6.10
CA PRO A 55 9.75 -34.74 -7.04
C PRO A 55 9.98 -35.13 -8.50
N PHE A 56 11.20 -35.57 -8.83
CA PHE A 56 11.61 -35.96 -10.20
C PHE A 56 12.18 -37.40 -10.25
N PRO A 57 11.27 -38.42 -10.27
CA PRO A 57 11.54 -39.87 -10.12
C PRO A 57 12.19 -40.64 -11.27
N GLU A 58 12.33 -41.95 -11.05
CA GLU A 58 13.10 -42.88 -11.89
C GLU A 58 12.62 -43.05 -13.34
N PRO A 59 11.31 -43.35 -13.55
CA PRO A 59 10.84 -43.47 -14.94
C PRO A 59 10.81 -42.11 -15.67
N THR A 60 10.53 -41.04 -14.92
CA THR A 60 10.47 -39.70 -15.50
C THR A 60 11.87 -39.22 -15.92
N ARG A 61 12.84 -39.32 -15.01
CA ARG A 61 14.22 -38.95 -15.34
C ARG A 61 14.67 -39.54 -16.67
N LYS A 62 14.11 -40.70 -17.00
CA LYS A 62 14.63 -41.51 -18.08
C LYS A 62 13.76 -41.45 -19.32
N GLY A 63 12.45 -41.34 -19.13
CA GLY A 63 11.53 -40.99 -20.23
C GLY A 63 11.79 -39.57 -20.76
N VAL A 64 12.48 -38.76 -19.96
CA VAL A 64 12.95 -37.46 -20.40
C VAL A 64 14.15 -37.64 -21.34
N GLU A 65 15.16 -38.39 -20.90
CA GLU A 65 16.36 -38.57 -21.71
C GLU A 65 15.99 -39.21 -23.04
N GLU A 66 15.02 -40.13 -23.00
CA GLU A 66 14.62 -40.93 -24.16
C GLU A 66 13.91 -40.12 -25.25
N ALA A 67 13.23 -39.05 -24.85
CA ALA A 67 12.34 -38.30 -25.74
C ALA A 67 13.09 -37.26 -26.58
N GLU A 68 12.41 -36.80 -27.64
CA GLU A 68 12.93 -35.79 -28.55
C GLU A 68 12.50 -34.42 -28.02
N ALA A 69 11.49 -34.41 -27.16
CA ALA A 69 11.04 -33.19 -26.45
C ALA A 69 10.21 -33.45 -25.19
N VAL A 70 10.16 -32.45 -24.30
CA VAL A 70 9.37 -32.52 -23.07
C VAL A 70 8.34 -31.41 -23.09
N LEU A 71 7.06 -31.79 -22.98
CA LEU A 71 5.96 -30.84 -22.85
C LEU A 71 5.55 -30.80 -21.38
N LEU A 72 5.88 -29.70 -20.73
CA LEU A 72 5.68 -29.55 -19.31
C LEU A 72 4.46 -28.71 -19.02
N GLY A 73 3.74 -29.09 -17.97
CA GLY A 73 2.60 -28.32 -17.49
C GLY A 73 3.11 -27.29 -16.53
N SER A 74 2.76 -27.44 -15.25
CA SER A 74 3.29 -26.62 -14.17
C SER A 74 3.20 -27.36 -12.84
N VAL A 75 4.03 -26.95 -11.87
CA VAL A 75 4.18 -27.68 -10.62
C VAL A 75 4.11 -26.79 -9.37
N GLY A 76 3.82 -27.42 -8.23
CA GLY A 76 3.69 -26.73 -6.95
C GLY A 76 2.23 -26.64 -6.51
N GLY A 77 1.99 -26.14 -5.30
CA GLY A 77 0.61 -25.95 -4.81
C GLY A 77 0.39 -25.70 -3.32
N PRO A 78 -0.87 -25.90 -2.85
CA PRO A 78 -1.20 -25.66 -1.45
C PRO A 78 -0.72 -26.81 -0.56
N LYS A 79 -1.03 -28.04 -0.99
CA LYS A 79 -0.66 -29.29 -0.31
C LYS A 79 0.85 -29.53 -0.09
N TRP A 80 1.70 -28.68 -0.68
CA TRP A 80 3.16 -28.92 -0.64
C TRP A 80 3.97 -27.66 -0.24
N ASP A 81 3.64 -27.09 0.92
CA ASP A 81 4.29 -25.83 1.35
C ASP A 81 5.26 -25.95 2.53
N GLY A 82 6.44 -25.33 2.39
CA GLY A 82 7.47 -25.29 3.44
C GLY A 82 8.14 -26.63 3.71
N LEU A 83 8.65 -27.25 2.64
CA LEU A 83 9.30 -28.56 2.70
C LEU A 83 10.75 -28.46 2.14
N PRO A 84 11.60 -29.48 2.40
CA PRO A 84 13.05 -29.38 2.13
C PRO A 84 13.43 -29.08 0.68
N ARG A 85 14.61 -28.47 0.47
CA ARG A 85 15.18 -28.29 -0.87
C ARG A 85 15.33 -29.63 -1.59
N LYS A 86 15.51 -30.69 -0.81
CA LYS A 86 15.50 -32.08 -1.26
C LYS A 86 14.22 -32.44 -2.05
N ILE A 87 13.08 -32.42 -1.38
CA ILE A 87 11.84 -33.00 -1.89
C ILE A 87 10.90 -31.99 -2.62
N ARG A 88 11.37 -30.75 -2.78
CA ARG A 88 10.55 -29.61 -3.26
C ARG A 88 10.12 -29.66 -4.74
N PRO A 89 8.82 -29.39 -5.02
CA PRO A 89 8.33 -29.38 -6.40
C PRO A 89 9.04 -28.34 -7.22
N GLU A 90 9.24 -27.17 -6.64
CA GLU A 90 9.86 -26.06 -7.35
C GLU A 90 11.33 -26.31 -7.71
N THR A 91 11.98 -27.25 -7.01
CA THR A 91 13.34 -27.65 -7.35
C THR A 91 13.39 -28.90 -8.25
N GLY A 92 12.25 -29.56 -8.42
CA GLY A 92 12.11 -30.61 -9.42
C GLY A 92 12.27 -29.97 -10.78
N LEU A 93 11.66 -28.81 -10.95
CA LEU A 93 11.93 -27.92 -12.06
C LEU A 93 13.42 -27.68 -12.31
N LEU A 94 14.17 -27.46 -11.24
CA LEU A 94 15.57 -27.10 -11.38
C LEU A 94 16.45 -28.31 -11.70
N SER A 95 16.13 -29.47 -11.12
CA SER A 95 16.78 -30.72 -11.49
C SER A 95 16.49 -31.11 -12.96
N LEU A 96 15.21 -31.07 -13.36
CA LEU A 96 14.81 -31.33 -14.74
C LEU A 96 15.63 -30.52 -15.71
N ARG A 97 15.61 -29.19 -15.50
CA ARG A 97 16.28 -28.23 -16.38
C ARG A 97 17.82 -28.38 -16.40
N LYS A 98 18.40 -28.78 -15.27
CA LYS A 98 19.86 -28.99 -15.20
C LYS A 98 20.30 -30.27 -15.91
N SER A 99 19.62 -31.38 -15.65
CA SER A 99 20.01 -32.69 -16.20
C SER A 99 20.09 -32.70 -17.72
N GLN A 100 19.41 -31.75 -18.35
CA GLN A 100 19.41 -31.64 -19.81
C GLN A 100 20.38 -30.56 -20.31
N ASP A 101 21.05 -29.91 -19.37
CA ASP A 101 21.98 -28.82 -19.69
C ASP A 101 21.37 -27.84 -20.69
N LEU A 102 20.38 -27.09 -20.21
CA LEU A 102 19.65 -26.18 -21.04
C LEU A 102 20.19 -24.79 -20.82
N PHE A 103 20.96 -24.31 -21.79
CA PHE A 103 21.65 -23.02 -21.66
C PHE A 103 20.90 -21.81 -22.25
N ALA A 104 19.81 -22.04 -22.99
CA ALA A 104 19.11 -20.94 -23.68
C ALA A 104 17.61 -20.86 -23.39
N ASN A 105 17.13 -19.72 -22.91
CA ASN A 105 15.71 -19.57 -22.66
C ASN A 105 15.06 -18.62 -23.64
N LEU A 106 14.03 -19.10 -24.33
CA LEU A 106 13.33 -18.35 -25.36
C LEU A 106 11.92 -18.00 -24.90
N ARG A 107 11.65 -16.71 -24.73
CA ARG A 107 10.31 -16.25 -24.34
C ARG A 107 9.71 -15.21 -25.28
N PRO A 108 8.66 -15.57 -26.01
CA PRO A 108 8.03 -14.58 -26.88
C PRO A 108 6.89 -13.82 -26.21
N ALA A 109 6.88 -12.50 -26.35
CA ALA A 109 5.75 -11.70 -25.96
C ALA A 109 5.02 -11.18 -27.22
N LYS A 110 3.85 -11.72 -27.49
CA LYS A 110 3.10 -11.30 -28.66
C LYS A 110 1.80 -10.60 -28.26
N VAL A 111 1.59 -9.41 -28.79
CA VAL A 111 0.29 -8.78 -28.68
C VAL A 111 -0.48 -9.13 -29.97
N PHE A 112 -1.41 -10.08 -29.87
CA PHE A 112 -2.19 -10.54 -31.02
C PHE A 112 -3.15 -9.51 -31.63
N PRO A 113 -3.36 -9.58 -32.95
CA PRO A 113 -4.36 -8.72 -33.59
C PRO A 113 -5.65 -8.68 -32.78
N GLY A 114 -6.12 -7.48 -32.52
CA GLY A 114 -7.35 -7.27 -31.76
C GLY A 114 -7.16 -7.25 -30.25
N LEU A 115 -6.01 -7.69 -29.75
CA LEU A 115 -5.82 -7.80 -28.32
C LEU A 115 -5.11 -6.61 -27.67
N GLU A 116 -5.01 -5.49 -28.40
CA GLU A 116 -4.29 -4.29 -27.95
C GLU A 116 -4.77 -3.71 -26.65
N ARG A 117 -6.09 -3.73 -26.44
CA ARG A 117 -6.73 -3.20 -25.21
C ARG A 117 -6.18 -3.82 -23.91
N LEU A 118 -5.76 -5.08 -23.98
CA LEU A 118 -5.21 -5.80 -22.82
C LEU A 118 -3.88 -5.27 -22.27
N SER A 119 -3.05 -4.75 -23.18
CA SER A 119 -1.71 -4.28 -22.85
C SER A 119 -1.71 -3.07 -21.91
N PRO A 120 -0.73 -2.96 -21.01
CA PRO A 120 -0.67 -1.68 -20.32
C PRO A 120 -0.11 -0.55 -21.19
N LEU A 121 0.44 -0.87 -22.36
CA LEU A 121 0.85 0.19 -23.31
C LEU A 121 -0.38 0.71 -24.07
N LYS A 122 -0.36 1.99 -24.46
CA LYS A 122 -1.38 2.52 -25.40
C LYS A 122 -1.41 1.70 -26.69
N GLU A 123 -2.61 1.59 -27.29
CA GLU A 123 -2.86 0.72 -28.45
C GLU A 123 -1.78 0.91 -29.49
N GLU A 124 -1.49 2.18 -29.82
CA GLU A 124 -0.56 2.53 -30.91
C GLU A 124 0.79 1.86 -30.71
N ILE A 125 1.30 1.97 -29.50
CA ILE A 125 2.55 1.34 -29.12
C ILE A 125 2.41 -0.17 -29.10
N ALA A 126 1.33 -0.69 -28.54
CA ALA A 126 1.16 -2.17 -28.39
C ALA A 126 0.98 -2.96 -29.70
N ARG A 127 0.43 -2.30 -30.73
CA ARG A 127 0.14 -2.95 -32.00
C ARG A 127 1.35 -3.59 -32.70
N GLY A 128 1.27 -4.91 -32.88
CA GLY A 128 2.21 -5.62 -33.73
C GLY A 128 3.47 -6.05 -33.03
N VAL A 129 3.43 -6.02 -31.71
CA VAL A 129 4.54 -6.51 -30.88
C VAL A 129 4.65 -8.02 -30.94
N ASP A 130 5.80 -8.50 -31.36
CA ASP A 130 6.11 -9.92 -31.31
C ASP A 130 7.62 -10.02 -31.23
N VAL A 131 8.12 -10.24 -30.03
CA VAL A 131 9.53 -10.19 -29.76
C VAL A 131 9.92 -11.41 -28.97
N LEU A 132 10.94 -12.11 -29.45
CA LEU A 132 11.44 -13.31 -28.81
C LEU A 132 12.72 -12.93 -28.06
N ILE A 133 12.65 -12.82 -26.73
CA ILE A 133 13.86 -12.67 -25.92
C ILE A 133 14.54 -14.03 -25.67
N VAL A 134 15.80 -14.15 -26.06
CA VAL A 134 16.61 -15.36 -25.86
C VAL A 134 17.62 -15.03 -24.74
N ARG A 135 17.58 -15.81 -23.66
CA ARG A 135 18.38 -15.53 -22.47
C ARG A 135 19.30 -16.68 -22.11
N GLU A 136 20.59 -16.38 -22.00
CA GLU A 136 21.59 -17.33 -21.56
C GLU A 136 21.21 -17.71 -20.12
N LEU A 137 21.33 -18.98 -19.78
CA LEU A 137 20.64 -19.54 -18.62
C LEU A 137 21.53 -20.24 -17.58
N THR A 138 22.76 -20.60 -17.92
CA THR A 138 23.57 -21.39 -16.99
C THR A 138 24.87 -20.68 -16.61
N GLY A 139 24.99 -19.43 -16.98
CA GLY A 139 26.17 -18.67 -16.61
C GLY A 139 25.81 -17.30 -16.05
N GLY A 140 26.76 -16.39 -16.25
CA GLY A 140 26.64 -15.04 -15.80
C GLY A 140 26.75 -14.92 -14.30
N ILE A 141 26.47 -13.70 -13.85
CA ILE A 141 26.52 -13.34 -12.44
C ILE A 141 25.83 -14.34 -11.52
N TYR A 142 24.76 -15.00 -11.99
CA TYR A 142 24.01 -15.92 -11.11
C TYR A 142 24.83 -17.14 -10.68
N PHE A 143 25.74 -17.58 -11.55
CA PHE A 143 26.59 -18.72 -11.20
C PHE A 143 28.07 -18.35 -11.23
N GLY A 144 28.39 -17.07 -11.37
CA GLY A 144 29.77 -16.66 -11.43
C GLY A 144 30.54 -16.71 -10.12
N GLU A 145 31.87 -16.87 -10.22
CA GLU A 145 32.78 -16.77 -9.06
C GLU A 145 33.98 -15.87 -9.42
N PRO A 146 34.66 -15.29 -8.43
CA PRO A 146 34.43 -15.22 -6.97
C PRO A 146 33.06 -14.70 -6.58
N ARG A 147 32.56 -15.20 -5.46
CA ARG A 147 31.28 -14.73 -4.90
C ARG A 147 31.31 -14.96 -3.40
N GLY A 148 30.88 -13.98 -2.61
CA GLY A 148 30.81 -14.17 -1.18
C GLY A 148 30.37 -12.91 -0.48
N MET A 149 30.53 -12.91 0.83
CA MET A 149 29.94 -11.93 1.71
C MET A 149 30.65 -11.96 3.03
N SER A 150 30.88 -10.80 3.64
CA SER A 150 31.34 -10.73 5.02
C SER A 150 30.56 -9.65 5.78
N GLU A 151 30.89 -9.48 7.07
CA GLU A 151 30.43 -8.35 7.88
C GLU A 151 30.58 -7.01 7.10
N ALA A 152 31.68 -6.88 6.35
CA ALA A 152 32.07 -5.61 5.74
C ALA A 152 31.55 -5.40 4.31
N GLU A 153 31.47 -6.48 3.51
CA GLU A 153 31.02 -6.35 2.10
C GLU A 153 30.49 -7.69 1.49
N ALA A 154 30.13 -7.69 0.23
CA ALA A 154 29.63 -8.85 -0.47
C ALA A 154 30.03 -8.64 -1.92
N TRP A 155 30.27 -9.72 -2.65
CA TRP A 155 30.68 -9.59 -4.05
C TRP A 155 30.09 -10.70 -4.88
N ASN A 156 30.00 -10.46 -6.18
CA ASN A 156 29.43 -11.38 -7.12
C ASN A 156 30.06 -11.05 -8.44
N THR A 157 30.19 -12.05 -9.32
CA THR A 157 30.98 -11.89 -10.54
C THR A 157 30.22 -12.23 -11.79
N GLU A 158 30.04 -11.24 -12.63
CA GLU A 158 29.46 -11.42 -13.92
C GLU A 158 30.62 -11.78 -14.85
N ARG A 159 30.71 -13.07 -15.18
CA ARG A 159 31.72 -13.67 -16.04
C ARG A 159 31.09 -14.46 -17.22
N TYR A 160 31.69 -14.32 -18.41
CA TYR A 160 31.32 -15.13 -19.60
C TYR A 160 32.55 -15.56 -20.43
N SER A 161 32.56 -16.81 -20.84
CA SER A 161 33.61 -17.27 -21.72
C SER A 161 33.08 -17.38 -23.15
N LYS A 162 34.00 -17.53 -24.07
CA LYS A 162 33.73 -17.51 -25.48
C LYS A 162 32.69 -18.60 -25.84
N PRO A 163 32.90 -19.86 -25.36
CA PRO A 163 31.95 -20.90 -25.80
C PRO A 163 30.53 -20.68 -25.24
N GLU A 164 30.43 -20.10 -24.05
CA GLU A 164 29.09 -19.74 -23.50
C GLU A 164 28.33 -18.70 -24.34
N VAL A 165 29.00 -17.66 -24.81
CA VAL A 165 28.34 -16.66 -25.64
C VAL A 165 28.02 -17.23 -27.05
N GLU A 166 28.99 -17.91 -27.68
CA GLU A 166 28.78 -18.49 -29.00
C GLU A 166 27.48 -19.29 -29.11
N ARG A 167 27.27 -20.22 -28.19
CA ARG A 167 26.20 -21.20 -28.32
C ARG A 167 24.84 -20.54 -28.12
N VAL A 168 24.75 -19.66 -27.14
CA VAL A 168 23.51 -18.96 -27.00
C VAL A 168 23.22 -18.06 -28.24
N ALA A 169 24.27 -17.53 -28.85
CA ALA A 169 24.06 -16.58 -29.94
C ALA A 169 23.58 -17.30 -31.20
N ARG A 170 24.09 -18.52 -31.45
CA ARG A 170 23.62 -19.34 -32.55
C ARG A 170 22.13 -19.61 -32.46
N VAL A 171 21.68 -20.00 -31.27
CA VAL A 171 20.26 -20.25 -31.04
C VAL A 171 19.46 -19.03 -31.49
N ALA A 172 19.82 -17.85 -30.99
CA ALA A 172 19.16 -16.59 -31.35
C ALA A 172 19.25 -16.36 -32.85
N PHE A 173 20.41 -16.59 -33.41
CA PHE A 173 20.54 -16.48 -34.86
C PHE A 173 19.62 -17.49 -35.61
N GLU A 174 19.56 -18.72 -35.12
CA GLU A 174 18.71 -19.75 -35.77
C GLU A 174 17.23 -19.40 -35.62
N ALA A 175 16.88 -18.83 -34.48
CA ALA A 175 15.52 -18.40 -34.25
C ALA A 175 15.14 -17.28 -35.21
N ALA A 176 16.05 -16.31 -35.40
CA ALA A 176 15.85 -15.23 -36.36
C ALA A 176 15.61 -15.69 -37.80
N ARG A 177 16.29 -16.73 -38.28
CA ARG A 177 16.08 -17.27 -39.64
C ARG A 177 14.64 -17.71 -39.96
N LYS A 178 13.90 -18.04 -38.90
CA LYS A 178 12.57 -18.60 -38.96
C LYS A 178 11.53 -17.53 -38.71
N ARG A 179 11.98 -16.34 -38.34
CA ARG A 179 11.07 -15.26 -38.08
C ARG A 179 11.32 -14.12 -39.09
N ARG A 180 11.83 -12.99 -38.62
CA ARG A 180 12.03 -11.81 -39.47
C ARG A 180 13.50 -11.43 -39.73
N LYS A 181 14.45 -12.31 -39.41
CA LYS A 181 15.87 -12.11 -39.78
C LYS A 181 16.52 -10.84 -39.19
N HIS A 182 16.11 -10.47 -37.98
CA HIS A 182 16.70 -9.32 -37.29
C HIS A 182 16.97 -9.73 -35.86
N VAL A 183 18.22 -9.54 -35.43
CA VAL A 183 18.63 -9.85 -34.06
C VAL A 183 19.18 -8.61 -33.44
N VAL A 184 18.80 -8.36 -32.19
CA VAL A 184 19.44 -7.33 -31.38
C VAL A 184 20.15 -7.95 -30.21
N SER A 185 21.42 -7.63 -30.05
CA SER A 185 22.19 -8.23 -28.97
C SER A 185 22.34 -7.21 -27.88
N VAL A 186 22.19 -7.64 -26.63
CA VAL A 186 22.15 -6.72 -25.52
C VAL A 186 23.27 -6.93 -24.52
N ASP A 187 24.05 -5.87 -24.33
CA ASP A 187 25.21 -5.96 -23.47
C ASP A 187 25.31 -4.65 -22.70
N LYS A 188 26.37 -4.49 -21.92
CA LYS A 188 26.64 -3.17 -21.35
C LYS A 188 28.03 -2.70 -21.87
N ALA A 189 28.20 -2.76 -23.20
CA ALA A 189 29.53 -2.56 -23.78
C ALA A 189 30.20 -1.21 -23.51
N ASN A 190 29.45 -0.15 -23.18
CA ASN A 190 30.10 1.14 -22.93
C ASN A 190 30.76 1.29 -21.57
N VAL A 191 30.60 0.32 -20.68
CA VAL A 191 31.18 0.46 -19.35
C VAL A 191 31.90 -0.81 -18.87
N LEU A 192 31.51 -1.97 -19.38
CA LEU A 192 31.97 -3.23 -18.80
C LEU A 192 32.75 -4.06 -19.79
N GLU A 193 33.82 -4.66 -19.30
CA GLU A 193 34.62 -5.55 -20.13
C GLU A 193 33.81 -6.73 -20.67
N VAL A 194 32.86 -7.21 -19.87
CA VAL A 194 32.04 -8.36 -20.26
C VAL A 194 31.12 -8.01 -21.39
N GLY A 195 30.55 -6.80 -21.32
CA GLY A 195 29.76 -6.21 -22.40
C GLY A 195 30.51 -6.23 -23.72
N GLU A 196 31.73 -5.73 -23.67
CA GLU A 196 32.52 -5.56 -24.85
C GLU A 196 32.98 -6.94 -25.40
N PHE A 197 33.20 -7.88 -24.48
CA PHE A 197 33.50 -9.23 -24.87
C PHE A 197 32.27 -9.89 -25.51
N TRP A 198 31.11 -9.71 -24.88
CA TRP A 198 29.85 -10.20 -25.40
C TRP A 198 29.68 -9.69 -26.87
N ARG A 199 29.54 -8.37 -27.03
CA ARG A 199 29.42 -7.74 -28.35
C ARG A 199 30.33 -8.35 -29.44
N LYS A 200 31.63 -8.43 -29.15
CA LYS A 200 32.64 -8.92 -30.08
C LYS A 200 32.45 -10.39 -30.49
N THR A 201 32.18 -11.23 -29.50
CA THR A 201 31.82 -12.62 -29.75
C THR A 201 30.54 -12.77 -30.59
N VAL A 202 29.47 -12.07 -30.20
CA VAL A 202 28.25 -12.13 -31.01
C VAL A 202 28.57 -11.63 -32.44
N GLU A 203 29.40 -10.60 -32.56
CA GLU A 203 29.85 -10.16 -33.90
C GLU A 203 30.57 -11.27 -34.66
N GLU A 204 31.40 -12.04 -33.97
CA GLU A 204 32.15 -13.10 -34.64
C GLU A 204 31.18 -14.16 -35.15
N VAL A 205 30.13 -14.43 -34.36
CA VAL A 205 29.14 -15.45 -34.70
C VAL A 205 28.29 -14.97 -35.86
N GLY A 206 27.88 -13.70 -35.77
CA GLY A 206 27.17 -13.03 -36.86
C GLY A 206 27.81 -13.21 -38.22
N ARG A 207 29.13 -13.38 -38.28
CA ARG A 207 29.85 -13.50 -39.55
C ARG A 207 29.33 -14.65 -40.37
N GLY A 208 28.91 -15.71 -39.66
CA GLY A 208 28.31 -16.90 -40.24
C GLY A 208 26.83 -16.76 -40.57
N TYR A 209 26.24 -15.62 -40.24
CA TYR A 209 24.82 -15.37 -40.55
C TYR A 209 24.56 -14.00 -41.24
N PRO A 210 25.20 -13.70 -42.40
CA PRO A 210 24.97 -12.40 -43.10
C PRO A 210 23.53 -12.25 -43.65
N ASP A 211 22.84 -13.37 -43.57
CA ASP A 211 21.42 -13.58 -43.77
C ASP A 211 20.61 -12.74 -42.73
N VAL A 212 21.14 -12.63 -41.51
CA VAL A 212 20.48 -11.97 -40.42
C VAL A 212 21.03 -10.55 -40.18
N ALA A 213 20.15 -9.56 -40.02
CA ALA A 213 20.58 -8.24 -39.64
C ALA A 213 20.88 -8.28 -38.16
N LEU A 214 22.05 -7.75 -37.79
CA LEU A 214 22.50 -7.72 -36.40
C LEU A 214 22.74 -6.29 -35.99
N GLU A 215 22.31 -5.98 -34.78
CA GLU A 215 22.35 -4.66 -34.23
C GLU A 215 22.66 -4.77 -32.70
N HIS A 216 23.32 -3.78 -32.09
CA HIS A 216 23.67 -3.87 -30.61
C HIS A 216 23.06 -2.77 -29.75
N GLN A 217 22.41 -3.14 -28.66
CA GLN A 217 21.76 -2.15 -27.79
C GLN A 217 22.29 -2.36 -26.38
N TYR A 218 22.59 -1.32 -25.60
CA TYR A 218 22.89 -1.48 -24.17
C TYR A 218 21.63 -1.75 -23.34
N VAL A 219 21.79 -2.51 -22.26
CA VAL A 219 20.67 -2.97 -21.45
C VAL A 219 19.80 -1.82 -20.99
N ASP A 220 20.40 -0.80 -20.39
CA ASP A 220 19.63 0.34 -19.87
C ASP A 220 18.78 1.01 -20.95
N ALA A 221 19.33 1.13 -22.17
CA ALA A 221 18.60 1.68 -23.29
C ALA A 221 17.61 0.68 -23.92
N MET A 222 17.85 -0.61 -23.73
CA MET A 222 16.91 -1.62 -24.20
C MET A 222 15.57 -1.55 -23.41
N ALA A 223 15.67 -1.20 -22.13
CA ALA A 223 14.51 -0.99 -21.27
C ALA A 223 13.68 0.23 -21.71
N MET A 224 14.33 1.29 -22.18
CA MET A 224 13.61 2.39 -22.80
C MET A 224 12.88 1.94 -24.07
N HIS A 225 13.51 1.10 -24.88
CA HIS A 225 12.93 0.73 -26.19
C HIS A 225 11.74 -0.21 -26.10
N LEU A 226 11.76 -1.12 -25.11
CA LEU A 226 10.67 -2.10 -24.95
C LEU A 226 9.40 -1.51 -24.38
N VAL A 227 9.50 -0.31 -23.78
CA VAL A 227 8.30 0.45 -23.38
C VAL A 227 7.89 1.47 -24.45
N ARG A 228 8.86 1.95 -25.19
CA ARG A 228 8.64 3.09 -26.08
C ARG A 228 8.29 2.64 -27.47
N SER A 229 8.80 1.47 -27.88
CA SER A 229 8.59 0.97 -29.22
C SER A 229 8.94 -0.49 -29.28
N PRO A 230 8.29 -1.33 -28.46
CA PRO A 230 8.62 -2.74 -28.51
C PRO A 230 8.38 -3.40 -29.85
N ALA A 231 7.47 -2.87 -30.66
CA ALA A 231 7.12 -3.47 -31.97
C ALA A 231 8.28 -3.45 -32.99
N ARG A 232 9.33 -2.71 -32.67
CA ARG A 232 10.50 -2.60 -33.53
C ARG A 232 11.42 -3.84 -33.51
N PHE A 233 11.19 -4.79 -32.61
CA PHE A 233 12.12 -5.90 -32.41
C PHE A 233 11.59 -7.22 -32.91
N ASP A 234 12.51 -8.12 -33.23
CA ASP A 234 12.16 -9.48 -33.62
C ASP A 234 12.78 -10.50 -32.63
N VAL A 235 14.08 -10.75 -32.78
CA VAL A 235 14.83 -11.58 -31.83
C VAL A 235 15.79 -10.68 -31.05
N VAL A 236 15.89 -10.94 -29.74
CA VAL A 236 16.75 -10.21 -28.82
C VAL A 236 17.54 -11.26 -28.03
N VAL A 237 18.86 -11.13 -27.94
CA VAL A 237 19.64 -12.13 -27.21
C VAL A 237 20.49 -11.43 -26.20
N THR A 238 20.66 -12.06 -25.04
CA THR A 238 21.39 -11.39 -24.00
C THR A 238 21.83 -12.37 -22.92
N GLY A 239 22.63 -11.87 -21.97
CA GLY A 239 23.15 -12.74 -20.92
C GLY A 239 22.04 -13.09 -19.95
N ASN A 240 22.39 -13.63 -18.78
CA ASN A 240 21.41 -14.18 -17.84
C ASN A 240 20.64 -13.15 -17.01
N ILE A 241 21.34 -12.25 -16.34
CA ILE A 241 20.64 -11.29 -15.51
C ILE A 241 19.87 -10.24 -16.33
N PHE A 242 20.47 -9.75 -17.42
CA PHE A 242 19.79 -8.82 -18.32
C PHE A 242 18.59 -9.48 -18.98
N GLY A 243 18.77 -10.74 -19.33
CA GLY A 243 17.72 -11.56 -19.92
C GLY A 243 16.56 -11.78 -18.98
N ASP A 244 16.88 -12.10 -17.73
CA ASP A 244 15.89 -12.17 -16.66
C ASP A 244 15.12 -10.84 -16.61
N ILE A 245 15.85 -9.74 -16.45
CA ILE A 245 15.22 -8.44 -16.31
C ILE A 245 14.32 -8.14 -17.51
N LEU A 246 14.84 -8.32 -18.72
CA LEU A 246 14.19 -7.77 -19.91
C LEU A 246 13.10 -8.68 -20.47
N SER A 247 13.23 -9.98 -20.20
CA SER A 247 12.14 -10.86 -20.58
C SER A 247 10.98 -10.73 -19.61
N ASP A 248 11.24 -10.53 -18.32
CA ASP A 248 10.17 -10.12 -17.40
C ASP A 248 9.44 -8.84 -17.80
N LEU A 249 10.20 -7.87 -18.29
CA LEU A 249 9.66 -6.59 -18.78
C LEU A 249 8.77 -6.80 -19.98
N ALA A 250 9.29 -7.53 -20.96
CA ALA A 250 8.52 -7.85 -22.15
C ALA A 250 7.25 -8.69 -21.87
N SER A 251 7.29 -9.46 -20.78
CA SER A 251 6.23 -10.41 -20.49
C SER A 251 4.98 -9.68 -20.08
N VAL A 252 5.11 -8.43 -19.63
CA VAL A 252 3.93 -7.68 -19.21
C VAL A 252 3.21 -6.98 -20.37
N LEU A 253 3.89 -6.87 -21.51
CA LEU A 253 3.34 -6.11 -22.65
C LEU A 253 2.04 -6.70 -23.16
N PRO A 254 1.93 -8.05 -23.21
CA PRO A 254 0.63 -8.60 -23.66
C PRO A 254 -0.50 -8.35 -22.68
N GLY A 255 -0.21 -8.29 -21.38
CA GLY A 255 -1.26 -7.92 -20.40
C GLY A 255 -2.06 -9.05 -19.77
N SER A 256 -1.64 -10.29 -20.04
CA SER A 256 -2.15 -11.44 -19.30
C SER A 256 -1.11 -12.55 -19.22
N LEU A 257 -0.86 -12.99 -18.00
CA LEU A 257 0.05 -14.11 -17.77
C LEU A 257 -0.33 -15.42 -18.51
N GLY A 258 -1.61 -15.71 -18.61
CA GLY A 258 -2.06 -16.90 -19.30
C GLY A 258 -1.72 -16.96 -20.77
N LEU A 259 -1.03 -15.97 -21.30
CA LEU A 259 -0.68 -15.96 -22.71
C LEU A 259 0.76 -16.34 -23.00
N LEU A 260 1.53 -16.70 -21.97
CA LEU A 260 3.00 -16.73 -22.17
C LEU A 260 3.65 -18.12 -22.25
N PRO A 261 4.18 -18.49 -23.43
CA PRO A 261 4.88 -19.77 -23.55
C PRO A 261 6.39 -19.60 -23.33
N SER A 262 7.05 -20.68 -22.91
CA SER A 262 8.50 -20.71 -22.72
C SER A 262 9.16 -22.00 -23.33
N ALA A 263 10.35 -21.82 -23.93
CA ALA A 263 11.17 -22.95 -24.42
C ALA A 263 12.57 -22.87 -23.82
N SER A 264 13.14 -24.03 -23.55
CA SER A 264 14.48 -24.09 -22.99
C SER A 264 15.29 -25.18 -23.77
N LEU A 265 16.30 -24.73 -24.50
CA LEU A 265 17.10 -25.55 -25.41
C LEU A 265 18.50 -25.72 -24.88
N GLY A 266 19.22 -26.69 -25.42
CA GLY A 266 20.51 -27.03 -24.87
C GLY A 266 21.02 -28.35 -25.40
N ARG A 267 21.78 -29.05 -24.56
CA ARG A 267 22.50 -30.28 -24.93
C ARG A 267 21.53 -31.45 -24.99
N GLY A 268 20.62 -31.52 -24.01
CA GLY A 268 19.79 -32.68 -23.79
C GLY A 268 18.40 -32.51 -24.37
N THR A 269 17.40 -32.94 -23.62
CA THR A 269 16.06 -32.90 -24.16
C THR A 269 15.36 -31.57 -23.92
N PRO A 270 14.98 -30.87 -25.00
CA PRO A 270 14.35 -29.53 -24.84
C PRO A 270 13.03 -29.54 -24.04
N VAL A 271 12.74 -28.42 -23.39
CA VAL A 271 11.57 -28.35 -22.51
C VAL A 271 10.64 -27.15 -22.86
N PHE A 272 9.37 -27.46 -23.13
CA PHE A 272 8.38 -26.44 -23.50
C PHE A 272 7.31 -26.37 -22.45
N GLU A 273 7.06 -25.17 -21.95
CA GLU A 273 6.26 -25.01 -20.76
C GLU A 273 5.66 -23.60 -20.73
N PRO A 274 4.51 -23.45 -20.06
CA PRO A 274 3.92 -22.13 -19.84
C PRO A 274 4.72 -21.28 -18.82
N VAL A 275 4.74 -19.97 -18.98
CA VAL A 275 5.39 -19.12 -17.99
C VAL A 275 4.68 -19.23 -16.66
N HIS A 276 3.35 -19.22 -16.70
CA HIS A 276 2.55 -19.24 -15.49
C HIS A 276 2.77 -20.48 -14.59
N GLY A 277 2.32 -20.35 -13.34
CA GLY A 277 2.43 -21.40 -12.33
C GLY A 277 1.22 -22.33 -12.23
N SER A 278 1.23 -23.19 -11.22
CA SER A 278 0.25 -24.24 -11.05
C SER A 278 -1.14 -23.71 -10.68
N ALA A 279 -1.21 -22.41 -10.39
CA ALA A 279 -2.46 -21.70 -10.07
C ALA A 279 -3.48 -22.54 -9.28
N PRO A 280 -3.21 -22.78 -7.98
CA PRO A 280 -4.14 -23.60 -7.18
C PRO A 280 -5.41 -22.84 -6.76
N ASP A 281 -5.40 -21.51 -6.94
CA ASP A 281 -6.53 -20.63 -6.62
C ASP A 281 -7.73 -20.83 -7.55
N ILE A 282 -7.44 -21.10 -8.83
CA ILE A 282 -8.48 -21.43 -9.83
C ILE A 282 -8.40 -22.86 -10.36
N ALA A 283 -7.73 -23.74 -9.62
CA ALA A 283 -7.51 -25.13 -10.04
C ALA A 283 -8.78 -25.99 -10.10
N GLY A 284 -9.04 -26.54 -11.29
CA GLY A 284 -10.16 -27.42 -11.53
C GLY A 284 -11.52 -26.74 -11.57
N LYS A 285 -11.55 -25.44 -11.84
CA LYS A 285 -12.82 -24.70 -11.99
C LYS A 285 -13.23 -24.63 -13.47
N GLY A 286 -12.39 -25.22 -14.34
CA GLY A 286 -12.66 -25.28 -15.76
C GLY A 286 -12.56 -23.95 -16.47
N ILE A 287 -11.66 -23.09 -16.00
CA ILE A 287 -11.56 -21.69 -16.45
C ILE A 287 -10.15 -21.31 -16.91
N ALA A 288 -9.15 -22.09 -16.48
CA ALA A 288 -7.75 -21.86 -16.84
C ALA A 288 -7.55 -21.72 -18.34
N ASN A 289 -6.85 -20.67 -18.70
CA ASN A 289 -6.59 -20.32 -20.06
C ASN A 289 -5.41 -21.17 -20.55
N PRO A 290 -5.66 -22.02 -21.56
CA PRO A 290 -4.67 -22.97 -22.09
C PRO A 290 -3.76 -22.41 -23.20
N THR A 291 -4.01 -21.17 -23.61
CA THR A 291 -3.23 -20.48 -24.64
C THR A 291 -1.72 -20.70 -24.44
N ALA A 292 -1.24 -20.50 -23.21
CA ALA A 292 0.21 -20.63 -22.93
C ALA A 292 0.79 -22.01 -23.23
N ALA A 293 0.02 -23.06 -22.96
CA ALA A 293 0.50 -24.44 -23.08
C ALA A 293 0.43 -24.87 -24.52
N ILE A 294 -0.64 -24.42 -25.19
CA ILE A 294 -0.83 -24.70 -26.59
C ILE A 294 0.28 -23.98 -27.37
N LEU A 295 0.50 -22.72 -27.03
CA LEU A 295 1.58 -22.00 -27.67
C LEU A 295 2.94 -22.59 -27.31
N SER A 296 3.03 -23.28 -26.18
CA SER A 296 4.20 -24.08 -25.85
C SER A 296 4.30 -25.30 -26.74
N ALA A 297 3.17 -25.88 -27.09
CA ALA A 297 3.14 -26.97 -28.09
C ALA A 297 3.57 -26.49 -29.49
N ALA A 298 3.07 -25.33 -29.93
CA ALA A 298 3.57 -24.67 -31.12
C ALA A 298 5.11 -24.57 -31.09
N MET A 299 5.65 -23.95 -30.03
CA MET A 299 7.10 -23.86 -29.82
C MET A 299 7.82 -25.21 -29.93
N MET A 300 7.24 -26.24 -29.33
CA MET A 300 7.82 -27.56 -29.41
C MET A 300 7.94 -28.03 -30.87
N LEU A 301 6.94 -27.69 -31.70
CA LEU A 301 6.93 -28.05 -33.12
C LEU A 301 8.04 -27.34 -33.93
N GLU A 302 8.21 -26.03 -33.73
CA GLU A 302 9.22 -25.24 -34.46
C GLU A 302 10.66 -25.52 -33.99
N HIS A 303 10.84 -25.75 -32.68
CA HIS A 303 12.21 -25.84 -32.14
C HIS A 303 12.76 -27.23 -31.93
N ALA A 304 11.89 -28.21 -31.70
CA ALA A 304 12.35 -29.59 -31.54
C ALA A 304 12.16 -30.49 -32.79
N PHE A 305 11.33 -30.07 -33.74
CA PHE A 305 10.95 -30.97 -34.82
C PHE A 305 11.08 -30.42 -36.20
N GLY A 306 11.41 -29.15 -36.31
CA GLY A 306 11.60 -28.52 -37.62
C GLY A 306 10.34 -28.00 -38.31
N LEU A 307 9.17 -28.28 -37.75
CA LEU A 307 7.89 -27.97 -38.41
C LEU A 307 7.39 -26.51 -38.23
N VAL A 308 8.11 -25.56 -38.82
CA VAL A 308 7.83 -24.13 -38.69
C VAL A 308 6.48 -23.62 -39.23
N GLU A 309 6.07 -24.17 -40.37
CA GLU A 309 4.78 -23.82 -40.96
C GLU A 309 3.63 -24.34 -40.10
N LEU A 310 3.80 -25.53 -39.56
CA LEU A 310 2.82 -26.13 -38.64
C LEU A 310 2.60 -25.34 -37.35
N ALA A 311 3.70 -24.83 -36.79
CA ALA A 311 3.62 -24.06 -35.56
C ALA A 311 2.93 -22.74 -35.82
N ARG A 312 3.17 -22.15 -36.99
CA ARG A 312 2.50 -20.91 -37.36
C ARG A 312 1.01 -21.16 -37.52
N LYS A 313 0.63 -22.36 -37.91
CA LYS A 313 -0.79 -22.70 -38.00
C LYS A 313 -1.42 -22.73 -36.61
N VAL A 314 -0.77 -23.38 -35.65
CA VAL A 314 -1.23 -23.35 -34.26
C VAL A 314 -1.32 -21.92 -33.70
N GLU A 315 -0.28 -21.13 -33.93
CA GLU A 315 -0.32 -19.70 -33.62
C GLU A 315 -1.55 -18.99 -34.20
N ASP A 316 -1.77 -19.15 -35.51
CA ASP A 316 -2.86 -18.44 -36.19
C ASP A 316 -4.20 -18.95 -35.66
N ALA A 317 -4.31 -20.25 -35.42
CA ALA A 317 -5.52 -20.80 -34.79
C ALA A 317 -5.80 -20.14 -33.42
N VAL A 318 -4.76 -20.01 -32.60
CA VAL A 318 -4.88 -19.48 -31.26
C VAL A 318 -5.24 -18.00 -31.27
N ALA A 319 -4.66 -17.27 -32.22
CA ALA A 319 -4.93 -15.81 -32.35
C ALA A 319 -6.38 -15.54 -32.69
N LYS A 320 -6.91 -16.28 -33.66
CA LYS A 320 -8.33 -16.21 -34.05
C LYS A 320 -9.30 -16.56 -32.90
N ALA A 321 -9.03 -17.65 -32.19
CA ALA A 321 -9.78 -18.04 -30.98
C ALA A 321 -9.85 -17.00 -29.87
N LEU A 322 -8.75 -16.26 -29.65
CA LEU A 322 -8.71 -15.28 -28.58
C LEU A 322 -9.64 -14.12 -28.88
N LEU A 323 -9.85 -13.88 -30.16
CA LEU A 323 -10.77 -12.84 -30.61
C LEU A 323 -12.21 -13.34 -30.51
N GLU A 324 -12.42 -14.57 -30.97
CA GLU A 324 -13.75 -15.14 -31.05
C GLU A 324 -14.33 -15.44 -29.67
N THR A 325 -13.61 -16.26 -28.88
CA THR A 325 -14.10 -16.68 -27.55
C THR A 325 -13.05 -16.47 -26.46
N PRO A 326 -12.84 -15.20 -26.06
CA PRO A 326 -11.84 -14.87 -25.02
C PRO A 326 -12.16 -15.49 -23.64
N PRO A 327 -11.13 -16.04 -22.95
CA PRO A 327 -11.26 -16.55 -21.58
C PRO A 327 -11.42 -15.43 -20.52
N PRO A 328 -11.81 -15.79 -19.28
CA PRO A 328 -12.05 -14.86 -18.18
C PRO A 328 -10.89 -13.92 -17.84
N ASP A 329 -9.68 -14.44 -17.95
CA ASP A 329 -8.50 -13.63 -17.68
C ASP A 329 -8.32 -12.55 -18.75
N LEU A 330 -9.06 -12.67 -19.85
CA LEU A 330 -9.05 -11.65 -20.92
C LEU A 330 -10.24 -10.70 -20.90
N GLY A 331 -11.13 -10.87 -19.93
CA GLY A 331 -12.38 -10.10 -19.86
C GLY A 331 -13.51 -10.93 -20.43
N GLY A 332 -13.14 -12.11 -20.93
CA GLY A 332 -14.08 -12.94 -21.67
C GLY A 332 -14.84 -13.86 -20.77
N SER A 333 -15.38 -14.91 -21.38
CA SER A 333 -16.29 -15.78 -20.65
C SER A 333 -16.12 -17.27 -21.00
N ALA A 334 -15.17 -17.57 -21.88
CA ALA A 334 -14.99 -18.93 -22.39
C ALA A 334 -14.10 -19.80 -21.48
N GLY A 335 -14.64 -20.93 -21.02
CA GLY A 335 -13.88 -21.90 -20.24
C GLY A 335 -12.88 -22.69 -21.08
N THR A 336 -11.92 -23.32 -20.41
CA THR A 336 -10.82 -24.05 -21.08
C THR A 336 -11.33 -24.95 -22.18
N GLU A 337 -12.34 -25.74 -21.85
CA GLU A 337 -12.90 -26.67 -22.79
C GLU A 337 -13.45 -25.93 -24.02
N ALA A 338 -14.30 -24.95 -23.81
CA ALA A 338 -14.94 -24.25 -24.92
C ALA A 338 -13.96 -23.52 -25.84
N PHE A 339 -12.91 -22.94 -25.25
CA PHE A 339 -11.84 -22.27 -25.99
C PHE A 339 -10.97 -23.22 -26.79
N THR A 340 -10.70 -24.40 -26.23
CA THR A 340 -9.94 -25.39 -26.98
C THR A 340 -10.75 -25.76 -28.24
N ALA A 341 -12.04 -26.05 -28.08
CA ALA A 341 -12.93 -26.31 -29.21
C ALA A 341 -12.91 -25.16 -30.23
N THR A 342 -12.83 -23.92 -29.74
CA THR A 342 -12.69 -22.78 -30.64
C THR A 342 -11.38 -22.84 -31.41
N VAL A 343 -10.28 -23.24 -30.75
CA VAL A 343 -8.99 -23.39 -31.44
C VAL A 343 -9.04 -24.48 -32.54
N LEU A 344 -9.77 -25.56 -32.27
CA LEU A 344 -9.93 -26.66 -33.20
C LEU A 344 -10.81 -26.28 -34.41
N ARG A 345 -11.94 -25.60 -34.19
CA ARG A 345 -12.74 -25.09 -35.31
C ARG A 345 -11.82 -24.37 -36.35
N HIS A 346 -11.00 -23.44 -35.88
CA HIS A 346 -10.05 -22.71 -36.73
C HIS A 346 -8.93 -23.57 -37.30
N LEU A 347 -8.51 -24.58 -36.55
CA LEU A 347 -7.51 -25.50 -37.03
C LEU A 347 -8.08 -26.52 -38.02
N ALA A 348 -9.39 -26.78 -37.96
CA ALA A 348 -10.07 -27.65 -38.94
C ALA A 348 -10.47 -26.91 -40.21
N ALA A 349 -10.01 -25.67 -40.38
CA ALA A 349 -10.38 -24.88 -41.57
C ALA A 349 -9.18 -24.49 -42.46
N MET B 4 24.84 32.60 -3.19
CA MET B 4 24.51 31.57 -4.23
C MET B 4 25.52 31.51 -5.40
N LYS B 5 26.45 30.58 -5.37
CA LYS B 5 27.53 30.53 -6.35
C LYS B 5 27.44 29.28 -7.24
N VAL B 6 27.07 29.47 -8.51
CA VAL B 6 26.85 28.37 -9.45
C VAL B 6 27.93 28.29 -10.54
N ALA B 7 28.29 27.07 -10.94
CA ALA B 7 29.12 26.88 -12.12
C ALA B 7 28.28 26.31 -13.24
N VAL B 8 28.18 27.05 -14.32
CA VAL B 8 27.38 26.65 -15.46
C VAL B 8 28.26 25.95 -16.46
N LEU B 9 27.91 24.69 -16.75
CA LEU B 9 28.56 23.84 -17.71
C LEU B 9 27.58 23.52 -18.85
N PRO B 10 27.42 24.50 -19.78
CA PRO B 10 26.41 24.42 -20.83
C PRO B 10 26.49 23.13 -21.67
N GLY B 11 27.68 22.77 -22.14
CA GLY B 11 27.86 21.57 -22.94
C GLY B 11 27.69 21.71 -24.46
N ASP B 12 27.16 20.64 -25.08
CA ASP B 12 27.01 20.50 -26.54
C ASP B 12 25.55 20.44 -27.00
N GLY B 13 25.33 20.61 -28.30
CA GLY B 13 23.99 20.51 -28.90
C GLY B 13 22.97 21.50 -28.32
N ILE B 14 21.85 20.96 -27.81
CA ILE B 14 20.79 21.77 -27.18
C ILE B 14 21.20 22.22 -25.79
N GLY B 15 22.30 21.66 -25.30
CA GLY B 15 22.79 21.95 -23.95
C GLY B 15 22.81 23.43 -23.61
N PRO B 16 23.53 24.25 -24.41
CA PRO B 16 23.52 25.70 -24.23
C PRO B 16 22.14 26.33 -24.29
N GLU B 17 21.32 25.87 -25.23
CA GLU B 17 19.96 26.36 -25.44
C GLU B 17 19.10 26.24 -24.20
N VAL B 18 19.06 25.03 -23.63
CA VAL B 18 18.17 24.76 -22.51
C VAL B 18 18.72 25.32 -21.19
N THR B 19 20.06 25.30 -21.04
CA THR B 19 20.75 25.92 -19.89
C THR B 19 20.52 27.44 -19.82
N GLU B 20 20.55 28.10 -20.98
CA GLU B 20 20.26 29.54 -21.05
C GLU B 20 18.86 29.91 -20.52
N ALA B 21 17.84 29.14 -20.94
CA ALA B 21 16.45 29.25 -20.42
C ALA B 21 16.36 29.01 -18.90
N ALA B 22 17.05 27.98 -18.40
CA ALA B 22 17.21 27.80 -16.97
C ALA B 22 17.79 29.04 -16.29
N LEU B 23 18.87 29.60 -16.82
CA LEU B 23 19.46 30.84 -16.26
C LEU B 23 18.48 32.03 -16.29
N LYS B 24 17.69 32.13 -17.36
CA LYS B 24 16.67 33.17 -17.48
C LYS B 24 15.66 33.09 -16.34
N VAL B 25 15.28 31.87 -15.96
CA VAL B 25 14.39 31.66 -14.83
C VAL B 25 15.07 32.04 -13.52
N LEU B 26 16.36 31.70 -13.41
CA LEU B 26 17.18 32.03 -12.22
C LEU B 26 17.42 33.56 -12.01
N ARG B 27 17.86 34.27 -13.05
CA ARG B 27 17.97 35.74 -13.01
C ARG B 27 16.65 36.42 -12.59
N ALA B 28 15.52 35.95 -13.12
CA ALA B 28 14.19 36.42 -12.71
C ALA B 28 13.96 36.21 -11.21
N LEU B 29 14.36 35.06 -10.69
CA LEU B 29 14.21 34.75 -9.29
C LEU B 29 15.16 35.59 -8.46
N ASP B 30 16.38 35.75 -8.95
CA ASP B 30 17.37 36.58 -8.29
C ASP B 30 16.90 38.03 -8.17
N GLU B 31 16.12 38.48 -9.14
CA GLU B 31 15.65 39.85 -9.17
C GLU B 31 14.55 40.02 -8.14
N ALA B 32 13.55 39.13 -8.21
CA ALA B 32 12.40 39.15 -7.31
C ALA B 32 12.80 38.99 -5.83
N GLU B 33 13.66 38.03 -5.54
CA GLU B 33 13.92 37.54 -4.17
C GLU B 33 15.23 37.98 -3.50
N GLY B 34 16.14 38.57 -4.29
CA GLY B 34 17.50 38.93 -3.84
C GLY B 34 18.35 37.72 -3.41
N LEU B 35 18.65 36.83 -4.36
CA LEU B 35 19.41 35.63 -4.06
C LEU B 35 20.94 35.82 -3.96
N GLY B 36 21.45 36.92 -4.51
CA GLY B 36 22.89 37.09 -4.68
C GLY B 36 23.43 35.92 -5.50
N LEU B 37 22.82 35.69 -6.67
CA LEU B 37 23.28 34.70 -7.64
C LEU B 37 24.59 35.18 -8.30
N ALA B 38 25.60 34.33 -8.29
CA ALA B 38 26.82 34.59 -9.00
C ALA B 38 27.12 33.32 -9.80
N TYR B 39 27.34 33.46 -11.10
CA TYR B 39 27.63 32.28 -11.89
C TYR B 39 28.72 32.54 -12.90
N GLU B 40 29.30 31.44 -13.41
CA GLU B 40 30.42 31.49 -14.30
C GLU B 40 30.35 30.30 -15.24
N VAL B 41 30.62 30.55 -16.52
CA VAL B 41 30.42 29.57 -17.56
C VAL B 41 31.71 28.86 -17.94
N PHE B 42 31.67 27.52 -17.93
CA PHE B 42 32.84 26.71 -18.19
C PHE B 42 32.69 25.70 -19.33
N PRO B 43 33.79 25.52 -20.10
CA PRO B 43 33.79 24.49 -21.14
C PRO B 43 33.76 23.12 -20.49
N PHE B 44 33.05 22.22 -21.14
CA PHE B 44 32.88 20.86 -20.70
C PHE B 44 32.38 20.04 -21.89
N GLY B 45 32.65 18.74 -21.91
CA GLY B 45 32.27 17.87 -23.02
C GLY B 45 32.94 18.23 -24.33
N GLY B 46 32.25 17.98 -25.43
CA GLY B 46 32.79 18.29 -26.78
C GLY B 46 33.38 19.69 -26.93
N ALA B 47 32.67 20.68 -26.37
CA ALA B 47 33.12 22.07 -26.29
C ALA B 47 34.55 22.16 -25.75
N ALA B 48 34.81 21.49 -24.63
CA ALA B 48 36.13 21.43 -24.01
C ALA B 48 37.16 20.68 -24.85
N ILE B 49 36.76 19.55 -25.43
CA ILE B 49 37.64 18.85 -26.35
C ILE B 49 38.14 19.77 -27.48
N ASP B 50 37.25 20.59 -28.06
CA ASP B 50 37.64 21.48 -29.17
C ASP B 50 38.64 22.54 -28.72
N ALA B 51 38.46 23.04 -27.51
CA ALA B 51 39.27 24.16 -27.06
C ALA B 51 40.52 23.74 -26.30
N PHE B 52 40.47 22.56 -25.68
CA PHE B 52 41.54 22.09 -24.78
C PHE B 52 42.04 20.66 -25.06
N GLY B 53 41.28 19.89 -25.83
CA GLY B 53 41.66 18.50 -26.09
C GLY B 53 41.24 17.47 -25.05
N GLU B 54 40.59 17.94 -23.98
CA GLU B 54 40.07 17.03 -22.97
C GLU B 54 38.68 17.50 -22.58
N PRO B 55 37.79 16.55 -22.21
CA PRO B 55 36.42 16.85 -21.83
C PRO B 55 36.25 17.54 -20.48
N PHE B 56 37.21 17.36 -19.56
CA PHE B 56 37.16 17.92 -18.18
C PHE B 56 38.51 18.58 -17.80
N PRO B 57 38.74 19.82 -18.27
CA PRO B 57 39.96 20.58 -18.05
C PRO B 57 40.11 20.97 -16.60
N GLU B 58 41.35 21.24 -16.20
CA GLU B 58 41.67 21.81 -14.89
C GLU B 58 40.86 23.09 -14.57
N PRO B 59 40.78 24.07 -15.51
CA PRO B 59 39.95 25.29 -15.34
C PRO B 59 38.48 25.02 -15.00
N THR B 60 37.89 24.01 -15.61
CA THR B 60 36.55 23.57 -15.28
C THR B 60 36.56 22.77 -13.96
N ARG B 61 37.59 21.96 -13.70
CA ARG B 61 37.70 21.25 -12.41
C ARG B 61 37.67 22.23 -11.22
N LYS B 62 38.42 23.32 -11.38
CA LYS B 62 38.56 24.37 -10.38
C LYS B 62 37.27 25.17 -10.18
N GLY B 63 36.65 25.59 -11.29
CA GLY B 63 35.31 26.19 -11.23
C GLY B 63 34.29 25.33 -10.49
N VAL B 64 34.21 24.05 -10.87
CA VAL B 64 33.37 23.09 -10.18
C VAL B 64 33.71 22.99 -8.66
N GLU B 65 34.98 22.79 -8.34
CA GLU B 65 35.37 22.59 -6.94
C GLU B 65 34.98 23.79 -6.07
N GLU B 66 35.00 24.99 -6.68
CA GLU B 66 34.92 26.27 -5.96
C GLU B 66 33.52 26.93 -5.89
N ALA B 67 32.54 26.31 -6.54
CA ALA B 67 31.16 26.79 -6.50
C ALA B 67 30.28 25.93 -5.56
N GLU B 68 29.09 26.40 -5.25
CA GLU B 68 28.22 25.68 -4.31
C GLU B 68 27.34 24.66 -5.05
N ALA B 69 27.30 24.76 -6.37
CA ALA B 69 26.43 23.92 -7.19
C ALA B 69 26.87 23.99 -8.66
N VAL B 70 26.66 22.89 -9.39
CA VAL B 70 26.86 22.89 -10.83
C VAL B 70 25.51 22.79 -11.55
N LEU B 71 25.26 23.72 -12.46
CA LEU B 71 24.14 23.60 -13.42
C LEU B 71 24.69 23.12 -14.75
N LEU B 72 24.24 21.96 -15.19
CA LEU B 72 24.89 21.24 -16.29
C LEU B 72 23.89 20.96 -17.39
N GLY B 73 24.27 21.21 -18.63
CA GLY B 73 23.44 20.87 -19.76
C GLY B 73 23.65 19.40 -20.14
N SER B 74 24.20 19.18 -21.33
CA SER B 74 24.44 17.84 -21.83
C SER B 74 25.64 17.78 -22.78
N VAL B 75 26.22 16.59 -22.90
CA VAL B 75 27.42 16.43 -23.68
C VAL B 75 27.30 15.37 -24.77
N GLY B 76 28.09 15.54 -25.84
CA GLY B 76 28.22 14.53 -26.87
C GLY B 76 27.67 14.89 -28.25
N GLY B 77 28.02 14.10 -29.25
CA GLY B 77 27.48 14.25 -30.58
C GLY B 77 28.37 13.54 -31.57
N PRO B 78 27.92 13.47 -32.83
CA PRO B 78 28.66 12.77 -33.84
C PRO B 78 30.09 13.25 -33.96
N LYS B 79 30.34 14.53 -33.68
CA LYS B 79 31.70 15.08 -33.76
C LYS B 79 32.62 14.41 -32.72
N TRP B 80 32.05 13.86 -31.64
CA TRP B 80 32.91 13.26 -30.60
C TRP B 80 32.71 11.77 -30.24
N ASP B 81 31.50 11.26 -30.48
CA ASP B 81 31.06 10.00 -29.89
C ASP B 81 32.03 8.81 -29.89
N GLY B 82 32.57 8.42 -31.03
CA GLY B 82 33.40 7.22 -30.99
C GLY B 82 34.88 7.36 -30.66
N LEU B 83 35.25 8.39 -29.90
CA LEU B 83 36.66 8.71 -29.66
C LEU B 83 37.30 7.74 -28.65
N PRO B 84 38.64 7.69 -28.61
CA PRO B 84 39.27 6.90 -27.56
C PRO B 84 38.74 7.34 -26.20
N ARG B 85 38.77 6.41 -25.24
CA ARG B 85 38.21 6.55 -23.89
C ARG B 85 38.78 7.69 -23.06
N LYS B 86 40.09 7.81 -22.97
CA LYS B 86 40.70 8.88 -22.19
C LYS B 86 40.04 10.27 -22.44
N ILE B 87 39.37 10.44 -23.59
CA ILE B 87 38.84 11.75 -24.02
C ILE B 87 37.39 11.75 -24.55
N ARG B 88 36.61 10.74 -24.17
CA ARG B 88 35.19 10.63 -24.49
C ARG B 88 34.38 11.69 -23.72
N PRO B 89 33.42 12.35 -24.40
CA PRO B 89 32.42 13.12 -23.63
C PRO B 89 31.95 12.37 -22.35
N GLU B 90 31.61 11.09 -22.50
CA GLU B 90 31.19 10.17 -21.42
C GLU B 90 32.16 10.04 -20.25
N THR B 91 33.44 9.92 -20.56
CA THR B 91 34.51 9.92 -19.57
C THR B 91 34.56 11.22 -18.77
N GLY B 92 34.35 12.35 -19.46
CA GLY B 92 34.25 13.64 -18.83
C GLY B 92 33.18 13.63 -17.77
N LEU B 93 32.01 13.07 -18.08
CA LEU B 93 30.98 12.88 -17.08
C LEU B 93 31.40 12.10 -15.82
N LEU B 94 32.03 10.94 -16.02
CA LEU B 94 32.48 10.09 -14.91
C LEU B 94 33.47 10.84 -14.05
N SER B 95 34.34 11.60 -14.70
CA SER B 95 35.37 12.34 -14.01
C SER B 95 34.75 13.44 -13.15
N LEU B 96 33.73 14.11 -13.68
CA LEU B 96 32.99 15.13 -12.95
C LEU B 96 32.41 14.54 -11.65
N ARG B 97 31.70 13.41 -11.77
CA ARG B 97 31.04 12.73 -10.65
C ARG B 97 31.98 12.14 -9.60
N LYS B 98 33.08 11.54 -10.05
CA LYS B 98 34.08 10.98 -9.15
C LYS B 98 34.84 12.07 -8.43
N SER B 99 35.20 13.14 -9.13
CA SER B 99 35.91 14.24 -8.48
C SER B 99 35.14 14.72 -7.25
N GLN B 100 33.83 14.86 -7.38
CA GLN B 100 33.03 15.41 -6.28
C GLN B 100 32.45 14.35 -5.32
N ASP B 101 32.69 13.10 -5.68
CA ASP B 101 32.13 11.90 -5.08
C ASP B 101 30.63 11.98 -4.93
N LEU B 102 29.95 12.02 -6.05
CA LEU B 102 28.53 12.19 -6.02
C LEU B 102 27.87 10.81 -6.06
N PHE B 103 27.73 10.20 -4.89
CA PHE B 103 27.23 8.82 -4.83
C PHE B 103 25.74 8.66 -5.05
N ALA B 104 24.98 9.73 -5.00
CA ALA B 104 23.53 9.56 -5.08
C ALA B 104 22.94 10.31 -6.28
N ASN B 105 22.39 9.54 -7.23
CA ASN B 105 21.73 10.07 -8.41
C ASN B 105 20.19 10.06 -8.20
N LEU B 106 19.61 11.25 -8.12
CA LEU B 106 18.19 11.42 -7.89
C LEU B 106 17.48 11.71 -9.20
N ARG B 107 16.61 10.81 -9.65
CA ARG B 107 15.90 11.02 -10.91
C ARG B 107 14.38 10.88 -10.80
N PRO B 108 13.67 12.01 -10.78
CA PRO B 108 12.24 11.89 -10.66
C PRO B 108 11.56 11.75 -12.03
N ALA B 109 10.56 10.89 -12.09
CA ALA B 109 9.78 10.73 -13.27
C ALA B 109 8.38 11.05 -12.87
N LYS B 110 7.83 12.07 -13.51
CA LYS B 110 6.50 12.56 -13.19
C LYS B 110 5.64 12.70 -14.45
N VAL B 111 4.40 12.26 -14.35
CA VAL B 111 3.36 12.48 -15.35
C VAL B 111 2.50 13.62 -14.82
N PHE B 112 2.71 14.83 -15.35
CA PHE B 112 1.99 15.99 -14.82
C PHE B 112 0.47 15.85 -15.05
N PRO B 113 -0.35 16.23 -14.03
CA PRO B 113 -1.79 16.33 -14.23
C PRO B 113 -2.16 16.87 -15.61
N GLY B 114 -2.92 16.12 -16.41
CA GLY B 114 -3.27 16.58 -17.74
C GLY B 114 -2.34 16.14 -18.86
N LEU B 115 -1.19 15.58 -18.51
CA LEU B 115 -0.22 15.06 -19.50
C LEU B 115 -0.23 13.51 -19.66
N GLU B 116 -1.25 12.84 -19.07
CA GLU B 116 -1.38 11.37 -19.17
C GLU B 116 -1.43 10.90 -20.61
N ARG B 117 -2.12 11.65 -21.46
CA ARG B 117 -2.21 11.37 -22.90
C ARG B 117 -0.86 11.23 -23.62
N LEU B 118 0.21 11.73 -23.02
CA LEU B 118 1.53 11.72 -23.62
C LEU B 118 2.27 10.41 -23.41
N SER B 119 1.97 9.76 -22.30
CA SER B 119 2.65 8.57 -21.86
C SER B 119 2.56 7.41 -22.86
N PRO B 120 3.62 6.57 -22.91
CA PRO B 120 3.47 5.29 -23.56
C PRO B 120 2.39 4.43 -22.88
N LEU B 121 2.22 4.55 -21.55
CA LEU B 121 1.17 3.81 -20.82
C LEU B 121 -0.23 4.35 -21.03
N LYS B 122 -1.21 3.47 -20.92
CA LYS B 122 -2.61 3.86 -20.94
C LYS B 122 -2.87 4.95 -19.90
N GLU B 123 -3.72 5.91 -20.24
CA GLU B 123 -4.09 6.99 -19.32
C GLU B 123 -4.34 6.53 -17.86
N GLU B 124 -5.19 5.54 -17.67
CA GLU B 124 -5.51 4.96 -16.36
C GLU B 124 -4.31 4.58 -15.46
N ILE B 125 -3.21 4.15 -16.10
CA ILE B 125 -1.98 3.68 -15.43
C ILE B 125 -0.90 4.78 -15.28
N ALA B 126 -0.83 5.70 -16.24
CA ALA B 126 0.07 6.86 -16.16
C ALA B 126 -0.44 7.94 -15.18
N ARG B 127 -1.76 8.00 -14.99
CA ARG B 127 -2.32 8.89 -13.99
C ARG B 127 -1.60 8.84 -12.63
N GLY B 128 -1.10 9.99 -12.20
CA GLY B 128 -0.61 10.15 -10.84
C GLY B 128 0.79 9.65 -10.61
N VAL B 129 1.47 9.21 -11.66
CA VAL B 129 2.85 8.73 -11.54
C VAL B 129 3.79 9.87 -11.07
N ASP B 130 4.62 9.54 -10.09
CA ASP B 130 5.61 10.48 -9.54
C ASP B 130 6.61 9.69 -8.73
N VAL B 131 7.59 9.10 -9.37
CA VAL B 131 8.50 8.17 -8.68
C VAL B 131 9.89 8.73 -8.75
N LEU B 132 10.55 8.86 -7.59
CA LEU B 132 11.96 9.23 -7.51
C LEU B 132 12.89 8.02 -7.37
N ILE B 133 13.68 7.74 -8.41
CA ILE B 133 14.71 6.68 -8.35
C ILE B 133 16.00 7.25 -7.78
N VAL B 134 16.45 6.68 -6.66
CA VAL B 134 17.69 7.07 -6.02
C VAL B 134 18.71 5.99 -6.37
N ARG B 135 19.62 6.33 -7.28
CA ARG B 135 20.63 5.41 -7.81
C ARG B 135 22.01 5.70 -7.23
N GLU B 136 22.68 4.66 -6.73
CA GLU B 136 24.09 4.71 -6.26
C GLU B 136 25.00 4.90 -7.47
N LEU B 137 25.91 5.86 -7.39
CA LEU B 137 26.51 6.36 -8.59
C LEU B 137 28.00 6.10 -8.73
N THR B 138 28.67 5.88 -7.62
CA THR B 138 30.13 5.83 -7.60
C THR B 138 30.68 4.41 -7.41
N GLY B 139 29.80 3.41 -7.30
CA GLY B 139 30.25 2.07 -6.93
C GLY B 139 29.66 0.99 -7.79
N GLY B 140 29.60 -0.22 -7.23
CA GLY B 140 28.92 -1.31 -7.89
C GLY B 140 29.76 -1.90 -9.00
N ILE B 141 29.10 -2.63 -9.90
CA ILE B 141 29.77 -3.37 -10.96
C ILE B 141 30.57 -2.47 -11.90
N TYR B 142 30.11 -1.23 -12.06
CA TYR B 142 30.71 -0.31 -13.01
C TYR B 142 32.13 0.14 -12.63
N PHE B 143 32.47 0.06 -11.34
CA PHE B 143 33.81 0.45 -10.86
C PHE B 143 34.50 -0.64 -10.04
N GLY B 144 33.83 -1.78 -9.88
CA GLY B 144 34.32 -2.83 -9.01
C GLY B 144 35.49 -3.54 -9.65
N GLU B 145 36.39 -4.04 -8.81
CA GLU B 145 37.46 -4.90 -9.27
C GLU B 145 37.33 -6.24 -8.54
N PRO B 146 37.89 -7.35 -9.09
CA PRO B 146 38.66 -7.48 -10.33
C PRO B 146 37.79 -7.24 -11.54
N ARG B 147 38.40 -6.83 -12.65
CA ARG B 147 37.75 -6.67 -13.96
C ARG B 147 38.78 -6.96 -15.06
N GLY B 148 38.35 -7.24 -16.29
CA GLY B 148 39.28 -7.41 -17.40
C GLY B 148 38.81 -8.35 -18.50
N MET B 149 39.57 -8.46 -19.58
CA MET B 149 39.24 -9.44 -20.63
C MET B 149 40.44 -10.03 -21.31
N SER B 150 40.33 -11.32 -21.67
CA SER B 150 41.32 -11.99 -22.47
C SER B 150 40.66 -12.49 -23.76
N GLU B 151 41.40 -13.28 -24.55
CA GLU B 151 40.80 -13.95 -25.69
C GLU B 151 39.72 -14.95 -25.22
N ALA B 152 40.01 -15.68 -24.14
CA ALA B 152 39.11 -16.72 -23.60
C ALA B 152 37.81 -16.26 -22.90
N GLU B 153 37.90 -15.24 -22.04
CA GLU B 153 36.77 -14.84 -21.21
C GLU B 153 36.86 -13.38 -20.81
N ALA B 154 35.83 -12.89 -20.12
CA ALA B 154 35.78 -11.53 -19.59
C ALA B 154 34.98 -11.50 -18.29
N TRP B 155 35.31 -10.60 -17.37
CA TRP B 155 34.67 -10.59 -16.04
C TRP B 155 34.53 -9.16 -15.49
N ASN B 156 33.46 -8.93 -14.76
CA ASN B 156 33.27 -7.70 -13.97
C ASN B 156 32.71 -8.09 -12.60
N THR B 157 32.82 -7.21 -11.62
CA THR B 157 32.50 -7.60 -10.25
C THR B 157 31.48 -6.65 -9.68
N GLU B 158 30.26 -7.15 -9.46
CA GLU B 158 29.26 -6.41 -8.73
C GLU B 158 29.58 -6.55 -7.24
N ARG B 159 29.92 -5.42 -6.60
CA ARG B 159 30.27 -5.40 -5.16
C ARG B 159 29.92 -4.08 -4.46
N TYR B 160 29.40 -4.17 -3.26
CA TYR B 160 29.20 -3.00 -2.42
C TYR B 160 29.75 -3.30 -1.07
N SER B 161 30.22 -2.26 -0.37
CA SER B 161 30.55 -2.33 1.07
C SER B 161 29.49 -1.60 1.95
N LYS B 162 29.54 -1.82 3.26
CA LYS B 162 28.53 -1.29 4.19
C LYS B 162 28.36 0.25 4.20
N PRO B 163 29.45 1.01 4.41
CA PRO B 163 29.31 2.48 4.37
C PRO B 163 28.83 3.06 3.04
N GLU B 164 29.01 2.29 1.95
CA GLU B 164 28.52 2.66 0.61
C GLU B 164 27.03 2.48 0.46
N VAL B 165 26.48 1.36 0.94
CA VAL B 165 25.04 1.12 0.92
C VAL B 165 24.36 2.11 1.88
N GLU B 166 24.91 2.27 3.09
CA GLU B 166 24.38 3.12 4.13
C GLU B 166 24.12 4.56 3.73
N ARG B 167 25.05 5.18 3.00
CA ARG B 167 24.96 6.63 2.71
C ARG B 167 23.96 6.91 1.60
N VAL B 168 23.96 6.08 0.57
CA VAL B 168 22.95 6.20 -0.45
C VAL B 168 21.53 5.87 0.10
N ALA B 169 21.49 5.02 1.14
CA ALA B 169 20.26 4.65 1.81
C ALA B 169 19.70 5.86 2.56
N ARG B 170 20.58 6.54 3.25
CA ARG B 170 20.26 7.67 4.08
C ARG B 170 19.65 8.73 3.20
N VAL B 171 20.25 8.93 2.04
CA VAL B 171 19.77 9.96 1.12
C VAL B 171 18.32 9.67 0.65
N ALA B 172 18.03 8.42 0.36
CA ALA B 172 16.67 8.04 -0.04
C ALA B 172 15.59 8.11 1.07
N PHE B 173 15.94 7.75 2.30
CA PHE B 173 15.06 7.94 3.46
C PHE B 173 14.80 9.44 3.73
N GLU B 174 15.86 10.23 3.75
CA GLU B 174 15.70 11.67 3.85
C GLU B 174 14.83 12.21 2.68
N ALA B 175 15.03 11.72 1.45
CA ALA B 175 14.19 12.16 0.35
C ALA B 175 12.70 11.80 0.57
N ALA B 176 12.44 10.56 0.98
CA ALA B 176 11.07 10.07 1.22
C ALA B 176 10.41 10.83 2.35
N ARG B 177 11.22 11.38 3.23
CA ARG B 177 10.68 12.01 4.41
C ARG B 177 10.02 13.34 4.04
N LYS B 178 10.46 13.90 2.93
CA LYS B 178 9.98 15.16 2.39
C LYS B 178 9.03 14.89 1.20
N ARG B 179 8.29 13.79 1.29
CA ARG B 179 7.45 13.30 0.18
C ARG B 179 6.29 12.46 0.70
N ARG B 180 6.21 11.20 0.29
CA ARG B 180 5.11 10.34 0.67
C ARG B 180 5.52 9.27 1.71
N LYS B 181 6.78 9.32 2.15
CA LYS B 181 7.31 8.44 3.20
C LYS B 181 7.26 6.96 2.89
N HIS B 182 7.51 6.63 1.61
CA HIS B 182 7.56 5.24 1.21
C HIS B 182 8.82 4.96 0.42
N VAL B 183 9.71 4.10 0.94
CA VAL B 183 10.87 3.62 0.14
C VAL B 183 10.78 2.15 -0.37
N VAL B 184 10.92 1.98 -1.68
CA VAL B 184 11.23 0.66 -2.22
C VAL B 184 12.74 0.45 -2.48
N SER B 185 13.34 -0.42 -1.67
CA SER B 185 14.66 -0.91 -1.99
C SER B 185 14.63 -2.08 -2.99
N VAL B 186 15.61 -2.10 -3.89
CA VAL B 186 15.60 -3.06 -4.97
C VAL B 186 16.89 -3.80 -4.96
N ASP B 187 16.80 -5.13 -4.94
CA ASP B 187 18.00 -5.95 -4.98
C ASP B 187 17.80 -7.15 -5.89
N LYS B 188 18.70 -8.12 -5.77
CA LYS B 188 18.52 -9.48 -6.26
C LYS B 188 18.80 -10.47 -5.12
N ALA B 189 18.28 -10.16 -3.93
CA ALA B 189 18.63 -10.91 -2.72
C ALA B 189 18.34 -12.39 -2.83
N ASN B 190 17.44 -12.76 -3.73
CA ASN B 190 17.10 -14.17 -3.87
C ASN B 190 18.11 -15.00 -4.64
N VAL B 191 19.05 -14.38 -5.35
CA VAL B 191 20.06 -15.16 -6.07
C VAL B 191 21.47 -14.75 -5.68
N LEU B 192 21.66 -13.48 -5.35
CA LEU B 192 23.00 -12.94 -5.20
C LEU B 192 23.35 -12.56 -3.79
N GLU B 193 24.58 -12.86 -3.37
CA GLU B 193 25.07 -12.42 -2.07
C GLU B 193 24.95 -10.91 -1.90
N VAL B 194 25.38 -10.16 -2.90
CA VAL B 194 25.29 -8.70 -2.91
C VAL B 194 23.87 -8.18 -2.70
N GLY B 195 22.92 -8.83 -3.33
CA GLY B 195 21.51 -8.48 -3.08
C GLY B 195 21.21 -8.63 -1.61
N GLU B 196 21.62 -9.77 -1.06
CA GLU B 196 21.28 -10.12 0.31
C GLU B 196 21.86 -9.11 1.33
N PHE B 197 23.11 -8.75 1.14
CA PHE B 197 23.81 -7.73 1.91
C PHE B 197 23.19 -6.33 1.77
N TRP B 198 22.90 -5.91 0.53
CA TRP B 198 22.16 -4.68 0.24
C TRP B 198 20.89 -4.60 1.09
N ARG B 199 20.07 -5.65 1.00
CA ARG B 199 18.80 -5.73 1.71
C ARG B 199 18.92 -5.62 3.22
N LYS B 200 19.82 -6.40 3.82
CA LYS B 200 20.00 -6.39 5.25
C LYS B 200 20.52 -5.05 5.75
N THR B 201 21.28 -4.38 4.91
CA THR B 201 21.87 -3.11 5.32
C THR B 201 20.84 -1.94 5.23
N VAL B 202 20.08 -1.90 4.15
CA VAL B 202 18.97 -0.97 4.05
C VAL B 202 17.98 -1.13 5.24
N GLU B 203 17.68 -2.36 5.66
CA GLU B 203 16.77 -2.61 6.78
C GLU B 203 17.39 -1.98 8.02
N GLU B 204 18.69 -2.18 8.20
CA GLU B 204 19.39 -1.56 9.30
C GLU B 204 19.27 -0.05 9.29
N VAL B 205 19.34 0.57 8.13
CA VAL B 205 19.21 2.04 8.05
C VAL B 205 17.73 2.43 8.27
N GLY B 206 16.82 1.67 7.66
CA GLY B 206 15.35 1.83 7.84
C GLY B 206 14.83 2.01 9.27
N ARG B 207 15.48 1.38 10.23
CA ARG B 207 15.16 1.51 11.65
C ARG B 207 15.37 2.92 12.19
N GLY B 208 16.13 3.74 11.49
CA GLY B 208 16.30 5.13 11.90
C GLY B 208 15.17 6.03 11.44
N TYR B 209 14.27 5.48 10.60
CA TYR B 209 13.16 6.25 10.01
C TYR B 209 11.81 5.55 10.21
N PRO B 210 11.34 5.45 11.46
CA PRO B 210 10.10 4.72 11.71
C PRO B 210 8.87 5.26 10.95
N ASP B 211 8.80 6.59 10.79
CA ASP B 211 7.76 7.25 9.99
C ASP B 211 7.80 6.86 8.48
N VAL B 212 8.85 6.18 8.06
CA VAL B 212 8.99 5.83 6.63
C VAL B 212 8.77 4.32 6.40
N ALA B 213 7.86 3.96 5.48
CA ALA B 213 7.57 2.53 5.24
C ALA B 213 8.57 2.02 4.28
N LEU B 214 9.15 0.88 4.61
CA LEU B 214 10.20 0.28 3.79
C LEU B 214 9.85 -1.11 3.26
N GLU B 215 10.00 -1.27 1.94
CA GLU B 215 9.63 -2.48 1.23
C GLU B 215 10.76 -2.87 0.31
N HIS B 216 10.92 -4.17 0.06
CA HIS B 216 11.99 -4.70 -0.78
C HIS B 216 11.41 -5.39 -2.02
N GLN B 217 11.99 -5.12 -3.18
CA GLN B 217 11.59 -5.76 -4.45
C GLN B 217 12.81 -6.23 -5.27
N TYR B 218 12.70 -7.37 -5.93
CA TYR B 218 13.78 -7.75 -6.85
C TYR B 218 13.73 -6.91 -8.14
N VAL B 219 14.90 -6.65 -8.70
CA VAL B 219 15.05 -5.83 -9.90
C VAL B 219 14.18 -6.30 -11.07
N ASP B 220 14.12 -7.61 -11.31
CA ASP B 220 13.33 -8.16 -12.42
C ASP B 220 11.88 -7.91 -12.20
N ALA B 221 11.46 -8.04 -10.95
CA ALA B 221 10.08 -7.76 -10.55
C ALA B 221 9.82 -6.26 -10.62
N MET B 222 10.76 -5.46 -10.12
CA MET B 222 10.57 -4.01 -10.16
C MET B 222 10.24 -3.61 -11.59
N ALA B 223 10.98 -4.18 -12.52
CA ALA B 223 10.88 -3.83 -13.90
C ALA B 223 9.49 -4.13 -14.43
N MET B 224 8.86 -5.21 -13.95
CA MET B 224 7.47 -5.44 -14.29
C MET B 224 6.58 -4.39 -13.63
N HIS B 225 6.86 -4.07 -12.36
CA HIS B 225 5.97 -3.21 -11.59
C HIS B 225 5.97 -1.78 -12.12
N LEU B 226 7.10 -1.33 -12.68
CA LEU B 226 7.19 0.06 -13.16
C LEU B 226 6.42 0.30 -14.45
N VAL B 227 5.97 -0.78 -15.10
CA VAL B 227 5.13 -0.68 -16.28
C VAL B 227 3.66 -0.90 -15.97
N ARG B 228 3.34 -1.83 -15.06
CA ARG B 228 1.95 -2.19 -14.75
C ARG B 228 1.27 -1.27 -13.72
N SER B 229 2.06 -0.77 -12.75
CA SER B 229 1.54 0.00 -11.64
C SER B 229 2.59 1.04 -11.15
N PRO B 230 3.19 1.81 -12.08
CA PRO B 230 4.23 2.70 -11.59
C PRO B 230 3.77 3.77 -10.56
N ALA B 231 2.48 4.08 -10.52
CA ALA B 231 1.97 5.15 -9.68
C ALA B 231 1.91 4.76 -8.22
N ARG B 232 2.30 3.52 -7.92
CA ARG B 232 2.19 2.94 -6.59
C ARG B 232 3.46 3.35 -5.82
N PHE B 233 4.46 3.84 -6.56
CA PHE B 233 5.79 4.09 -5.95
C PHE B 233 6.07 5.54 -5.61
N ASP B 234 6.81 5.70 -4.51
CA ASP B 234 7.23 6.99 -4.10
C ASP B 234 8.74 7.10 -4.34
N VAL B 235 9.55 6.60 -3.40
CA VAL B 235 11.00 6.60 -3.59
C VAL B 235 11.47 5.18 -3.86
N VAL B 236 12.38 5.02 -4.83
CA VAL B 236 13.07 3.75 -5.10
C VAL B 236 14.59 3.92 -4.96
N VAL B 237 15.22 3.05 -4.17
CA VAL B 237 16.68 3.10 -4.01
C VAL B 237 17.37 1.80 -4.44
N THR B 238 18.49 1.92 -5.15
CA THR B 238 19.15 0.74 -5.69
C THR B 238 20.60 1.01 -6.14
N GLY B 239 21.31 -0.06 -6.50
CA GLY B 239 22.69 0.06 -6.86
C GLY B 239 22.87 0.71 -8.23
N ASN B 240 24.11 0.71 -8.70
CA ASN B 240 24.49 1.46 -9.88
C ASN B 240 23.87 0.90 -11.19
N ILE B 241 24.09 -0.38 -11.48
CA ILE B 241 23.55 -0.96 -12.69
C ILE B 241 22.02 -1.08 -12.69
N PHE B 242 21.44 -1.54 -11.59
CA PHE B 242 19.97 -1.63 -11.51
C PHE B 242 19.32 -0.26 -11.54
N GLY B 243 20.01 0.71 -10.95
CA GLY B 243 19.54 2.09 -10.95
C GLY B 243 19.61 2.69 -12.33
N ASP B 244 20.73 2.48 -13.01
CA ASP B 244 20.86 2.90 -14.42
C ASP B 244 19.66 2.34 -15.23
N ILE B 245 19.41 1.04 -15.12
CA ILE B 245 18.30 0.39 -15.86
C ILE B 245 16.89 0.87 -15.53
N LEU B 246 16.56 0.92 -14.25
CA LEU B 246 15.21 1.21 -13.80
C LEU B 246 14.88 2.69 -13.95
N SER B 247 15.88 3.55 -13.77
CA SER B 247 15.63 4.98 -13.86
C SER B 247 15.51 5.34 -15.30
N ASP B 248 16.30 4.69 -16.14
CA ASP B 248 16.11 4.87 -17.56
C ASP B 248 14.71 4.41 -18.03
N LEU B 249 14.19 3.33 -17.43
CA LEU B 249 12.88 2.80 -17.79
C LEU B 249 11.81 3.83 -17.41
N ALA B 250 11.91 4.32 -16.19
CA ALA B 250 11.01 5.32 -15.64
C ALA B 250 11.10 6.63 -16.45
N SER B 251 12.28 6.93 -16.98
CA SER B 251 12.42 8.18 -17.73
C SER B 251 11.56 8.23 -19.00
N VAL B 252 11.19 7.07 -19.56
CA VAL B 252 10.33 7.09 -20.77
C VAL B 252 8.84 7.15 -20.48
N LEU B 253 8.41 7.13 -19.20
CA LEU B 253 6.97 7.04 -18.86
C LEU B 253 6.23 8.35 -19.09
N PRO B 254 6.89 9.49 -18.79
CA PRO B 254 6.24 10.75 -19.03
C PRO B 254 5.92 11.01 -20.48
N GLY B 255 6.77 10.54 -21.40
CA GLY B 255 6.44 10.58 -22.80
C GLY B 255 7.22 11.55 -23.65
N SER B 256 8.12 12.31 -23.02
CA SER B 256 9.10 13.13 -23.71
C SER B 256 10.29 13.36 -22.80
N LEU B 257 11.47 12.94 -23.26
CA LEU B 257 12.71 13.16 -22.50
C LEU B 257 13.00 14.63 -22.18
N GLY B 258 12.23 15.56 -22.75
CA GLY B 258 12.33 16.98 -22.44
C GLY B 258 11.94 17.37 -21.03
N LEU B 259 11.32 16.45 -20.30
CA LEU B 259 10.65 16.75 -19.03
C LEU B 259 11.35 16.18 -17.77
N LEU B 260 12.54 15.60 -17.91
CA LEU B 260 13.12 14.87 -16.80
C LEU B 260 14.41 15.46 -16.23
N PRO B 261 14.31 16.07 -15.05
CA PRO B 261 15.46 16.65 -14.43
C PRO B 261 16.24 15.61 -13.58
N SER B 262 17.41 15.98 -13.08
CA SER B 262 18.12 15.13 -12.14
C SER B 262 19.14 15.90 -11.35
N ALA B 263 19.47 15.34 -10.17
CA ALA B 263 20.45 15.88 -9.24
C ALA B 263 21.43 14.74 -8.95
N SER B 264 22.71 15.07 -8.78
CA SER B 264 23.67 14.13 -8.26
C SER B 264 24.35 14.75 -7.06
N LEU B 265 24.27 14.08 -5.93
CA LEU B 265 24.65 14.65 -4.65
C LEU B 265 25.65 13.74 -3.95
N GLY B 266 26.60 14.33 -3.24
CA GLY B 266 27.65 13.55 -2.58
C GLY B 266 28.44 14.36 -1.59
N ARG B 267 29.77 14.22 -1.62
CA ARG B 267 30.67 14.91 -0.70
C ARG B 267 31.08 16.28 -1.22
N GLY B 268 31.27 16.40 -2.54
CA GLY B 268 31.74 17.63 -3.16
C GLY B 268 30.61 18.51 -3.64
N THR B 269 30.81 19.17 -4.78
CA THR B 269 29.81 20.06 -5.41
C THR B 269 28.68 19.31 -6.18
N PRO B 270 27.42 19.51 -5.75
CA PRO B 270 26.31 18.80 -6.39
C PRO B 270 26.12 19.23 -7.83
N VAL B 271 25.68 18.29 -8.67
CA VAL B 271 25.56 18.53 -10.11
C VAL B 271 24.11 18.43 -10.56
N PHE B 272 23.62 19.43 -11.29
CA PHE B 272 22.20 19.40 -11.73
C PHE B 272 22.10 19.44 -13.22
N GLU B 273 21.31 18.51 -13.75
CA GLU B 273 21.34 18.25 -15.17
C GLU B 273 20.07 17.56 -15.69
N PRO B 274 19.63 17.97 -16.89
CA PRO B 274 18.54 17.29 -17.58
C PRO B 274 18.97 15.86 -17.82
N VAL B 275 18.00 14.97 -17.99
CA VAL B 275 18.28 13.59 -18.28
C VAL B 275 18.56 13.32 -19.77
N HIS B 276 18.00 14.15 -20.65
CA HIS B 276 18.16 13.97 -22.07
C HIS B 276 19.62 14.20 -22.51
N GLY B 277 19.94 13.74 -23.73
CA GLY B 277 21.23 13.94 -24.36
C GLY B 277 21.33 15.29 -25.06
N SER B 278 22.25 15.38 -26.00
CA SER B 278 22.51 16.66 -26.64
C SER B 278 21.58 16.97 -27.81
N ALA B 279 20.68 16.03 -28.11
CA ALA B 279 19.66 16.13 -29.16
C ALA B 279 20.14 16.84 -30.42
N PRO B 280 21.16 16.28 -31.08
CA PRO B 280 21.71 17.01 -32.22
C PRO B 280 20.75 17.14 -33.41
N ASP B 281 19.71 16.30 -33.46
CA ASP B 281 18.67 16.35 -34.52
C ASP B 281 17.94 17.70 -34.56
N ILE B 282 17.93 18.39 -33.42
CA ILE B 282 17.17 19.63 -33.29
C ILE B 282 17.98 20.81 -32.82
N ALA B 283 19.29 20.64 -32.68
CA ALA B 283 20.14 21.66 -32.05
C ALA B 283 20.27 22.88 -32.93
N GLY B 284 20.28 24.06 -32.33
CA GLY B 284 20.30 25.31 -33.12
C GLY B 284 19.06 25.57 -34.00
N LYS B 285 17.93 24.93 -33.67
CA LYS B 285 16.66 25.10 -34.37
C LYS B 285 15.67 25.89 -33.51
N GLY B 286 16.03 26.13 -32.25
CA GLY B 286 15.25 26.99 -31.33
C GLY B 286 13.94 26.39 -30.80
N ILE B 287 13.86 25.07 -30.87
CA ILE B 287 12.65 24.35 -30.45
C ILE B 287 12.77 23.45 -29.22
N ALA B 288 14.00 23.17 -28.77
CA ALA B 288 14.22 22.32 -27.58
C ALA B 288 13.29 22.70 -26.45
N ASN B 289 12.73 21.71 -25.80
CA ASN B 289 11.95 21.92 -24.59
C ASN B 289 12.87 22.21 -23.41
N PRO B 290 12.73 23.38 -22.77
CA PRO B 290 13.62 23.69 -21.65
C PRO B 290 13.17 23.20 -20.28
N THR B 291 12.10 22.42 -20.24
CA THR B 291 11.59 21.89 -18.97
C THR B 291 12.62 21.12 -18.12
N ALA B 292 13.34 20.17 -18.71
CA ALA B 292 14.21 19.34 -17.89
C ALA B 292 15.28 20.21 -17.24
N ALA B 293 15.79 21.17 -18.03
CA ALA B 293 16.77 22.16 -17.53
C ALA B 293 16.18 23.09 -16.45
N ILE B 294 15.00 23.66 -16.71
CA ILE B 294 14.33 24.48 -15.69
C ILE B 294 14.02 23.70 -14.40
N LEU B 295 13.47 22.50 -14.51
CA LEU B 295 13.25 21.68 -13.34
C LEU B 295 14.54 21.31 -12.60
N SER B 296 15.62 21.13 -13.33
CA SER B 296 16.93 20.84 -12.74
C SER B 296 17.44 21.99 -11.88
N ALA B 297 17.25 23.21 -12.36
CA ALA B 297 17.57 24.43 -11.62
C ALA B 297 16.71 24.57 -10.36
N ALA B 298 15.47 24.06 -10.43
CA ALA B 298 14.60 23.98 -9.27
C ALA B 298 15.07 22.92 -8.28
N MET B 299 15.49 21.75 -8.75
CA MET B 299 16.16 20.79 -7.87
C MET B 299 17.38 21.42 -7.22
N MET B 300 18.10 22.22 -8.01
CA MET B 300 19.26 22.91 -7.49
C MET B 300 18.87 23.76 -6.29
N LEU B 301 17.79 24.53 -6.42
CA LEU B 301 17.39 25.46 -5.37
C LEU B 301 17.01 24.73 -4.09
N GLU B 302 16.36 23.57 -4.20
CA GLU B 302 16.04 22.88 -2.96
C GLU B 302 17.24 22.14 -2.35
N HIS B 303 17.95 21.34 -3.14
CA HIS B 303 18.98 20.48 -2.56
C HIS B 303 20.30 21.23 -2.32
N ALA B 304 20.70 22.15 -3.19
CA ALA B 304 21.93 22.93 -2.89
C ALA B 304 21.73 24.11 -1.94
N PHE B 305 20.55 24.73 -1.98
CA PHE B 305 20.35 25.98 -1.23
C PHE B 305 19.21 26.04 -0.21
N GLY B 306 18.47 24.95 -0.07
CA GLY B 306 17.36 24.93 0.89
C GLY B 306 16.22 25.88 0.55
N LEU B 307 16.05 26.20 -0.73
CA LEU B 307 14.95 27.04 -1.15
C LEU B 307 13.83 26.18 -1.75
N VAL B 308 13.21 25.39 -0.87
CA VAL B 308 12.16 24.44 -1.25
C VAL B 308 10.92 25.15 -1.78
N GLU B 309 10.49 26.22 -1.10
CA GLU B 309 9.25 26.86 -1.49
C GLU B 309 9.43 27.53 -2.87
N LEU B 310 10.62 28.07 -3.14
CA LEU B 310 10.97 28.56 -4.50
C LEU B 310 10.91 27.46 -5.56
N ALA B 311 11.64 26.37 -5.30
CA ALA B 311 11.63 25.19 -6.15
C ALA B 311 10.21 24.71 -6.49
N ARG B 312 9.32 24.65 -5.49
CA ARG B 312 7.91 24.25 -5.77
C ARG B 312 7.16 25.30 -6.60
N LYS B 313 7.44 26.58 -6.40
CA LYS B 313 6.86 27.63 -7.25
C LYS B 313 7.27 27.45 -8.71
N VAL B 314 8.54 27.20 -8.96
CA VAL B 314 9.05 26.97 -10.30
C VAL B 314 8.32 25.81 -10.97
N GLU B 315 8.17 24.70 -10.24
CA GLU B 315 7.43 23.53 -10.73
C GLU B 315 5.98 23.86 -11.00
N ASP B 316 5.37 24.75 -10.22
CA ASP B 316 4.03 25.28 -10.53
C ASP B 316 3.98 25.99 -11.88
N ALA B 317 4.86 26.95 -12.07
CA ALA B 317 4.83 27.70 -13.32
C ALA B 317 5.13 26.80 -14.53
N VAL B 318 5.97 25.78 -14.36
CA VAL B 318 6.26 24.90 -15.46
C VAL B 318 5.02 24.06 -15.82
N ALA B 319 4.46 23.40 -14.82
CA ALA B 319 3.30 22.54 -15.03
C ALA B 319 2.22 23.31 -15.76
N LYS B 320 1.90 24.54 -15.33
CA LYS B 320 0.87 25.33 -16.00
C LYS B 320 1.22 25.68 -17.46
N ALA B 321 2.49 26.03 -17.70
CA ALA B 321 2.93 26.39 -19.04
C ALA B 321 2.83 25.20 -19.99
N LEU B 322 3.15 24.02 -19.48
CA LEU B 322 3.02 22.82 -20.29
C LEU B 322 1.63 22.67 -20.88
N LEU B 323 0.62 23.06 -20.09
CA LEU B 323 -0.74 22.84 -20.51
C LEU B 323 -1.14 23.93 -21.45
N GLU B 324 -0.72 25.16 -21.16
CA GLU B 324 -1.27 26.29 -21.87
C GLU B 324 -0.63 26.50 -23.24
N THR B 325 0.68 26.33 -23.32
CA THR B 325 1.41 26.60 -24.57
C THR B 325 2.45 25.51 -24.78
N PRO B 326 2.01 24.27 -25.10
CA PRO B 326 2.95 23.15 -25.14
C PRO B 326 4.04 23.30 -26.24
N PRO B 327 5.28 22.83 -25.95
CA PRO B 327 6.37 22.78 -26.95
C PRO B 327 6.08 21.70 -27.98
N PRO B 328 6.82 21.71 -29.12
CA PRO B 328 6.56 20.74 -30.20
C PRO B 328 6.60 19.27 -29.80
N ASP B 329 7.43 18.92 -28.83
CA ASP B 329 7.57 17.52 -28.43
C ASP B 329 6.33 17.05 -27.65
N LEU B 330 5.46 18.02 -27.33
CA LEU B 330 4.16 17.72 -26.72
C LEU B 330 2.98 17.90 -27.70
N GLY B 331 3.27 18.22 -28.96
CA GLY B 331 2.25 18.41 -29.98
C GLY B 331 1.88 19.86 -30.15
N GLY B 332 2.57 20.74 -29.43
CA GLY B 332 2.33 22.19 -29.57
C GLY B 332 3.27 22.89 -30.52
N SER B 333 3.32 24.21 -30.45
CA SER B 333 4.20 25.00 -31.31
C SER B 333 5.20 25.94 -30.58
N ALA B 334 5.42 25.77 -29.28
CA ALA B 334 6.12 26.80 -28.49
C ALA B 334 7.63 26.59 -28.48
N GLY B 335 8.35 27.53 -29.08
CA GLY B 335 9.80 27.45 -29.11
C GLY B 335 10.36 27.73 -27.74
N THR B 336 11.65 27.38 -27.57
CA THR B 336 12.37 27.48 -26.29
C THR B 336 12.14 28.82 -25.59
N GLU B 337 12.42 29.92 -26.27
CA GLU B 337 12.21 31.24 -25.72
C GLU B 337 10.75 31.55 -25.47
N ALA B 338 9.89 31.20 -26.42
CA ALA B 338 8.49 31.50 -26.26
C ALA B 338 7.96 30.79 -25.00
N PHE B 339 8.39 29.54 -24.82
CA PHE B 339 8.02 28.73 -23.63
C PHE B 339 8.59 29.26 -22.32
N THR B 340 9.81 29.76 -22.37
CA THR B 340 10.46 30.27 -21.18
C THR B 340 9.67 31.48 -20.69
N ALA B 341 9.16 32.29 -21.62
CA ALA B 341 8.41 33.51 -21.28
C ALA B 341 7.08 33.17 -20.60
N THR B 342 6.41 32.15 -21.12
CA THR B 342 5.18 31.67 -20.53
C THR B 342 5.41 31.24 -19.09
N VAL B 343 6.50 30.49 -18.85
CA VAL B 343 6.86 30.11 -17.47
C VAL B 343 7.07 31.35 -16.60
N LEU B 344 7.85 32.32 -17.09
CA LEU B 344 8.14 33.53 -16.32
C LEU B 344 6.91 34.34 -16.00
N ARG B 345 5.86 34.22 -16.83
CA ARG B 345 4.63 34.98 -16.64
C ARG B 345 3.74 34.35 -15.58
N HIS B 346 3.70 33.03 -15.54
CA HIS B 346 3.02 32.30 -14.48
C HIS B 346 3.73 32.43 -13.13
N LEU B 347 5.05 32.62 -13.18
CA LEU B 347 5.87 32.89 -11.99
C LEU B 347 5.55 34.23 -11.39
N ALA B 348 5.50 35.25 -12.24
CA ALA B 348 5.12 36.61 -11.82
C ALA B 348 3.68 36.67 -11.29
N ALA B 349 2.77 36.00 -11.98
CA ALA B 349 1.33 36.02 -11.66
C ALA B 349 0.98 35.33 -10.34
N ALA B 350 1.57 34.17 -10.09
CA ALA B 350 1.35 33.41 -8.85
C ALA B 350 1.98 34.09 -7.63
N ALA B 351 2.99 34.93 -7.88
CA ALA B 351 3.77 35.58 -6.83
C ALA B 351 3.20 36.94 -6.42
N LEU B 352 2.55 37.62 -7.37
CA LEU B 352 1.89 38.88 -7.06
C LEU B 352 0.45 38.67 -6.54
N GLU B 353 0.23 37.51 -5.90
CA GLU B 353 -1.03 37.18 -5.22
C GLU B 353 -0.87 37.23 -3.70
N SER C 3 0.14 40.87 6.45
CA SER C 3 1.00 39.83 5.81
C SER C 3 0.95 38.54 6.65
N MET C 4 0.90 38.67 7.98
CA MET C 4 0.50 37.53 8.86
C MET C 4 -0.23 37.93 10.16
N LYS C 5 -1.52 38.24 10.00
CA LYS C 5 -2.34 38.83 11.06
C LYS C 5 -3.11 37.80 11.83
N VAL C 6 -2.90 37.77 13.14
CA VAL C 6 -3.33 36.68 13.95
C VAL C 6 -4.10 37.15 15.19
N ALA C 7 -5.24 36.51 15.45
CA ALA C 7 -5.96 36.85 16.66
C ALA C 7 -5.67 35.75 17.67
N VAL C 8 -5.11 36.14 18.81
CA VAL C 8 -4.64 35.23 19.82
C VAL C 8 -5.58 35.32 21.02
N LEU C 9 -6.19 34.19 21.33
CA LEU C 9 -7.23 34.07 22.35
C LEU C 9 -6.81 33.01 23.33
N PRO C 10 -5.89 33.33 24.26
CA PRO C 10 -5.29 32.29 25.10
C PRO C 10 -6.26 31.67 26.11
N GLY C 11 -7.13 32.48 26.69
CA GLY C 11 -8.19 31.93 27.56
C GLY C 11 -7.74 31.66 28.99
N ASP C 12 -8.04 30.46 29.49
CA ASP C 12 -7.94 30.12 30.91
C ASP C 12 -6.91 29.06 31.27
N GLY C 13 -6.61 28.96 32.56
CA GLY C 13 -5.81 27.87 33.07
C GLY C 13 -4.40 27.90 32.52
N ILE C 14 -4.01 26.81 31.87
CA ILE C 14 -2.71 26.70 31.22
C ILE C 14 -2.74 27.34 29.84
N GLY C 15 -3.91 27.81 29.39
CA GLY C 15 -4.03 28.48 28.09
C GLY C 15 -2.96 29.53 27.81
N PRO C 16 -2.84 30.58 28.66
CA PRO C 16 -1.79 31.56 28.39
C PRO C 16 -0.38 30.94 28.31
N GLU C 17 -0.02 30.11 29.31
CA GLU C 17 1.28 29.43 29.35
C GLU C 17 1.65 28.86 27.97
N VAL C 18 0.85 27.91 27.46
CA VAL C 18 1.14 27.23 26.21
C VAL C 18 1.04 28.17 24.98
N THR C 19 0.06 29.07 24.99
CA THR C 19 -0.07 30.07 23.95
C THR C 19 1.17 30.95 23.91
N GLU C 20 1.69 31.36 25.06
CA GLU C 20 2.90 32.19 25.08
C GLU C 20 4.09 31.40 24.48
N ALA C 21 4.20 30.11 24.79
CA ALA C 21 5.23 29.26 24.21
C ALA C 21 5.15 29.22 22.67
N ALA C 22 3.98 28.94 22.12
CA ALA C 22 3.68 29.10 20.70
C ALA C 22 4.10 30.44 20.13
N LEU C 23 3.78 31.54 20.82
CA LEU C 23 4.18 32.89 20.37
C LEU C 23 5.72 33.09 20.29
N LYS C 24 6.45 32.54 21.27
CA LYS C 24 7.90 32.59 21.20
C LYS C 24 8.44 31.96 19.92
N VAL C 25 7.76 30.91 19.46
CA VAL C 25 8.13 30.24 18.25
C VAL C 25 7.85 31.15 17.06
N LEU C 26 6.65 31.74 17.03
CA LEU C 26 6.26 32.64 15.95
C LEU C 26 7.17 33.86 15.87
N ARG C 27 7.54 34.40 17.02
CA ARG C 27 8.38 35.57 17.03
C ARG C 27 9.77 35.20 16.52
N ALA C 28 10.30 34.04 16.90
CA ALA C 28 11.62 33.65 16.36
C ALA C 28 11.59 33.46 14.83
N LEU C 29 10.48 32.95 14.31
CA LEU C 29 10.30 32.76 12.88
C LEU C 29 10.11 34.06 12.11
N ASP C 30 9.30 34.95 12.65
CA ASP C 30 9.14 36.29 12.09
C ASP C 30 10.50 36.93 11.89
N GLU C 31 11.32 36.92 12.96
CA GLU C 31 12.61 37.58 12.96
C GLU C 31 13.55 36.96 11.93
N ALA C 32 13.48 35.63 11.81
CA ALA C 32 14.39 34.88 10.94
C ALA C 32 13.97 34.86 9.47
N GLU C 33 12.67 34.82 9.21
CA GLU C 33 12.19 34.66 7.84
C GLU C 33 11.42 35.88 7.28
N GLY C 34 11.33 36.98 8.06
CA GLY C 34 10.48 38.13 7.72
C GLY C 34 9.04 37.79 7.29
N LEU C 35 8.23 37.30 8.22
CA LEU C 35 6.84 36.98 7.95
C LEU C 35 5.88 38.17 8.03
N GLY C 36 6.38 39.29 8.59
CA GLY C 36 5.56 40.44 8.95
C GLY C 36 4.39 40.02 9.85
N LEU C 37 4.71 39.26 10.91
CA LEU C 37 3.72 38.86 11.92
C LEU C 37 3.08 40.09 12.57
N ALA C 38 1.79 40.01 12.87
CA ALA C 38 1.05 41.07 13.56
C ALA C 38 -0.05 40.46 14.41
N TYR C 39 0.25 40.19 15.68
CA TYR C 39 -0.71 39.51 16.50
C TYR C 39 -1.32 40.42 17.57
N GLU C 40 -2.48 40.03 18.07
CA GLU C 40 -3.07 40.68 19.24
C GLU C 40 -3.74 39.64 20.12
N VAL C 41 -3.42 39.71 21.41
CA VAL C 41 -3.98 38.87 22.43
C VAL C 41 -5.32 39.44 22.93
N PHE C 42 -6.41 38.67 22.71
CA PHE C 42 -7.79 39.05 23.11
C PHE C 42 -8.37 38.22 24.29
N PRO C 43 -9.20 38.86 25.14
CA PRO C 43 -9.93 38.15 26.19
C PRO C 43 -10.93 37.18 25.59
N PHE C 44 -10.89 35.91 26.04
CA PHE C 44 -11.82 34.88 25.60
C PHE C 44 -12.12 33.87 26.73
N GLY C 45 -13.35 33.38 26.82
CA GLY C 45 -13.79 32.44 27.87
C GLY C 45 -13.88 33.03 29.28
N GLY C 46 -13.32 32.30 30.23
CA GLY C 46 -13.22 32.75 31.63
C GLY C 46 -12.75 34.18 31.81
N ALA C 47 -11.67 34.50 31.10
CA ALA C 47 -11.02 35.84 31.15
C ALA C 47 -11.99 36.87 30.59
N ALA C 48 -12.71 36.48 29.53
CA ALA C 48 -13.77 37.33 28.95
C ALA C 48 -14.97 37.54 29.87
N ILE C 49 -15.47 36.47 30.48
CA ILE C 49 -16.58 36.59 31.44
C ILE C 49 -16.14 37.50 32.59
N ASP C 50 -14.92 37.28 33.07
CA ASP C 50 -14.41 38.09 34.19
C ASP C 50 -14.33 39.59 33.89
N ALA C 51 -14.10 39.97 32.64
CA ALA C 51 -13.93 41.39 32.30
C ALA C 51 -15.15 42.02 31.60
N PHE C 52 -15.95 41.22 30.89
CA PHE C 52 -17.08 41.75 30.11
C PHE C 52 -18.41 41.12 30.49
N GLY C 53 -18.38 40.08 31.32
CA GLY C 53 -19.58 39.32 31.70
C GLY C 53 -20.11 38.38 30.63
N GLU C 54 -19.38 38.23 29.54
CA GLU C 54 -19.72 37.23 28.54
C GLU C 54 -18.42 36.60 28.07
N PRO C 55 -18.47 35.38 27.51
CA PRO C 55 -17.29 34.66 27.02
C PRO C 55 -16.68 35.12 25.70
N PHE C 56 -17.44 35.79 24.84
CA PHE C 56 -16.99 36.11 23.47
C PHE C 56 -17.37 37.55 23.19
N PRO C 57 -16.64 38.49 23.80
CA PRO C 57 -17.08 39.88 23.72
C PRO C 57 -16.75 40.59 22.41
N GLU C 58 -17.43 41.72 22.17
CA GLU C 58 -17.25 42.59 20.99
C GLU C 58 -15.82 42.81 20.48
N PRO C 59 -14.90 43.25 21.35
CA PRO C 59 -13.56 43.47 20.82
C PRO C 59 -12.89 42.20 20.32
N THR C 60 -13.16 41.07 20.98
CA THR C 60 -12.68 39.76 20.52
C THR C 60 -13.35 39.32 19.22
N ARG C 61 -14.63 39.65 18.99
CA ARG C 61 -15.33 39.24 17.77
C ARG C 61 -14.81 40.03 16.59
N LYS C 62 -14.59 41.32 16.80
CA LYS C 62 -13.90 42.15 15.82
C LYS C 62 -12.49 41.64 15.50
N GLY C 63 -11.68 41.34 16.52
CA GLY C 63 -10.30 40.88 16.33
C GLY C 63 -10.20 39.62 15.46
N VAL C 64 -11.17 38.74 15.66
CA VAL C 64 -11.23 37.43 15.03
C VAL C 64 -11.73 37.60 13.57
N GLU C 65 -12.77 38.41 13.44
CA GLU C 65 -13.25 38.91 12.16
C GLU C 65 -12.07 39.39 11.26
N GLU C 66 -11.31 40.37 11.72
CA GLU C 66 -10.27 40.98 10.90
C GLU C 66 -8.92 40.24 10.74
N ALA C 67 -8.66 39.20 11.51
CA ALA C 67 -7.44 38.45 11.37
C ALA C 67 -7.53 37.41 10.23
N GLU C 68 -6.40 36.83 9.85
CA GLU C 68 -6.42 35.74 8.89
C GLU C 68 -6.31 34.41 9.60
N ALA C 69 -6.09 34.43 10.92
CA ALA C 69 -6.07 33.21 11.72
C ALA C 69 -6.29 33.49 13.21
N VAL C 70 -6.79 32.46 13.90
CA VAL C 70 -6.99 32.52 15.32
C VAL C 70 -6.08 31.48 15.90
N LEU C 71 -5.16 31.93 16.75
CA LEU C 71 -4.43 30.99 17.60
C LEU C 71 -5.10 31.01 18.97
N LEU C 72 -5.81 29.92 19.23
CA LEU C 72 -6.67 29.87 20.40
C LEU C 72 -5.95 28.98 21.41
N GLY C 73 -6.07 29.28 22.71
CA GLY C 73 -5.51 28.44 23.77
C GLY C 73 -6.52 27.43 24.32
N SER C 74 -6.97 27.66 25.54
CA SER C 74 -7.93 26.77 26.16
C SER C 74 -8.89 27.53 27.05
N VAL C 75 -10.09 26.98 27.18
CA VAL C 75 -11.17 27.68 27.84
C VAL C 75 -11.92 26.79 28.86
N GLY C 76 -12.37 27.40 29.97
CA GLY C 76 -13.15 26.67 30.96
C GLY C 76 -12.46 26.48 32.31
N GLY C 77 -13.23 26.08 33.32
CA GLY C 77 -12.69 25.79 34.62
C GLY C 77 -13.70 25.89 35.73
N PRO C 78 -13.32 25.45 36.93
CA PRO C 78 -14.29 25.37 38.01
C PRO C 78 -14.95 26.72 38.33
N LYS C 79 -14.28 27.84 38.03
CA LYS C 79 -14.89 29.14 38.32
C LYS C 79 -16.00 29.53 37.30
N TRP C 80 -15.98 28.92 36.12
CA TRP C 80 -16.99 29.24 35.10
C TRP C 80 -17.93 28.11 34.63
N ASP C 81 -17.48 26.84 34.70
CA ASP C 81 -18.33 25.66 34.35
C ASP C 81 -19.67 25.57 35.11
N GLY C 82 -20.75 25.35 34.37
CA GLY C 82 -22.08 25.32 34.95
C GLY C 82 -22.81 26.63 34.92
N LEU C 83 -22.15 27.68 34.42
CA LEU C 83 -22.77 29.00 34.23
C LEU C 83 -23.96 28.85 33.32
N PRO C 84 -24.94 29.79 33.41
CA PRO C 84 -26.09 29.83 32.47
C PRO C 84 -25.62 29.65 31.05
N ARG C 85 -26.35 28.85 30.28
CA ARG C 85 -25.96 28.52 28.89
C ARG C 85 -25.51 29.75 28.07
N LYS C 86 -26.15 30.89 28.32
CA LYS C 86 -26.01 32.10 27.51
C LYS C 86 -24.57 32.64 27.51
N ILE C 87 -23.87 32.48 28.65
CA ILE C 87 -22.58 33.12 28.88
C ILE C 87 -21.46 32.15 29.25
N ARG C 88 -21.60 30.88 28.86
CA ARG C 88 -20.63 29.91 29.34
C ARG C 88 -19.43 29.72 28.42
N PRO C 89 -18.33 29.21 28.99
CA PRO C 89 -17.16 29.02 28.14
C PRO C 89 -17.46 28.11 26.95
N GLU C 90 -18.13 26.98 27.15
CA GLU C 90 -18.56 26.13 26.03
C GLU C 90 -19.35 26.89 24.94
N THR C 91 -20.25 27.78 25.34
CA THR C 91 -21.05 28.55 24.41
C THR C 91 -20.22 29.55 23.60
N GLY C 92 -19.15 30.05 24.20
CA GLY C 92 -18.24 30.98 23.55
C GLY C 92 -17.52 30.23 22.48
N LEU C 93 -17.10 29.01 22.79
CA LEU C 93 -16.48 28.18 21.75
C LEU C 93 -17.41 28.04 20.54
N LEU C 94 -18.67 27.70 20.79
CA LEU C 94 -19.66 27.56 19.71
C LEU C 94 -19.88 28.85 18.92
N SER C 95 -19.99 29.96 19.63
CA SER C 95 -20.17 31.23 18.93
C SER C 95 -18.98 31.51 18.01
N LEU C 96 -17.77 31.26 18.52
CA LEU C 96 -16.56 31.47 17.76
C LEU C 96 -16.64 30.67 16.46
N ARG C 97 -16.98 29.38 16.52
CA ARG C 97 -17.03 28.54 15.29
C ARG C 97 -18.12 28.94 14.29
N LYS C 98 -19.30 29.17 14.84
CA LYS C 98 -20.46 29.66 14.13
C LYS C 98 -20.22 31.00 13.44
N SER C 99 -19.42 31.86 14.06
CA SER C 99 -19.22 33.19 13.48
C SER C 99 -18.34 33.11 12.24
N GLN C 100 -17.58 32.04 12.12
CA GLN C 100 -16.70 31.86 10.98
C GLN C 100 -17.17 30.78 10.05
N ASP C 101 -18.27 30.11 10.40
CA ASP C 101 -18.81 28.99 9.60
C ASP C 101 -17.73 27.92 9.26
N LEU C 102 -17.14 27.36 10.31
CA LEU C 102 -16.10 26.37 10.17
C LEU C 102 -16.70 24.99 10.03
N PHE C 103 -16.53 24.38 8.88
CA PHE C 103 -17.19 23.11 8.61
C PHE C 103 -16.28 21.89 8.57
N ALA C 104 -14.97 22.09 8.60
CA ALA C 104 -14.04 20.98 8.62
C ALA C 104 -13.19 21.05 9.87
N ASN C 105 -13.17 19.96 10.65
CA ASN C 105 -12.20 19.85 11.75
C ASN C 105 -11.12 18.77 11.47
N LEU C 106 -9.87 19.24 11.48
CA LEU C 106 -8.66 18.50 11.18
C LEU C 106 -7.83 18.22 12.45
N ARG C 107 -7.74 16.94 12.84
CA ARG C 107 -6.92 16.49 14.00
C ARG C 107 -5.92 15.35 13.63
N PRO C 108 -4.65 15.69 13.53
CA PRO C 108 -3.66 14.67 13.27
C PRO C 108 -3.17 14.04 14.57
N ALA C 109 -3.22 12.72 14.64
CA ALA C 109 -2.63 11.99 15.75
C ALA C 109 -1.26 11.41 15.32
N LYS C 110 -0.19 11.77 16.03
CA LYS C 110 1.19 11.42 15.64
C LYS C 110 1.96 10.76 16.76
N VAL C 111 2.59 9.63 16.44
CA VAL C 111 3.59 9.01 17.28
C VAL C 111 4.97 9.41 16.72
N PHE C 112 5.63 10.39 17.33
CA PHE C 112 6.92 10.86 16.87
C PHE C 112 7.97 9.80 17.11
N PRO C 113 9.04 9.78 16.27
CA PRO C 113 10.15 8.88 16.39
C PRO C 113 10.70 8.83 17.81
N GLY C 114 10.90 7.62 18.32
CA GLY C 114 11.40 7.41 19.65
C GLY C 114 10.41 7.59 20.77
N LEU C 115 9.15 7.84 20.44
CA LEU C 115 8.10 8.05 21.44
C LEU C 115 7.01 6.96 21.42
N GLU C 116 7.30 5.90 20.68
CA GLU C 116 6.45 4.71 20.62
C GLU C 116 6.09 4.21 22.01
N ARG C 117 7.00 4.41 22.95
CA ARG C 117 6.89 3.97 24.34
C ARG C 117 5.64 4.49 25.03
N LEU C 118 5.13 5.64 24.58
CA LEU C 118 4.01 6.27 25.26
C LEU C 118 2.65 5.79 24.75
N SER C 119 2.62 5.20 23.56
CA SER C 119 1.34 4.78 22.98
C SER C 119 0.72 3.55 23.71
N PRO C 120 -0.63 3.51 23.82
CA PRO C 120 -1.25 2.34 24.38
C PRO C 120 -1.08 1.15 23.48
N LEU C 121 -0.72 1.38 22.21
CA LEU C 121 -0.46 0.29 21.27
C LEU C 121 0.93 -0.31 21.51
N LYS C 122 1.13 -1.56 21.11
CA LYS C 122 2.50 -2.08 21.08
C LYS C 122 3.38 -1.26 20.12
N GLU C 123 4.64 -1.10 20.49
CA GLU C 123 5.58 -0.24 19.77
C GLU C 123 5.69 -0.49 18.26
N GLU C 124 5.71 -1.76 17.84
CA GLU C 124 5.73 -2.07 16.41
C GLU C 124 4.56 -1.51 15.60
N ILE C 125 3.39 -1.38 16.26
CA ILE C 125 2.16 -0.90 15.63
C ILE C 125 2.02 0.63 15.76
N ALA C 126 2.60 1.19 16.81
CA ALA C 126 2.59 2.61 17.04
C ALA C 126 3.53 3.32 16.08
N ARG C 127 4.59 2.62 15.64
CA ARG C 127 5.66 3.16 14.79
C ARG C 127 5.16 3.90 13.55
N GLY C 128 5.45 5.18 13.45
CA GLY C 128 5.20 5.88 12.20
C GLY C 128 3.76 6.29 12.01
N VAL C 129 2.98 6.23 13.09
CA VAL C 129 1.60 6.66 12.99
C VAL C 129 1.54 8.17 12.80
N ASP C 130 0.75 8.58 11.81
CA ASP C 130 0.56 9.99 11.47
C ASP C 130 -0.76 10.18 10.74
N VAL C 131 -1.85 10.09 11.48
CA VAL C 131 -3.14 9.99 10.83
C VAL C 131 -3.87 11.29 11.01
N LEU C 132 -4.33 11.90 9.92
CA LEU C 132 -5.13 13.11 10.05
C LEU C 132 -6.61 12.84 9.74
N ILE C 133 -7.48 13.12 10.70
CA ILE C 133 -8.93 12.88 10.51
C ILE C 133 -9.61 14.20 10.20
N VAL C 134 -10.22 14.29 9.03
CA VAL C 134 -10.99 15.47 8.68
C VAL C 134 -12.44 15.14 9.02
N ARG C 135 -13.08 15.92 9.86
CA ARG C 135 -14.47 15.65 10.23
C ARG C 135 -15.44 16.80 9.88
N GLU C 136 -16.50 16.50 9.16
CA GLU C 136 -17.50 17.49 8.83
C GLU C 136 -18.19 18.03 10.09
N LEU C 137 -18.19 19.34 10.30
CA LEU C 137 -18.60 19.91 11.59
C LEU C 137 -20.04 20.37 11.75
N THR C 138 -20.75 20.61 10.65
CA THR C 138 -21.99 21.38 10.76
C THR C 138 -23.30 20.67 10.32
N GLY C 139 -23.21 19.39 10.00
CA GLY C 139 -24.36 18.65 9.49
C GLY C 139 -24.41 17.29 10.14
N GLY C 140 -25.04 16.34 9.45
CA GLY C 140 -25.19 15.00 10.01
C GLY C 140 -26.20 14.99 11.15
N ILE C 141 -26.33 13.85 11.80
CA ILE C 141 -27.36 13.56 12.78
C ILE C 141 -27.44 14.60 13.92
N TYR C 142 -26.34 15.30 14.18
CA TYR C 142 -26.28 16.26 15.27
C TYR C 142 -27.23 17.46 15.01
N PHE C 143 -27.44 17.79 13.75
CA PHE C 143 -28.27 18.95 13.43
C PHE C 143 -29.45 18.63 12.57
N GLY C 144 -29.53 17.36 12.12
CA GLY C 144 -30.51 16.96 11.10
C GLY C 144 -31.90 16.90 11.69
N GLU C 145 -32.88 17.23 10.85
CA GLU C 145 -34.29 17.08 11.18
C GLU C 145 -34.90 16.12 10.16
N PRO C 146 -36.03 15.46 10.53
CA PRO C 146 -36.74 15.57 11.80
C PRO C 146 -35.95 15.01 13.00
N ARG C 147 -36.14 15.63 14.15
CA ARG C 147 -35.64 15.14 15.40
C ARG C 147 -36.77 15.32 16.43
N GLY C 148 -36.68 14.57 17.53
CA GLY C 148 -37.54 14.75 18.65
C GLY C 148 -37.71 13.49 19.46
N MET C 149 -38.71 13.53 20.33
CA MET C 149 -38.85 12.56 21.41
C MET C 149 -40.26 12.68 22.00
N SER C 150 -40.92 11.53 22.19
CA SER C 150 -42.21 11.40 22.91
C SER C 150 -42.02 10.42 24.09
N GLU C 151 -43.09 10.11 24.82
CA GLU C 151 -43.05 9.13 25.92
C GLU C 151 -42.83 7.71 25.39
N ALA C 152 -43.17 7.48 24.14
CA ALA C 152 -43.10 6.15 23.53
C ALA C 152 -41.85 5.88 22.67
N GLU C 153 -41.14 6.91 22.22
CA GLU C 153 -40.05 6.73 21.26
C GLU C 153 -39.24 7.99 21.07
N ALA C 154 -38.12 7.90 20.37
CA ALA C 154 -37.30 9.07 20.06
C ALA C 154 -36.64 8.84 18.71
N TRP C 155 -36.32 9.94 18.01
CA TRP C 155 -35.75 9.86 16.68
C TRP C 155 -34.77 11.00 16.37
N ASN C 156 -33.80 10.70 15.52
CA ASN C 156 -32.83 11.64 14.98
C ASN C 156 -32.51 11.29 13.52
N THR C 157 -32.04 12.25 12.74
CA THR C 157 -31.92 12.00 11.32
C THR C 157 -30.53 12.29 10.79
N GLU C 158 -29.80 11.25 10.40
CA GLU C 158 -28.56 11.43 9.65
C GLU C 158 -28.94 11.89 8.23
N ARG C 159 -28.55 13.09 7.86
CA ARG C 159 -28.76 13.51 6.51
C ARG C 159 -27.62 14.40 6.03
N TYR C 160 -27.39 14.38 4.71
CA TYR C 160 -26.38 15.23 4.06
C TYR C 160 -26.81 15.64 2.68
N SER C 161 -26.47 16.87 2.32
CA SER C 161 -26.71 17.27 0.96
C SER C 161 -25.37 17.27 0.21
N LYS C 162 -25.47 17.38 -1.12
CA LYS C 162 -24.34 17.38 -2.00
C LYS C 162 -23.30 18.45 -1.69
N PRO C 163 -23.70 19.73 -1.66
CA PRO C 163 -22.75 20.76 -1.27
C PRO C 163 -21.99 20.39 0.01
N GLU C 164 -22.68 19.85 1.01
CA GLU C 164 -22.08 19.65 2.33
C GLU C 164 -20.96 18.62 2.29
N VAL C 165 -21.19 17.52 1.56
CA VAL C 165 -20.18 16.48 1.32
C VAL C 165 -19.05 17.04 0.44
N GLU C 166 -19.38 17.86 -0.55
CA GLU C 166 -18.38 18.33 -1.51
C GLU C 166 -17.29 19.18 -0.89
N ARG C 167 -17.64 20.04 0.04
CA ARG C 167 -16.70 21.04 0.54
C ARG C 167 -15.77 20.45 1.61
N VAL C 168 -16.26 19.46 2.35
CA VAL C 168 -15.41 18.81 3.33
C VAL C 168 -14.49 17.79 2.60
N ALA C 169 -14.99 17.19 1.53
CA ALA C 169 -14.16 16.35 0.67
C ALA C 169 -13.00 17.17 0.12
N ARG C 170 -13.31 18.39 -0.32
CA ARG C 170 -12.31 19.27 -0.91
C ARG C 170 -11.19 19.61 0.05
N VAL C 171 -11.54 19.94 1.27
CA VAL C 171 -10.54 20.21 2.30
C VAL C 171 -9.66 18.97 2.48
N ALA C 172 -10.27 17.78 2.58
CA ALA C 172 -9.49 16.55 2.75
C ALA C 172 -8.48 16.23 1.62
N PHE C 173 -8.92 16.30 0.36
CA PHE C 173 -8.02 16.08 -0.76
C PHE C 173 -6.89 17.10 -0.74
N GLU C 174 -7.21 18.30 -0.26
CA GLU C 174 -6.31 19.45 -0.30
C GLU C 174 -5.16 19.23 0.70
N ALA C 175 -5.59 18.90 1.91
CA ALA C 175 -4.72 18.54 3.01
C ALA C 175 -3.81 17.38 2.59
N ALA C 176 -4.41 16.40 1.94
CA ALA C 176 -3.68 15.25 1.44
C ALA C 176 -2.56 15.64 0.44
N ARG C 177 -2.81 16.62 -0.46
CA ARG C 177 -1.76 17.07 -1.39
C ARG C 177 -0.48 17.55 -0.70
N LYS C 178 -0.63 18.08 0.51
CA LYS C 178 0.50 18.61 1.27
C LYS C 178 1.16 17.53 2.11
N ARG C 179 0.50 16.39 2.26
CA ARG C 179 1.00 15.29 3.07
C ARG C 179 1.53 14.16 2.19
N ARG C 180 0.88 12.99 2.22
CA ARG C 180 1.32 11.79 1.50
C ARG C 180 0.36 11.40 0.37
N LYS C 181 -0.58 12.29 0.05
CA LYS C 181 -1.42 12.17 -1.15
C LYS C 181 -2.31 10.95 -1.14
N HIS C 182 -2.87 10.65 0.02
CA HIS C 182 -3.76 9.49 0.13
C HIS C 182 -4.92 9.72 1.10
N VAL C 183 -6.14 9.59 0.57
CA VAL C 183 -7.39 9.79 1.32
C VAL C 183 -8.23 8.51 1.41
N VAL C 184 -8.69 8.23 2.63
CA VAL C 184 -9.71 7.24 2.90
C VAL C 184 -10.98 7.96 3.32
N SER C 185 -12.03 7.78 2.53
CA SER C 185 -13.35 8.30 2.88
C SER C 185 -14.10 7.23 3.66
N VAL C 186 -14.78 7.64 4.72
CA VAL C 186 -15.43 6.69 5.62
C VAL C 186 -16.92 6.90 5.71
N ASP C 187 -17.64 5.81 5.45
CA ASP C 187 -19.09 5.77 5.41
C ASP C 187 -19.64 4.43 5.99
N LYS C 188 -20.95 4.27 5.96
CA LYS C 188 -21.54 2.96 6.15
C LYS C 188 -22.35 2.59 4.90
N ALA C 189 -21.68 2.65 3.74
CA ALA C 189 -22.35 2.60 2.38
C ALA C 189 -22.94 1.25 1.98
N ASN C 190 -22.71 0.23 2.79
CA ASN C 190 -23.34 -1.04 2.51
C ASN C 190 -24.63 -1.26 3.30
N VAL C 191 -24.96 -0.36 4.21
CA VAL C 191 -26.22 -0.44 4.94
C VAL C 191 -27.13 0.77 4.72
N LEU C 192 -26.51 1.96 4.64
CA LEU C 192 -27.23 3.22 4.67
C LEU C 192 -27.17 3.99 3.36
N GLU C 193 -28.31 4.52 2.95
CA GLU C 193 -28.42 5.43 1.80
C GLU C 193 -27.42 6.60 1.91
N VAL C 194 -27.33 7.19 3.10
CA VAL C 194 -26.43 8.30 3.37
C VAL C 194 -24.98 7.95 3.09
N GLY C 195 -24.57 6.75 3.48
CA GLY C 195 -23.19 6.32 3.23
C GLY C 195 -22.94 6.19 1.76
N GLU C 196 -23.92 5.63 1.07
CA GLU C 196 -23.85 5.46 -0.38
C GLU C 196 -23.73 6.83 -1.04
N PHE C 197 -24.59 7.73 -0.61
CA PHE C 197 -24.60 9.05 -1.16
C PHE C 197 -23.24 9.71 -0.97
N TRP C 198 -22.76 9.67 0.27
CA TRP C 198 -21.42 10.13 0.63
C TRP C 198 -20.33 9.54 -0.27
N ARG C 199 -20.31 8.21 -0.40
CA ARG C 199 -19.24 7.54 -1.19
C ARG C 199 -19.18 7.98 -2.65
N LYS C 200 -20.36 8.01 -3.29
CA LYS C 200 -20.54 8.51 -4.65
C LYS C 200 -20.02 9.95 -4.81
N THR C 201 -20.45 10.84 -3.93
CA THR C 201 -20.07 12.25 -4.01
C THR C 201 -18.56 12.44 -3.87
N VAL C 202 -17.96 11.80 -2.86
CA VAL C 202 -16.52 11.91 -2.65
C VAL C 202 -15.77 11.35 -3.85
N GLU C 203 -16.25 10.23 -4.42
CA GLU C 203 -15.62 9.66 -5.66
C GLU C 203 -15.53 10.72 -6.72
N GLU C 204 -16.62 11.45 -6.90
CA GLU C 204 -16.79 12.40 -8.00
C GLU C 204 -15.87 13.59 -7.81
N VAL C 205 -15.75 14.03 -6.57
CA VAL C 205 -14.85 15.09 -6.22
C VAL C 205 -13.42 14.67 -6.60
N GLY C 206 -13.04 13.47 -6.14
CA GLY C 206 -11.73 12.89 -6.34
C GLY C 206 -11.16 12.87 -7.74
N ARG C 207 -12.04 12.87 -8.76
CA ARG C 207 -11.61 12.92 -10.16
C ARG C 207 -10.87 14.23 -10.44
N GLY C 208 -11.14 15.23 -9.60
CA GLY C 208 -10.44 16.50 -9.64
C GLY C 208 -9.02 16.43 -9.10
N TYR C 209 -8.65 15.34 -8.42
CA TYR C 209 -7.30 15.22 -7.87
C TYR C 209 -6.56 13.94 -8.33
N PRO C 210 -6.13 13.89 -9.60
CA PRO C 210 -5.57 12.63 -10.13
C PRO C 210 -4.38 12.12 -9.31
N ASP C 211 -3.70 13.01 -8.60
CA ASP C 211 -2.50 12.68 -7.85
C ASP C 211 -2.75 12.18 -6.40
N VAL C 212 -4.03 12.10 -6.00
CA VAL C 212 -4.38 11.59 -4.67
C VAL C 212 -5.08 10.22 -4.78
N ALA C 213 -4.57 9.21 -4.09
CA ALA C 213 -5.22 7.91 -4.11
C ALA C 213 -6.47 7.94 -3.24
N LEU C 214 -7.55 7.39 -3.75
CA LEU C 214 -8.80 7.38 -3.04
C LEU C 214 -9.32 5.97 -2.77
N GLU C 215 -9.74 5.76 -1.52
CA GLU C 215 -10.08 4.45 -1.00
C GLU C 215 -11.27 4.67 -0.07
N HIS C 216 -12.09 3.63 0.12
CA HIS C 216 -13.32 3.73 0.94
C HIS C 216 -13.38 2.65 2.03
N GLN C 217 -13.69 3.06 3.26
CA GLN C 217 -13.78 2.11 4.34
C GLN C 217 -15.06 2.37 5.10
N TYR C 218 -15.67 1.31 5.64
CA TYR C 218 -16.91 1.43 6.42
C TYR C 218 -16.50 1.85 7.81
N VAL C 219 -17.31 2.67 8.48
CA VAL C 219 -16.96 3.18 9.81
C VAL C 219 -16.57 2.09 10.82
N ASP C 220 -17.29 0.95 10.81
CA ASP C 220 -16.97 -0.15 11.72
C ASP C 220 -15.63 -0.82 11.39
N ALA C 221 -15.42 -1.18 10.12
CA ALA C 221 -14.08 -1.65 9.71
C ALA C 221 -12.97 -0.62 10.06
N MET C 222 -13.23 0.66 9.77
CA MET C 222 -12.27 1.74 10.10
C MET C 222 -11.88 1.80 11.58
N ALA C 223 -12.78 1.37 12.44
CA ALA C 223 -12.52 1.37 13.87
C ALA C 223 -11.60 0.20 14.20
N MET C 224 -11.71 -0.89 13.47
CA MET C 224 -10.75 -1.98 13.61
C MET C 224 -9.37 -1.58 13.08
N HIS C 225 -9.31 -0.90 11.92
CA HIS C 225 -8.02 -0.52 11.32
C HIS C 225 -7.22 0.51 12.10
N LEU C 226 -7.90 1.43 12.77
CA LEU C 226 -7.17 2.44 13.55
C LEU C 226 -6.45 1.86 14.78
N VAL C 227 -6.74 0.61 15.14
CA VAL C 227 -6.05 -0.08 16.23
C VAL C 227 -5.09 -1.17 15.72
N ARG C 228 -5.48 -1.91 14.69
CA ARG C 228 -4.63 -2.99 14.17
C ARG C 228 -3.41 -2.45 13.39
N SER C 229 -3.60 -1.38 12.64
CA SER C 229 -2.58 -0.90 11.72
C SER C 229 -2.84 0.59 11.41
N PRO C 230 -2.82 1.45 12.43
CA PRO C 230 -3.13 2.84 12.15
C PRO C 230 -2.10 3.55 11.26
N ALA C 231 -0.90 2.97 11.09
CA ALA C 231 0.18 3.61 10.30
C ALA C 231 0.00 3.55 8.78
N ARG C 232 -0.97 2.82 8.26
CA ARG C 232 -1.10 2.76 6.81
C ARG C 232 -1.93 3.93 6.26
N PHE C 233 -2.49 4.75 7.15
CA PHE C 233 -3.32 5.87 6.73
C PHE C 233 -2.62 7.23 6.63
N ASP C 234 -3.17 8.13 5.83
CA ASP C 234 -2.64 9.48 5.77
C ASP C 234 -3.77 10.48 6.15
N VAL C 235 -4.67 10.78 5.23
CA VAL C 235 -5.85 11.57 5.50
C VAL C 235 -7.06 10.66 5.51
N VAL C 236 -7.93 10.85 6.49
CA VAL C 236 -9.23 10.16 6.55
C VAL C 236 -10.34 11.22 6.64
N VAL C 237 -11.33 11.15 5.74
CA VAL C 237 -12.42 12.14 5.68
C VAL C 237 -13.74 11.44 5.98
N THR C 238 -14.56 12.04 6.83
CA THR C 238 -15.82 11.40 7.21
C THR C 238 -16.81 12.43 7.76
N GLY C 239 -18.05 11.97 7.97
CA GLY C 239 -19.13 12.85 8.41
C GLY C 239 -19.06 13.12 9.91
N ASN C 240 -20.06 13.83 10.41
CA ASN C 240 -20.01 14.38 11.75
C ASN C 240 -19.91 13.36 12.92
N ILE C 241 -20.96 12.58 13.17
CA ILE C 241 -20.87 11.61 14.24
C ILE C 241 -19.69 10.60 14.08
N PHE C 242 -19.47 10.07 12.87
CA PHE C 242 -18.33 9.13 12.66
C PHE C 242 -16.99 9.80 12.93
N GLY C 243 -16.82 11.06 12.52
CA GLY C 243 -15.57 11.78 12.75
C GLY C 243 -15.36 12.08 14.21
N ASP C 244 -16.45 12.28 14.93
CA ASP C 244 -16.41 12.45 16.34
C ASP C 244 -15.78 11.21 16.99
N ILE C 245 -16.33 10.06 16.69
CA ILE C 245 -15.88 8.83 17.28
C ILE C 245 -14.49 8.48 16.79
N LEU C 246 -14.25 8.64 15.48
CA LEU C 246 -13.02 8.11 14.89
C LEU C 246 -11.86 8.98 15.23
N SER C 247 -12.07 10.31 15.30
CA SER C 247 -10.96 11.16 15.69
C SER C 247 -10.67 11.10 17.20
N ASP C 248 -11.69 10.86 18.03
CA ASP C 248 -11.40 10.63 19.44
C ASP C 248 -10.66 9.30 19.55
N LEU C 249 -10.97 8.36 18.66
CA LEU C 249 -10.28 7.08 18.71
C LEU C 249 -8.80 7.29 18.38
N ALA C 250 -8.51 7.91 17.25
CA ALA C 250 -7.13 8.24 16.88
C ALA C 250 -6.37 8.97 18.02
N SER C 251 -7.00 9.95 18.65
CA SER C 251 -6.37 10.87 19.62
C SER C 251 -5.69 10.24 20.82
N VAL C 252 -6.13 9.03 21.19
CA VAL C 252 -5.46 8.29 22.23
C VAL C 252 -4.17 7.60 21.74
N LEU C 253 -3.99 7.46 20.42
CA LEU C 253 -2.87 6.66 19.96
C LEU C 253 -1.49 7.19 20.43
N PRO C 254 -1.29 8.52 20.51
CA PRO C 254 0.05 8.98 20.92
C PRO C 254 0.40 8.80 22.40
N GLY C 255 -0.61 8.82 23.26
CA GLY C 255 -0.40 8.62 24.68
C GLY C 255 -0.19 9.84 25.55
N SER C 256 -0.28 11.04 24.99
CA SER C 256 -0.44 12.28 25.80
C SER C 256 -1.27 13.36 25.11
N LEU C 257 -2.22 13.88 25.87
CA LEU C 257 -3.03 15.02 25.47
C LEU C 257 -2.20 16.25 25.08
N GLY C 258 -1.01 16.35 25.66
CA GLY C 258 -0.17 17.51 25.41
C GLY C 258 0.43 17.51 24.03
N LEU C 259 0.17 16.47 23.26
CA LEU C 259 0.80 16.35 21.93
C LEU C 259 -0.18 16.61 20.76
N LEU C 260 -1.44 16.90 21.08
CA LEU C 260 -2.49 16.93 20.08
C LEU C 260 -2.95 18.34 19.63
N PRO C 261 -2.66 18.70 18.38
CA PRO C 261 -3.09 19.95 17.69
C PRO C 261 -4.41 19.80 16.96
N SER C 262 -5.02 20.94 16.62
CA SER C 262 -6.36 21.00 16.08
C SER C 262 -6.54 22.22 15.15
N ALA C 263 -7.16 22.01 14.01
CA ALA C 263 -7.46 23.07 13.09
C ALA C 263 -8.92 22.98 12.70
N SER C 264 -9.64 24.11 12.74
CA SER C 264 -11.00 24.16 12.22
C SER C 264 -11.08 25.20 11.10
N LEU C 265 -11.47 24.76 9.90
CA LEU C 265 -11.52 25.59 8.70
C LEU C 265 -12.92 25.64 8.08
N GLY C 266 -13.15 26.67 7.27
CA GLY C 266 -14.47 26.94 6.72
C GLY C 266 -14.51 28.21 5.92
N ARG C 267 -15.59 28.97 6.03
CA ARG C 267 -15.74 30.18 5.21
C ARG C 267 -15.07 31.41 5.80
N GLY C 268 -15.06 31.52 7.12
CA GLY C 268 -14.46 32.69 7.75
C GLY C 268 -13.02 32.40 8.13
N THR C 269 -12.63 32.93 9.28
CA THR C 269 -11.29 32.86 9.77
C THR C 269 -11.04 31.53 10.44
N PRO C 270 -10.02 30.78 9.98
CA PRO C 270 -9.65 29.47 10.54
C PRO C 270 -9.17 29.55 11.97
N VAL C 271 -9.45 28.51 12.75
CA VAL C 271 -9.16 28.51 14.16
C VAL C 271 -8.25 27.33 14.52
N PHE C 272 -7.14 27.65 15.20
CA PHE C 272 -6.14 26.65 15.62
C PHE C 272 -5.94 26.59 17.11
N GLU C 273 -6.01 25.37 17.66
CA GLU C 273 -6.06 25.17 19.11
C GLU C 273 -5.60 23.79 19.55
N PRO C 274 -5.02 23.66 20.79
CA PRO C 274 -4.76 22.37 21.38
C PRO C 274 -6.04 21.64 21.61
N VAL C 275 -5.95 20.32 21.58
CA VAL C 275 -7.07 19.44 21.86
C VAL C 275 -7.41 19.45 23.33
N HIS C 276 -6.40 19.55 24.19
CA HIS C 276 -6.57 19.60 25.63
C HIS C 276 -7.36 20.82 26.19
N GLY C 277 -7.79 20.71 27.45
CA GLY C 277 -8.49 21.80 28.10
C GLY C 277 -7.58 22.72 28.88
N SER C 278 -8.18 23.46 29.80
CA SER C 278 -7.49 24.50 30.53
C SER C 278 -6.60 23.93 31.64
N ALA C 279 -6.77 22.64 31.93
CA ALA C 279 -6.00 21.93 32.99
C ALA C 279 -5.80 22.75 34.26
N PRO C 280 -6.86 22.94 35.05
CA PRO C 280 -6.64 23.83 36.19
C PRO C 280 -5.80 23.20 37.32
N ASP C 281 -5.65 21.87 37.32
CA ASP C 281 -4.77 21.16 38.30
C ASP C 281 -3.27 21.45 38.14
N ILE C 282 -2.83 21.96 36.98
CA ILE C 282 -1.43 22.36 36.82
C ILE C 282 -1.22 23.79 36.44
N ALA C 283 -2.31 24.51 36.19
CA ALA C 283 -2.16 25.94 35.86
C ALA C 283 -1.23 26.64 36.85
N GLY C 284 -0.22 27.31 36.30
CA GLY C 284 0.72 28.13 37.08
C GLY C 284 1.90 27.40 37.73
N LYS C 285 2.12 26.15 37.36
CA LYS C 285 3.20 25.39 37.97
C LYS C 285 4.36 25.30 36.97
N GLY C 286 4.25 26.13 35.94
CA GLY C 286 5.19 26.24 34.84
C GLY C 286 5.68 24.90 34.31
N ILE C 287 4.74 24.00 34.03
CA ILE C 287 5.09 22.67 33.55
C ILE C 287 4.23 22.09 32.41
N ALA C 288 3.16 22.78 32.02
CA ALA C 288 2.31 22.30 30.93
C ALA C 288 3.16 22.06 29.69
N ASN C 289 2.86 20.98 28.97
CA ASN C 289 3.48 20.69 27.68
C ASN C 289 2.89 21.59 26.61
N PRO C 290 3.72 22.44 26.02
CA PRO C 290 3.20 23.36 24.99
C PRO C 290 3.27 22.79 23.59
N THR C 291 3.70 21.52 23.45
CA THR C 291 3.77 20.87 22.14
C THR C 291 2.50 21.08 21.30
N ALA C 292 1.32 20.91 21.89
CA ALA C 292 0.07 21.01 21.14
C ALA C 292 -0.19 22.42 20.62
N ALA C 293 0.13 23.43 21.44
CA ALA C 293 -0.07 24.82 21.03
C ALA C 293 0.94 25.19 19.91
N ILE C 294 2.19 24.73 20.09
CA ILE C 294 3.22 24.96 19.09
C ILE C 294 2.84 24.27 17.78
N LEU C 295 2.48 22.99 17.86
CA LEU C 295 1.95 22.28 16.70
C LEU C 295 0.62 22.87 16.13
N SER C 296 -0.17 23.57 16.94
CA SER C 296 -1.31 24.33 16.40
C SER C 296 -0.87 25.52 15.55
N ALA C 297 0.04 26.32 16.08
CA ALA C 297 0.72 27.37 15.33
C ALA C 297 1.32 26.85 14.02
N ALA C 298 1.89 25.65 14.02
CA ALA C 298 2.42 25.06 12.80
C ALA C 298 1.25 24.73 11.86
N MET C 299 0.18 24.20 12.46
CA MET C 299 -1.00 23.93 11.66
C MET C 299 -1.46 25.24 11.06
N MET C 300 -1.36 26.32 11.83
CA MET C 300 -1.71 27.64 11.33
C MET C 300 -0.88 28.12 10.11
N LEU C 301 0.45 28.03 10.20
CA LEU C 301 1.31 28.41 9.08
C LEU C 301 0.97 27.60 7.86
N GLU C 302 0.79 26.32 8.02
CA GLU C 302 0.39 25.43 6.93
C GLU C 302 -0.96 25.80 6.32
N HIS C 303 -2.03 25.71 7.12
CA HIS C 303 -3.38 25.78 6.53
C HIS C 303 -3.91 27.16 6.29
N ALA C 304 -3.44 28.16 7.03
CA ALA C 304 -3.98 29.50 6.87
C ALA C 304 -3.09 30.31 6.00
N PHE C 305 -1.78 30.08 6.08
CA PHE C 305 -0.87 30.89 5.30
C PHE C 305 -0.14 30.15 4.23
N GLY C 306 -0.32 28.83 4.18
CA GLY C 306 0.30 28.02 3.14
C GLY C 306 1.82 27.98 3.23
N LEU C 307 2.33 28.10 4.44
CA LEU C 307 3.79 27.98 4.61
C LEU C 307 4.07 26.54 5.00
N VAL C 308 3.91 25.63 4.03
CA VAL C 308 4.04 24.20 4.29
C VAL C 308 5.46 23.86 4.80
N GLU C 309 6.47 24.26 4.04
CA GLU C 309 7.86 24.01 4.42
C GLU C 309 8.21 24.57 5.83
N LEU C 310 7.74 25.78 6.13
CA LEU C 310 7.96 26.35 7.45
C LEU C 310 7.23 25.57 8.53
N ALA C 311 6.02 25.08 8.24
CA ALA C 311 5.30 24.20 9.16
C ALA C 311 6.07 22.93 9.49
N ARG C 312 6.65 22.31 8.46
CA ARG C 312 7.41 21.08 8.64
C ARG C 312 8.65 21.40 9.49
N LYS C 313 9.19 22.61 9.34
CA LYS C 313 10.42 22.90 10.07
C LYS C 313 10.11 22.86 11.57
N VAL C 314 8.97 23.44 11.95
CA VAL C 314 8.51 23.55 13.33
C VAL C 314 8.22 22.16 13.94
N GLU C 315 7.45 21.34 13.22
CA GLU C 315 7.19 19.96 13.63
C GLU C 315 8.52 19.20 13.88
N ASP C 316 9.50 19.41 13.00
CA ASP C 316 10.77 18.71 13.08
C ASP C 316 11.53 19.14 14.29
N ALA C 317 11.43 20.43 14.62
CA ALA C 317 12.09 20.99 15.79
C ALA C 317 11.39 20.54 17.08
N VAL C 318 10.07 20.41 17.03
CA VAL C 318 9.33 19.86 18.16
C VAL C 318 9.65 18.35 18.37
N ALA C 319 9.63 17.58 17.28
CA ALA C 319 9.92 16.15 17.38
C ALA C 319 11.23 15.92 18.09
N LYS C 320 12.25 16.67 17.71
CA LYS C 320 13.57 16.53 18.25
C LYS C 320 13.72 17.03 19.68
N ALA C 321 12.99 18.08 20.02
CA ALA C 321 12.97 18.60 21.38
C ALA C 321 12.37 17.57 22.35
N LEU C 322 11.25 16.95 21.94
CA LEU C 322 10.65 15.84 22.67
C LEU C 322 11.59 14.68 23.03
N LEU C 323 12.64 14.45 22.24
CA LEU C 323 13.63 13.42 22.56
C LEU C 323 14.76 13.92 23.45
N GLU C 324 15.18 15.16 23.22
CA GLU C 324 16.28 15.74 23.97
C GLU C 324 15.89 16.09 25.40
N THR C 325 14.81 16.87 25.55
CA THR C 325 14.33 17.30 26.86
C THR C 325 12.82 17.11 27.01
N PRO C 326 12.39 15.86 27.27
CA PRO C 326 10.97 15.56 27.40
C PRO C 326 10.29 16.26 28.60
N PRO C 327 9.05 16.76 28.41
CA PRO C 327 8.28 17.29 29.55
C PRO C 327 7.82 16.20 30.56
N PRO C 328 7.33 16.63 31.76
CA PRO C 328 6.89 15.63 32.74
C PRO C 328 5.83 14.67 32.23
N ASP C 329 4.94 15.08 31.32
CA ASP C 329 3.86 14.17 30.92
C ASP C 329 4.38 13.01 30.07
N LEU C 330 5.66 13.11 29.71
CA LEU C 330 6.39 12.08 28.97
C LEU C 330 7.34 11.35 29.88
N GLY C 331 7.28 11.67 31.16
CA GLY C 331 8.12 11.00 32.12
C GLY C 331 9.44 11.69 32.29
N GLY C 332 9.64 12.82 31.61
CA GLY C 332 10.86 13.64 31.75
C GLY C 332 10.70 14.67 32.84
N SER C 333 11.50 15.75 32.81
CA SER C 333 11.39 16.85 33.80
C SER C 333 11.46 18.29 33.25
N ALA C 334 11.25 18.50 31.94
CA ALA C 334 11.51 19.82 31.33
C ALA C 334 10.32 20.75 31.49
N GLY C 335 10.48 21.89 32.17
CA GLY C 335 9.36 22.85 32.30
C GLY C 335 8.95 23.46 30.98
N THR C 336 7.90 24.26 31.00
CA THR C 336 7.35 24.84 29.77
C THR C 336 8.39 25.73 29.06
N GLU C 337 9.07 26.55 29.81
CA GLU C 337 10.09 27.42 29.27
C GLU C 337 11.39 26.72 28.87
N ALA C 338 11.82 25.70 29.61
CA ALA C 338 13.03 24.99 29.22
C ALA C 338 12.82 24.18 27.93
N PHE C 339 11.62 23.63 27.76
CA PHE C 339 11.26 22.85 26.59
C PHE C 339 11.14 23.70 25.34
N THR C 340 10.50 24.86 25.50
CA THR C 340 10.41 25.84 24.44
C THR C 340 11.77 26.31 23.97
N ALA C 341 12.68 26.62 24.90
CA ALA C 341 14.09 26.95 24.54
C ALA C 341 14.78 25.86 23.70
N THR C 342 14.36 24.61 23.86
CA THR C 342 15.00 23.49 23.17
C THR C 342 14.49 23.43 21.74
N VAL C 343 13.19 23.65 21.60
CA VAL C 343 12.57 23.80 20.30
C VAL C 343 13.31 24.90 19.55
N LEU C 344 13.63 26.01 20.23
CA LEU C 344 14.24 27.16 19.51
C LEU C 344 15.64 26.86 18.99
N ARG C 345 16.41 26.10 19.79
CA ARG C 345 17.74 25.64 19.40
C ARG C 345 17.66 24.81 18.15
N HIS C 346 16.72 23.86 18.13
CA HIS C 346 16.59 23.03 16.95
C HIS C 346 16.22 23.81 15.71
N LEU C 347 15.34 24.81 15.86
CA LEU C 347 15.01 25.77 14.81
C LEU C 347 16.25 26.48 14.29
N ALA C 348 16.93 27.20 15.17
CA ALA C 348 18.13 27.93 14.81
C ALA C 348 19.22 27.01 14.22
N ALA C 349 19.29 25.75 14.68
CA ALA C 349 20.34 24.83 14.22
C ALA C 349 20.06 24.29 12.83
N ALA C 350 18.79 24.10 12.49
CA ALA C 350 18.43 23.68 11.14
C ALA C 350 18.54 24.84 10.13
N ALA C 351 18.49 26.07 10.61
CA ALA C 351 18.56 27.24 9.74
C ALA C 351 20.01 27.60 9.34
N LEU C 352 20.94 27.44 10.29
CA LEU C 352 22.38 27.62 10.07
C LEU C 352 22.86 26.98 8.78
N GLU C 353 22.37 25.76 8.54
CA GLU C 353 22.79 24.91 7.42
C GLU C 353 22.58 25.53 6.04
N HIS C 354 21.36 26.00 5.76
CA HIS C 354 21.00 26.58 4.46
C HIS C 354 20.24 27.91 4.59
N SER D 3 -33.73 -33.08 25.54
CA SER D 3 -32.89 -32.37 26.56
C SER D 3 -31.94 -31.26 26.00
N MET D 4 -31.18 -31.55 24.94
CA MET D 4 -30.34 -30.52 24.32
C MET D 4 -30.31 -30.62 22.80
N LYS D 5 -31.22 -29.92 22.12
CA LYS D 5 -31.42 -30.10 20.71
C LYS D 5 -30.86 -28.93 19.93
N VAL D 6 -29.88 -29.20 19.06
CA VAL D 6 -29.11 -28.18 18.35
C VAL D 6 -29.17 -28.37 16.82
N ALA D 7 -29.44 -27.29 16.08
CA ALA D 7 -29.27 -27.38 14.64
C ALA D 7 -27.84 -26.99 14.32
N VAL D 8 -27.15 -27.80 13.56
CA VAL D 8 -25.74 -27.51 13.29
C VAL D 8 -25.54 -27.19 11.81
N LEU D 9 -25.04 -26.00 11.51
CA LEU D 9 -24.91 -25.56 10.12
C LEU D 9 -23.45 -25.20 9.83
N PRO D 10 -22.63 -26.18 9.41
CA PRO D 10 -21.19 -25.95 9.24
C PRO D 10 -20.84 -24.87 8.23
N GLY D 11 -21.56 -24.84 7.12
CA GLY D 11 -21.27 -23.94 6.05
C GLY D 11 -20.04 -24.31 5.22
N ASP D 12 -19.22 -23.30 4.98
CA ASP D 12 -18.17 -23.35 3.96
C ASP D 12 -16.78 -23.20 4.52
N GLY D 13 -15.81 -23.48 3.66
CA GLY D 13 -14.41 -23.25 3.99
C GLY D 13 -14.05 -23.92 5.28
N ILE D 14 -13.66 -23.13 6.28
CA ILE D 14 -13.20 -23.72 7.53
C ILE D 14 -14.35 -24.05 8.48
N GLY D 15 -15.56 -23.60 8.13
CA GLY D 15 -16.78 -23.86 8.89
C GLY D 15 -16.90 -25.31 9.31
N PRO D 16 -16.89 -26.26 8.34
CA PRO D 16 -16.97 -27.67 8.76
C PRO D 16 -15.85 -28.13 9.74
N GLU D 17 -14.64 -27.59 9.59
CA GLU D 17 -13.48 -28.01 10.44
C GLU D 17 -13.66 -27.56 11.87
N VAL D 18 -14.00 -26.29 12.03
CA VAL D 18 -14.11 -25.75 13.36
C VAL D 18 -15.37 -26.25 14.06
N THR D 19 -16.45 -26.46 13.30
CA THR D 19 -17.68 -26.95 13.87
C THR D 19 -17.50 -28.37 14.39
N GLU D 20 -16.74 -29.15 13.63
CA GLU D 20 -16.41 -30.51 14.04
C GLU D 20 -15.59 -30.52 15.32
N ALA D 21 -14.70 -29.55 15.51
CA ALA D 21 -13.97 -29.46 16.75
C ALA D 21 -14.89 -29.16 17.94
N ALA D 22 -15.85 -28.24 17.76
CA ALA D 22 -16.81 -27.90 18.83
C ALA D 22 -17.70 -29.11 19.17
N LEU D 23 -18.07 -29.90 18.16
CA LEU D 23 -18.85 -31.12 18.41
C LEU D 23 -18.10 -32.17 19.23
N LYS D 24 -16.80 -32.31 19.04
CA LYS D 24 -16.07 -33.30 19.80
C LYS D 24 -16.04 -32.92 21.30
N VAL D 25 -15.88 -31.63 21.58
CA VAL D 25 -16.05 -31.09 22.94
C VAL D 25 -17.46 -31.36 23.46
N LEU D 26 -18.47 -31.01 22.68
CA LEU D 26 -19.84 -31.29 23.10
C LEU D 26 -20.12 -32.80 23.29
N ARG D 27 -19.47 -33.66 22.49
CA ARG D 27 -19.77 -35.10 22.54
C ARG D 27 -19.09 -35.73 23.74
N ALA D 28 -17.92 -35.18 24.10
CA ALA D 28 -17.23 -35.48 25.35
C ALA D 28 -18.02 -35.01 26.58
N LEU D 29 -18.55 -33.80 26.53
CA LEU D 29 -19.36 -33.33 27.66
C LEU D 29 -20.65 -34.10 27.81
N ASP D 30 -21.25 -34.44 26.67
CA ASP D 30 -22.49 -35.23 26.69
C ASP D 30 -22.26 -36.55 27.43
N GLU D 31 -21.15 -37.22 27.11
CA GLU D 31 -20.85 -38.52 27.67
C GLU D 31 -20.62 -38.43 29.19
N ALA D 32 -19.75 -37.49 29.61
CA ALA D 32 -19.41 -37.28 31.00
C ALA D 32 -20.60 -36.78 31.84
N GLU D 33 -21.32 -35.77 31.34
CA GLU D 33 -22.36 -35.11 32.13
C GLU D 33 -23.77 -35.65 31.94
N GLY D 34 -24.02 -36.41 30.86
CA GLY D 34 -25.39 -36.82 30.53
C GLY D 34 -26.27 -35.67 30.03
N LEU D 35 -25.84 -34.98 28.98
CA LEU D 35 -26.51 -33.75 28.50
C LEU D 35 -27.80 -33.98 27.71
N GLY D 36 -27.97 -35.19 27.17
CA GLY D 36 -29.09 -35.50 26.31
C GLY D 36 -28.96 -34.81 24.98
N LEU D 37 -27.72 -34.67 24.50
CA LEU D 37 -27.40 -34.04 23.22
C LEU D 37 -28.14 -34.68 22.02
N ALA D 38 -28.77 -33.84 21.21
CA ALA D 38 -29.44 -34.25 20.02
C ALA D 38 -29.08 -33.25 18.92
N TYR D 39 -27.92 -33.42 18.29
CA TYR D 39 -27.56 -32.51 17.19
C TYR D 39 -27.93 -33.05 15.80
N GLU D 40 -28.08 -32.17 14.81
CA GLU D 40 -28.23 -32.61 13.41
C GLU D 40 -27.54 -31.63 12.46
N VAL D 41 -26.74 -32.17 11.55
CA VAL D 41 -26.06 -31.33 10.57
C VAL D 41 -26.98 -30.99 9.37
N PHE D 42 -27.12 -29.69 9.09
CA PHE D 42 -27.93 -29.16 7.97
C PHE D 42 -27.10 -28.41 6.90
N PRO D 43 -27.58 -28.42 5.63
CA PRO D 43 -26.87 -27.73 4.58
C PRO D 43 -27.15 -26.24 4.65
N PHE D 44 -26.09 -25.46 4.53
CA PHE D 44 -26.21 -24.02 4.67
C PHE D 44 -25.12 -23.32 3.87
N GLY D 45 -25.39 -22.08 3.49
CA GLY D 45 -24.50 -21.28 2.63
C GLY D 45 -24.13 -21.95 1.31
N GLY D 46 -22.85 -21.90 0.97
CA GLY D 46 -22.38 -22.37 -0.34
C GLY D 46 -22.62 -23.85 -0.56
N ALA D 47 -22.40 -24.62 0.50
CA ALA D 47 -22.69 -26.05 0.48
C ALA D 47 -24.15 -26.31 0.11
N ALA D 48 -25.05 -25.43 0.56
CA ALA D 48 -26.47 -25.56 0.28
C ALA D 48 -26.84 -25.19 -1.14
N ILE D 49 -26.15 -24.20 -1.70
CA ILE D 49 -26.36 -23.83 -3.11
C ILE D 49 -26.00 -24.97 -4.06
N ASP D 50 -24.86 -25.63 -3.82
CA ASP D 50 -24.43 -26.72 -4.67
C ASP D 50 -25.46 -27.85 -4.71
N ALA D 51 -26.11 -28.09 -3.57
CA ALA D 51 -27.05 -29.21 -3.44
C ALA D 51 -28.51 -28.83 -3.73
N PHE D 52 -28.91 -27.60 -3.38
CA PHE D 52 -30.33 -27.22 -3.41
C PHE D 52 -30.61 -26.00 -4.25
N GLY D 53 -29.56 -25.28 -4.61
CA GLY D 53 -29.70 -24.14 -5.52
C GLY D 53 -30.20 -22.91 -4.81
N GLU D 54 -30.13 -22.91 -3.49
CA GLU D 54 -30.34 -21.72 -2.66
C GLU D 54 -29.52 -21.86 -1.37
N PRO D 55 -29.37 -20.76 -0.59
CA PRO D 55 -28.50 -20.86 0.59
C PRO D 55 -29.19 -21.28 1.91
N PHE D 56 -30.48 -20.99 2.02
CA PHE D 56 -31.24 -21.28 3.22
C PHE D 56 -32.44 -22.11 2.85
N PRO D 57 -32.21 -23.36 2.45
CA PRO D 57 -33.27 -24.21 1.92
C PRO D 57 -34.25 -24.66 3.01
N GLU D 58 -35.39 -25.20 2.56
CA GLU D 58 -36.53 -25.55 3.43
C GLU D 58 -36.25 -26.50 4.59
N PRO D 59 -35.55 -27.63 4.35
CA PRO D 59 -35.25 -28.54 5.44
C PRO D 59 -34.38 -27.93 6.53
N THR D 60 -33.55 -26.96 6.16
CA THR D 60 -32.69 -26.25 7.10
C THR D 60 -33.49 -25.20 7.88
N ARG D 61 -34.45 -24.57 7.19
CA ARG D 61 -35.33 -23.56 7.78
C ARG D 61 -36.15 -24.23 8.88
N LYS D 62 -36.52 -25.48 8.62
CA LYS D 62 -37.26 -26.29 9.55
C LYS D 62 -36.41 -26.70 10.74
N GLY D 63 -35.22 -27.25 10.45
CA GLY D 63 -34.32 -27.71 11.49
C GLY D 63 -34.01 -26.63 12.50
N VAL D 64 -33.81 -25.41 11.99
CA VAL D 64 -33.52 -24.22 12.75
C VAL D 64 -34.69 -23.91 13.69
N GLU D 65 -35.89 -23.91 13.13
CA GLU D 65 -37.13 -23.57 13.82
C GLU D 65 -37.39 -24.44 15.07
N GLU D 66 -37.36 -25.74 14.87
CA GLU D 66 -37.68 -26.71 15.91
C GLU D 66 -36.57 -26.99 16.94
N ALA D 67 -35.37 -26.45 16.73
CA ALA D 67 -34.26 -26.65 17.67
C ALA D 67 -34.29 -25.64 18.84
N GLU D 68 -33.56 -25.94 19.92
CA GLU D 68 -33.46 -25.03 21.05
C GLU D 68 -32.26 -24.09 20.88
N ALA D 69 -31.44 -24.35 19.86
CA ALA D 69 -30.27 -23.53 19.55
C ALA D 69 -29.69 -23.93 18.19
N VAL D 70 -28.91 -23.04 17.61
CA VAL D 70 -28.25 -23.21 16.31
C VAL D 70 -26.75 -23.09 16.47
N LEU D 71 -25.99 -24.10 16.05
CA LEU D 71 -24.53 -23.94 16.06
C LEU D 71 -24.01 -23.69 14.64
N LEU D 72 -23.42 -22.52 14.45
CA LEU D 72 -23.08 -22.08 13.13
C LEU D 72 -21.57 -22.03 12.85
N GLY D 73 -21.17 -22.50 11.68
CA GLY D 73 -19.78 -22.35 11.23
C GLY D 73 -19.65 -21.09 10.39
N SER D 74 -19.22 -21.24 9.15
CA SER D 74 -19.07 -20.05 8.32
C SER D 74 -19.57 -20.20 6.88
N VAL D 75 -20.03 -19.11 6.31
CA VAL D 75 -20.55 -19.12 4.94
C VAL D 75 -19.75 -18.26 3.99
N GLY D 76 -19.60 -18.75 2.75
CA GLY D 76 -19.05 -17.96 1.64
C GLY D 76 -17.73 -18.46 1.08
N GLY D 77 -17.41 -18.05 -0.14
CA GLY D 77 -16.10 -18.36 -0.73
C GLY D 77 -16.00 -17.89 -2.16
N PRO D 78 -14.88 -18.20 -2.85
CA PRO D 78 -14.64 -17.81 -4.25
C PRO D 78 -15.77 -18.21 -5.21
N LYS D 79 -16.26 -19.44 -5.07
CA LYS D 79 -17.23 -20.06 -5.99
C LYS D 79 -18.60 -19.36 -6.01
N TRP D 80 -18.96 -18.73 -4.90
CA TRP D 80 -20.29 -18.12 -4.78
C TRP D 80 -20.22 -16.59 -4.66
N ASP D 81 -19.03 -16.03 -4.92
CA ASP D 81 -18.85 -14.59 -4.93
C ASP D 81 -19.54 -13.92 -6.13
N GLY D 82 -19.55 -14.60 -7.27
CA GLY D 82 -20.27 -14.10 -8.44
C GLY D 82 -21.72 -14.55 -8.52
N LEU D 83 -22.55 -14.04 -7.61
CA LEU D 83 -24.01 -14.31 -7.57
C LEU D 83 -24.84 -13.13 -7.01
N PRO D 84 -26.10 -12.99 -7.48
CA PRO D 84 -26.98 -11.91 -7.02
C PRO D 84 -27.32 -12.05 -5.53
N ARG D 85 -27.78 -10.96 -4.92
CA ARG D 85 -28.25 -10.96 -3.53
C ARG D 85 -29.47 -11.87 -3.29
N LYS D 86 -30.19 -12.20 -4.36
CA LYS D 86 -31.25 -13.22 -4.35
C LYS D 86 -30.79 -14.53 -3.66
N ILE D 87 -29.82 -15.24 -4.25
CA ILE D 87 -29.27 -16.47 -3.64
C ILE D 87 -27.86 -16.34 -3.04
N ARG D 88 -27.60 -15.21 -2.39
CA ARG D 88 -26.31 -14.91 -1.79
C ARG D 88 -26.08 -15.74 -0.53
N PRO D 89 -24.87 -16.31 -0.38
CA PRO D 89 -24.63 -17.08 0.84
C PRO D 89 -24.69 -16.14 2.03
N GLU D 90 -24.26 -14.91 1.84
CA GLU D 90 -24.30 -13.93 2.90
C GLU D 90 -25.72 -13.47 3.16
N THR D 91 -26.60 -13.55 2.17
CA THR D 91 -28.02 -13.20 2.39
C THR D 91 -28.72 -14.31 3.16
N GLY D 92 -28.37 -15.55 2.81
CA GLY D 92 -28.86 -16.70 3.54
C GLY D 92 -28.65 -16.51 5.04
N LEU D 93 -27.45 -16.09 5.40
CA LEU D 93 -27.11 -15.82 6.79
C LEU D 93 -27.97 -14.72 7.43
N LEU D 94 -28.25 -13.67 6.66
CA LEU D 94 -29.08 -12.58 7.15
C LEU D 94 -30.52 -13.04 7.25
N SER D 95 -30.96 -13.84 6.28
CA SER D 95 -32.29 -14.42 6.28
C SER D 95 -32.53 -15.44 7.42
N LEU D 96 -31.48 -16.18 7.79
CA LEU D 96 -31.50 -16.99 9.01
C LEU D 96 -31.82 -16.15 10.25
N ARG D 97 -30.99 -15.15 10.54
CA ARG D 97 -31.14 -14.34 11.75
C ARG D 97 -32.42 -13.52 11.76
N LYS D 98 -32.81 -13.03 10.58
CA LYS D 98 -34.05 -12.28 10.50
C LYS D 98 -35.25 -13.16 10.88
N SER D 99 -35.24 -14.42 10.42
CA SER D 99 -36.38 -15.34 10.67
C SER D 99 -36.65 -15.59 12.15
N GLN D 100 -35.68 -15.29 13.03
CA GLN D 100 -35.83 -15.57 14.47
C GLN D 100 -36.02 -14.38 15.45
N ASP D 101 -36.08 -13.13 14.97
CA ASP D 101 -36.25 -11.96 15.89
C ASP D 101 -35.20 -12.00 17.00
N LEU D 102 -33.95 -12.10 16.58
CA LEU D 102 -32.85 -12.05 17.53
C LEU D 102 -32.47 -10.58 17.70
N PHE D 103 -32.87 -10.00 18.83
CA PHE D 103 -32.63 -8.58 19.02
C PHE D 103 -31.33 -8.24 19.77
N ALA D 104 -30.61 -9.25 20.25
CA ALA D 104 -29.47 -8.94 21.10
C ALA D 104 -28.24 -9.68 20.66
N ASN D 105 -27.21 -8.96 20.23
CA ASN D 105 -25.92 -9.61 19.91
C ASN D 105 -24.97 -9.56 21.11
N LEU D 106 -24.47 -10.72 21.52
CA LEU D 106 -23.51 -10.78 22.64
C LEU D 106 -22.13 -11.24 22.13
N ARG D 107 -21.19 -10.31 21.96
CA ARG D 107 -19.83 -10.66 21.52
C ARG D 107 -18.79 -10.30 22.57
N PRO D 108 -18.26 -11.29 23.35
CA PRO D 108 -17.23 -11.02 24.37
C PRO D 108 -15.80 -10.93 23.82
N ALA D 109 -15.03 -9.94 24.28
CA ALA D 109 -13.61 -9.82 23.93
C ALA D 109 -12.75 -10.05 25.16
N LYS D 110 -11.92 -11.07 25.06
CA LYS D 110 -11.20 -11.57 26.19
C LYS D 110 -9.76 -11.84 25.82
N VAL D 111 -8.87 -11.33 26.65
CA VAL D 111 -7.44 -11.56 26.58
C VAL D 111 -7.18 -12.58 27.70
N PHE D 112 -6.98 -13.83 27.30
CA PHE D 112 -6.72 -14.90 28.25
C PHE D 112 -5.40 -14.67 28.96
N PRO D 113 -5.31 -15.08 30.22
CA PRO D 113 -4.07 -14.87 30.96
C PRO D 113 -2.92 -15.62 30.28
N GLY D 114 -1.90 -14.86 29.88
CA GLY D 114 -0.70 -15.41 29.26
C GLY D 114 -0.66 -15.14 27.77
N LEU D 115 -1.74 -14.61 27.22
CA LEU D 115 -1.85 -14.30 25.78
C LEU D 115 -1.75 -12.79 25.47
N GLU D 116 -1.42 -12.00 26.50
CA GLU D 116 -1.30 -10.55 26.41
C GLU D 116 -0.32 -10.00 25.33
N ARG D 117 0.61 -10.82 24.88
CA ARG D 117 1.56 -10.41 23.83
C ARG D 117 0.96 -10.37 22.42
N LEU D 118 -0.21 -11.01 22.26
CA LEU D 118 -0.86 -11.08 20.97
C LEU D 118 -1.70 -9.88 20.70
N SER D 119 -2.26 -9.29 21.74
CA SER D 119 -3.08 -8.12 21.60
C SER D 119 -2.28 -7.02 20.89
N PRO D 120 -2.95 -6.18 20.08
CA PRO D 120 -2.24 -5.00 19.59
C PRO D 120 -1.93 -3.99 20.71
N LEU D 121 -2.54 -4.17 21.88
CA LEU D 121 -2.28 -3.31 23.02
C LEU D 121 -1.01 -3.70 23.78
N LYS D 122 -0.39 -2.71 24.40
CA LYS D 122 0.68 -3.00 25.35
C LYS D 122 0.14 -3.96 26.41
N GLU D 123 0.97 -4.92 26.77
CA GLU D 123 0.55 -6.00 27.62
C GLU D 123 -0.11 -5.47 28.90
N GLU D 124 0.51 -4.45 29.50
CA GLU D 124 0.06 -3.89 30.78
C GLU D 124 -1.39 -3.44 30.73
N ILE D 125 -1.87 -3.15 29.52
CA ILE D 125 -3.21 -2.65 29.29
C ILE D 125 -4.15 -3.80 28.90
N ALA D 126 -3.64 -4.71 28.06
CA ALA D 126 -4.38 -5.90 27.65
C ALA D 126 -4.69 -6.87 28.82
N ARG D 127 -3.81 -6.94 29.82
CA ARG D 127 -4.04 -7.87 30.92
C ARG D 127 -5.38 -7.64 31.65
N GLY D 128 -6.18 -8.71 31.68
CA GLY D 128 -7.40 -8.73 32.46
C GLY D 128 -8.60 -8.31 31.65
N VAL D 129 -8.38 -7.99 30.38
CA VAL D 129 -9.50 -7.55 29.55
C VAL D 129 -10.48 -8.71 29.37
N ASP D 130 -11.76 -8.40 29.57
CA ASP D 130 -12.82 -9.40 29.48
C ASP D 130 -14.12 -8.63 29.49
N VAL D 131 -14.46 -8.09 28.33
CA VAL D 131 -15.62 -7.25 28.21
C VAL D 131 -16.59 -7.89 27.24
N LEU D 132 -17.88 -7.86 27.57
CA LEU D 132 -18.96 -8.34 26.70
C LEU D 132 -19.80 -7.19 26.19
N ILE D 133 -19.70 -6.91 24.89
CA ILE D 133 -20.57 -5.94 24.23
C ILE D 133 -21.96 -6.54 23.91
N VAL D 134 -23.02 -5.96 24.46
CA VAL D 134 -24.38 -6.29 24.06
C VAL D 134 -24.87 -5.21 23.09
N ARG D 135 -25.08 -5.63 21.84
CA ARG D 135 -25.56 -4.81 20.74
C ARG D 135 -27.05 -5.00 20.47
N GLU D 136 -27.81 -3.93 20.30
CA GLU D 136 -29.17 -4.03 19.75
C GLU D 136 -29.12 -4.36 18.26
N LEU D 137 -29.88 -5.36 17.79
CA LEU D 137 -29.69 -5.94 16.43
C LEU D 137 -30.80 -5.77 15.40
N THR D 138 -32.01 -5.42 15.84
CA THR D 138 -33.17 -5.39 14.94
C THR D 138 -33.78 -4.01 14.71
N GLY D 139 -33.27 -3.00 15.44
CA GLY D 139 -33.71 -1.61 15.27
C GLY D 139 -32.59 -0.63 14.97
N GLY D 140 -32.78 0.63 15.36
CA GLY D 140 -31.80 1.68 15.16
C GLY D 140 -31.71 2.15 13.72
N ILE D 141 -30.66 2.88 13.40
CA ILE D 141 -30.59 3.48 12.09
C ILE D 141 -30.52 2.47 10.93
N TYR D 142 -30.08 1.24 11.18
CA TYR D 142 -30.02 0.27 10.08
C TYR D 142 -31.39 -0.12 9.47
N PHE D 143 -32.46 0.03 10.27
CA PHE D 143 -33.82 -0.37 9.87
C PHE D 143 -34.86 0.76 9.96
N GLY D 144 -34.42 1.95 10.36
CA GLY D 144 -35.31 3.09 10.55
C GLY D 144 -35.89 3.76 9.31
N GLU D 145 -37.12 4.22 9.45
CA GLU D 145 -37.79 4.95 8.38
C GLU D 145 -38.21 6.34 8.89
N PRO D 146 -38.32 7.35 8.00
CA PRO D 146 -38.03 7.21 6.56
C PRO D 146 -36.50 7.14 6.23
N ARG D 147 -36.22 6.69 5.01
CA ARG D 147 -34.89 6.61 4.44
C ARG D 147 -35.01 6.82 2.96
N GLY D 148 -33.94 7.32 2.36
CA GLY D 148 -33.97 7.66 0.95
C GLY D 148 -32.81 8.52 0.52
N MET D 149 -32.82 8.85 -0.77
CA MET D 149 -31.70 9.42 -1.47
C MET D 149 -32.19 10.02 -2.76
N SER D 150 -31.94 11.30 -2.99
CA SER D 150 -32.20 11.94 -4.29
C SER D 150 -30.89 12.27 -4.99
N GLU D 151 -30.97 13.08 -6.04
CA GLU D 151 -29.77 13.57 -6.67
C GLU D 151 -29.18 14.71 -5.82
N ALA D 152 -29.91 15.14 -4.79
CA ALA D 152 -29.56 16.34 -4.06
C ALA D 152 -29.10 16.07 -2.63
N GLU D 153 -29.51 14.93 -2.08
CA GLU D 153 -29.29 14.62 -0.67
C GLU D 153 -29.69 13.22 -0.33
N ALA D 154 -29.53 12.87 0.96
CA ALA D 154 -29.92 11.56 1.45
C ALA D 154 -30.07 11.47 2.97
N TRP D 155 -30.93 10.57 3.43
CA TRP D 155 -31.33 10.55 4.82
C TRP D 155 -31.61 9.14 5.38
N ASN D 156 -31.41 8.97 6.68
CA ASN D 156 -31.65 7.72 7.39
C ASN D 156 -32.07 8.11 8.78
N THR D 157 -32.89 7.28 9.43
CA THR D 157 -33.41 7.65 10.74
C THR D 157 -32.98 6.72 11.87
N GLU D 158 -32.33 7.26 12.90
CA GLU D 158 -32.07 6.52 14.13
C GLU D 158 -33.29 6.67 15.03
N ARG D 159 -34.08 5.60 15.13
CA ARG D 159 -35.32 5.61 15.91
C ARG D 159 -35.38 4.39 16.85
N TYR D 160 -35.57 4.60 18.14
CA TYR D 160 -35.83 3.51 19.11
C TYR D 160 -37.12 3.73 19.90
N SER D 161 -37.86 2.67 20.16
CA SER D 161 -39.04 2.75 21.03
C SER D 161 -38.71 2.13 22.37
N LYS D 162 -39.51 2.45 23.38
CA LYS D 162 -39.33 1.93 24.75
C LYS D 162 -39.17 0.42 24.78
N PRO D 163 -40.09 -0.34 24.14
CA PRO D 163 -39.91 -1.80 24.20
C PRO D 163 -38.58 -2.30 23.60
N GLU D 164 -38.03 -1.57 22.63
CA GLU D 164 -36.82 -2.05 21.99
C GLU D 164 -35.64 -1.82 22.91
N VAL D 165 -35.71 -0.78 23.72
CA VAL D 165 -34.58 -0.46 24.60
C VAL D 165 -34.64 -1.38 25.79
N GLU D 166 -35.84 -1.52 26.35
CA GLU D 166 -36.07 -2.31 27.53
C GLU D 166 -35.61 -3.76 27.38
N ARG D 167 -35.99 -4.41 26.29
CA ARG D 167 -35.67 -5.81 26.14
C ARG D 167 -34.19 -6.01 26.04
N VAL D 168 -33.49 -5.10 25.37
CA VAL D 168 -32.06 -5.31 25.21
C VAL D 168 -31.29 -4.95 26.49
N ALA D 169 -31.72 -3.88 27.14
CA ALA D 169 -31.24 -3.53 28.47
C ALA D 169 -31.26 -4.77 29.36
N ARG D 170 -32.39 -5.49 29.37
CA ARG D 170 -32.60 -6.66 30.23
C ARG D 170 -31.66 -7.84 29.97
N VAL D 171 -31.45 -8.18 28.69
CA VAL D 171 -30.47 -9.19 28.28
C VAL D 171 -29.12 -8.87 28.95
N ALA D 172 -28.68 -7.64 28.76
CA ALA D 172 -27.49 -7.09 29.39
C ALA D 172 -27.45 -7.21 30.90
N PHE D 173 -28.53 -6.80 31.58
CA PHE D 173 -28.54 -6.87 33.05
C PHE D 173 -28.40 -8.27 33.59
N GLU D 174 -29.02 -9.26 32.94
CA GLU D 174 -28.93 -10.66 33.35
C GLU D 174 -27.57 -11.23 32.98
N ALA D 175 -27.01 -10.81 31.84
CA ALA D 175 -25.65 -11.22 31.46
C ALA D 175 -24.68 -10.78 32.54
N ALA D 176 -24.82 -9.52 32.95
CA ALA D 176 -24.03 -8.95 34.03
C ALA D 176 -24.08 -9.74 35.35
N ARG D 177 -25.26 -10.31 35.69
CA ARG D 177 -25.45 -11.02 36.97
C ARG D 177 -24.55 -12.24 37.06
N LYS D 178 -24.33 -12.87 35.92
CA LYS D 178 -23.48 -14.05 35.80
C LYS D 178 -21.98 -13.74 35.81
N ARG D 179 -21.62 -12.45 35.73
CA ARG D 179 -20.21 -12.06 35.65
C ARG D 179 -19.78 -11.16 36.80
N ARG D 180 -19.54 -9.88 36.53
CA ARG D 180 -19.00 -8.99 37.56
C ARG D 180 -19.98 -7.89 38.01
N LYS D 181 -21.21 -7.93 37.49
CA LYS D 181 -22.34 -7.14 38.03
C LYS D 181 -22.19 -5.64 37.78
N HIS D 182 -21.76 -5.31 36.57
CA HIS D 182 -21.47 -3.94 36.20
C HIS D 182 -21.85 -3.78 34.74
N VAL D 183 -22.78 -2.86 34.48
CA VAL D 183 -23.17 -2.57 33.11
C VAL D 183 -22.77 -1.15 32.80
N VAL D 184 -22.25 -0.95 31.60
CA VAL D 184 -22.02 0.39 31.11
C VAL D 184 -22.90 0.57 29.88
N SER D 185 -23.80 1.56 29.91
CA SER D 185 -24.73 1.80 28.80
C SER D 185 -24.27 2.99 27.99
N VAL D 186 -24.02 2.78 26.73
CA VAL D 186 -23.38 3.77 25.90
C VAL D 186 -24.43 4.44 24.99
N ASP D 187 -24.42 5.78 24.95
CA ASP D 187 -25.30 6.54 24.08
C ASP D 187 -24.61 7.76 23.58
N LYS D 188 -25.40 8.65 23.01
CA LYS D 188 -24.95 9.97 22.68
C LYS D 188 -25.95 11.00 23.23
N ALA D 189 -26.21 10.90 24.54
CA ALA D 189 -27.22 11.72 25.24
C ALA D 189 -26.92 13.22 25.29
N ASN D 190 -25.64 13.61 25.35
CA ASN D 190 -25.31 15.02 25.41
C ASN D 190 -25.50 15.74 24.06
N VAL D 191 -25.99 15.04 23.04
CA VAL D 191 -26.36 15.67 21.75
C VAL D 191 -27.68 15.18 21.17
N LEU D 192 -28.06 13.91 21.38
CA LEU D 192 -29.26 13.40 20.68
C LEU D 192 -30.43 13.01 21.60
N GLU D 193 -31.63 13.40 21.20
CA GLU D 193 -32.87 12.92 21.81
C GLU D 193 -32.90 11.38 21.94
N VAL D 194 -32.41 10.69 20.92
CA VAL D 194 -32.41 9.22 20.94
C VAL D 194 -31.58 8.76 22.12
N GLY D 195 -30.39 9.38 22.27
CA GLY D 195 -29.48 9.08 23.38
C GLY D 195 -30.07 9.39 24.73
N GLU D 196 -30.77 10.52 24.84
CA GLU D 196 -31.41 10.90 26.08
C GLU D 196 -32.48 9.89 26.43
N PHE D 197 -33.21 9.46 25.42
CA PHE D 197 -34.27 8.47 25.57
C PHE D 197 -33.70 7.14 26.04
N TRP D 198 -32.58 6.74 25.44
CA TRP D 198 -31.90 5.50 25.76
C TRP D 198 -31.53 5.41 27.25
N ARG D 199 -30.99 6.50 27.77
CA ARG D 199 -30.39 6.57 29.09
C ARG D 199 -31.49 6.53 30.11
N LYS D 200 -32.42 7.46 29.97
CA LYS D 200 -33.64 7.47 30.77
C LYS D 200 -34.18 6.04 30.90
N THR D 201 -34.37 5.37 29.77
CA THR D 201 -34.99 4.05 29.73
C THR D 201 -34.17 2.97 30.45
N VAL D 202 -32.86 2.96 30.22
CA VAL D 202 -31.96 1.95 30.83
C VAL D 202 -31.92 2.20 32.34
N GLU D 203 -31.77 3.46 32.72
CA GLU D 203 -31.87 3.88 34.12
C GLU D 203 -33.11 3.27 34.79
N GLU D 204 -34.23 3.31 34.07
CA GLU D 204 -35.51 2.77 34.56
C GLU D 204 -35.54 1.24 34.70
N VAL D 205 -34.98 0.55 33.71
CA VAL D 205 -34.90 -0.92 33.71
C VAL D 205 -33.99 -1.39 34.83
N GLY D 206 -32.91 -0.65 35.04
CA GLY D 206 -31.87 -0.97 35.99
C GLY D 206 -32.31 -0.92 37.44
N ARG D 207 -33.30 -0.08 37.73
CA ARG D 207 -33.84 -0.06 39.09
C ARG D 207 -34.47 -1.40 39.47
N GLY D 208 -34.91 -2.17 38.47
CA GLY D 208 -35.35 -3.55 38.71
C GLY D 208 -34.22 -4.50 39.09
N TYR D 209 -32.98 -4.09 38.87
CA TYR D 209 -31.80 -4.88 39.19
C TYR D 209 -30.91 -4.09 40.15
N PRO D 210 -31.26 -4.07 41.45
CA PRO D 210 -30.49 -3.25 42.40
C PRO D 210 -29.06 -3.76 42.70
N ASP D 211 -28.77 -5.03 42.36
CA ASP D 211 -27.46 -5.64 42.60
C ASP D 211 -26.44 -5.44 41.46
N VAL D 212 -26.75 -4.59 40.49
CA VAL D 212 -25.83 -4.33 39.36
C VAL D 212 -25.51 -2.85 39.27
N ALA D 213 -24.21 -2.55 39.23
CA ALA D 213 -23.78 -1.17 39.07
C ALA D 213 -24.06 -0.76 37.62
N LEU D 214 -24.74 0.37 37.47
CA LEU D 214 -25.04 0.95 36.17
C LEU D 214 -24.30 2.25 36.01
N GLU D 215 -23.64 2.36 34.87
CA GLU D 215 -22.90 3.55 34.55
C GLU D 215 -23.15 3.91 33.08
N HIS D 216 -23.00 5.18 32.72
CA HIS D 216 -23.30 5.65 31.35
C HIS D 216 -22.11 6.32 30.68
N GLN D 217 -21.87 5.98 29.42
CA GLN D 217 -20.80 6.59 28.66
C GLN D 217 -21.32 7.05 27.31
N TYR D 218 -20.71 8.12 26.80
CA TYR D 218 -20.99 8.62 25.48
C TYR D 218 -20.17 7.78 24.49
N VAL D 219 -20.74 7.56 23.30
CA VAL D 219 -20.15 6.64 22.34
C VAL D 219 -18.72 7.03 21.93
N ASP D 220 -18.49 8.33 21.76
CA ASP D 220 -17.15 8.83 21.44
C ASP D 220 -16.13 8.60 22.53
N ALA D 221 -16.50 8.85 23.79
CA ALA D 221 -15.59 8.59 24.93
C ALA D 221 -15.32 7.12 25.06
N MET D 222 -16.30 6.32 24.63
CA MET D 222 -16.23 4.91 24.89
C MET D 222 -15.14 4.36 23.99
N ALA D 223 -15.15 4.81 22.74
CA ALA D 223 -14.08 4.48 21.79
C ALA D 223 -12.71 4.73 22.37
N MET D 224 -12.55 5.87 23.06
CA MET D 224 -11.29 6.16 23.75
C MET D 224 -11.02 5.17 24.90
N HIS D 225 -12.05 4.84 25.69
CA HIS D 225 -11.82 3.99 26.91
C HIS D 225 -11.40 2.58 26.57
N LEU D 226 -11.89 2.04 25.47
CA LEU D 226 -11.62 0.67 25.07
C LEU D 226 -10.20 0.47 24.56
N VAL D 227 -9.48 1.56 24.28
CA VAL D 227 -8.07 1.48 23.96
C VAL D 227 -7.17 1.88 25.14
N ARG D 228 -7.55 2.92 25.91
CA ARG D 228 -6.75 3.41 27.07
C ARG D 228 -6.89 2.49 28.27
N SER D 229 -8.08 1.98 28.53
CA SER D 229 -8.34 1.23 29.75
C SER D 229 -9.50 0.21 29.65
N PRO D 230 -9.48 -0.68 28.64
CA PRO D 230 -10.54 -1.66 28.44
C PRO D 230 -10.76 -2.69 29.57
N ALA D 231 -9.75 -2.96 30.39
CA ALA D 231 -9.94 -3.89 31.49
C ALA D 231 -10.82 -3.38 32.67
N ARG D 232 -11.42 -2.19 32.61
CA ARG D 232 -12.25 -1.77 33.74
C ARG D 232 -13.73 -2.00 33.48
N PHE D 233 -14.01 -2.67 32.36
CA PHE D 233 -15.36 -3.00 31.90
C PHE D 233 -15.70 -4.49 32.00
N ASP D 234 -17.00 -4.76 32.25
CA ASP D 234 -17.57 -6.09 32.31
C ASP D 234 -18.57 -6.22 31.17
N VAL D 235 -19.73 -5.59 31.30
CA VAL D 235 -20.76 -5.66 30.27
C VAL D 235 -21.07 -4.24 29.78
N VAL D 236 -21.26 -4.11 28.49
CA VAL D 236 -21.55 -2.84 27.81
C VAL D 236 -22.78 -3.11 26.99
N VAL D 237 -23.75 -2.20 27.04
CA VAL D 237 -24.92 -2.31 26.18
C VAL D 237 -25.13 -1.03 25.35
N THR D 238 -25.66 -1.18 24.14
CA THR D 238 -25.78 -0.05 23.25
C THR D 238 -26.62 -0.37 22.01
N GLY D 239 -27.05 0.67 21.29
CA GLY D 239 -27.86 0.50 20.12
C GLY D 239 -27.12 -0.15 18.96
N ASN D 240 -27.78 -0.23 17.81
CA ASN D 240 -27.34 -1.05 16.68
C ASN D 240 -26.04 -0.49 16.09
N ILE D 241 -26.10 0.66 15.43
CA ILE D 241 -24.87 1.25 14.92
C ILE D 241 -23.71 1.41 15.93
N PHE D 242 -23.97 1.84 17.17
CA PHE D 242 -22.87 2.05 18.11
C PHE D 242 -22.22 0.71 18.49
N GLY D 243 -23.06 -0.31 18.65
CA GLY D 243 -22.63 -1.67 18.98
C GLY D 243 -21.82 -2.31 17.88
N ASP D 244 -22.21 -2.04 16.62
CA ASP D 244 -21.41 -2.44 15.46
C ASP D 244 -19.99 -1.91 15.57
N ILE D 245 -19.85 -0.60 15.72
CA ILE D 245 -18.54 0.03 15.79
C ILE D 245 -17.79 -0.45 17.03
N LEU D 246 -18.43 -0.40 18.20
CA LEU D 246 -17.74 -0.70 19.46
C LEU D 246 -17.35 -2.17 19.64
N SER D 247 -18.23 -3.09 19.21
CA SER D 247 -17.89 -4.53 19.28
C SER D 247 -16.86 -4.92 18.25
N ASP D 248 -16.90 -4.29 17.09
CA ASP D 248 -15.84 -4.51 16.12
C ASP D 248 -14.50 -3.98 16.69
N LEU D 249 -14.55 -2.86 17.40
CA LEU D 249 -13.35 -2.30 18.02
C LEU D 249 -12.81 -3.22 19.12
N ALA D 250 -13.66 -3.62 20.06
CA ALA D 250 -13.24 -4.47 21.16
C ALA D 250 -12.62 -5.76 20.60
N SER D 251 -13.16 -6.21 19.47
CA SER D 251 -12.82 -7.50 18.90
C SER D 251 -11.37 -7.68 18.39
N VAL D 252 -10.68 -6.59 18.02
CA VAL D 252 -9.29 -6.68 17.56
C VAL D 252 -8.31 -6.76 18.73
N LEU D 253 -8.82 -6.55 19.95
CA LEU D 253 -8.00 -6.50 21.19
C LEU D 253 -7.34 -7.83 21.61
N PRO D 254 -8.02 -8.98 21.39
CA PRO D 254 -7.36 -10.27 21.67
C PRO D 254 -6.13 -10.55 20.77
N GLY D 255 -6.21 -10.23 19.48
CA GLY D 255 -5.06 -10.40 18.58
C GLY D 255 -5.28 -11.41 17.47
N SER D 256 -6.42 -12.07 17.49
CA SER D 256 -6.72 -13.04 16.46
C SER D 256 -8.22 -13.26 16.34
N LEU D 257 -8.73 -13.02 15.14
CA LEU D 257 -10.04 -13.43 14.73
C LEU D 257 -10.43 -14.85 15.21
N GLY D 258 -9.47 -15.76 15.13
CA GLY D 258 -9.70 -17.12 15.53
C GLY D 258 -10.19 -17.28 16.96
N LEU D 259 -10.05 -16.25 17.80
CA LEU D 259 -10.45 -16.35 19.24
C LEU D 259 -11.88 -15.94 19.61
N LEU D 260 -12.66 -15.38 18.68
CA LEU D 260 -13.89 -14.68 19.09
C LEU D 260 -15.19 -15.37 18.75
N PRO D 261 -16.08 -15.53 19.74
CA PRO D 261 -17.45 -16.12 19.63
C PRO D 261 -18.60 -15.08 19.58
N SER D 262 -19.71 -15.43 18.93
CA SER D 262 -20.90 -14.55 18.86
C SER D 262 -22.16 -15.26 19.36
N ALA D 263 -23.07 -14.49 19.97
CA ALA D 263 -24.42 -14.97 20.33
C ALA D 263 -25.50 -13.96 19.91
N SER D 264 -26.58 -14.48 19.31
CA SER D 264 -27.74 -13.68 18.97
C SER D 264 -28.99 -14.35 19.55
N LEU D 265 -29.69 -13.63 20.43
CA LEU D 265 -30.84 -14.12 21.16
C LEU D 265 -32.09 -13.25 20.92
N GLY D 266 -33.27 -13.85 21.10
CA GLY D 266 -34.52 -13.17 20.94
C GLY D 266 -35.73 -14.06 21.08
N ARG D 267 -36.70 -13.88 20.19
CA ARG D 267 -37.94 -14.64 20.20
C ARG D 267 -37.74 -16.09 19.75
N GLY D 268 -36.84 -16.32 18.81
CA GLY D 268 -36.75 -17.63 18.19
C GLY D 268 -35.61 -18.49 18.71
N THR D 269 -35.07 -19.28 17.79
CA THR D 269 -33.93 -20.14 18.05
C THR D 269 -32.63 -19.31 18.07
N PRO D 270 -31.93 -19.30 19.21
CA PRO D 270 -30.72 -18.48 19.27
C PRO D 270 -29.62 -19.05 18.38
N VAL D 271 -28.79 -18.16 17.83
CA VAL D 271 -27.77 -18.54 16.85
C VAL D 271 -26.38 -18.23 17.42
N PHE D 272 -25.49 -19.23 17.40
CA PHE D 272 -24.20 -19.14 18.04
C PHE D 272 -23.18 -19.45 16.97
N GLU D 273 -22.17 -18.57 16.83
CA GLU D 273 -21.29 -18.59 15.65
C GLU D 273 -19.94 -17.90 15.89
N PRO D 274 -18.88 -18.38 15.23
CA PRO D 274 -17.66 -17.59 15.32
C PRO D 274 -17.77 -16.36 14.43
N VAL D 275 -17.13 -15.31 14.90
CA VAL D 275 -17.05 -14.03 14.23
C VAL D 275 -16.27 -14.10 12.92
N HIS D 276 -15.30 -14.99 12.82
CA HIS D 276 -14.48 -15.06 11.61
C HIS D 276 -15.31 -15.59 10.42
N GLY D 277 -14.71 -15.58 9.23
CA GLY D 277 -15.40 -16.14 8.07
C GLY D 277 -14.88 -17.48 7.57
N SER D 278 -15.05 -17.71 6.28
CA SER D 278 -14.73 -19.02 5.69
C SER D 278 -13.25 -19.38 5.60
N ALA D 279 -12.38 -18.37 5.69
CA ALA D 279 -10.93 -18.54 5.52
C ALA D 279 -10.57 -19.50 4.41
N PRO D 280 -11.00 -19.19 3.18
CA PRO D 280 -10.74 -20.14 2.09
C PRO D 280 -9.25 -20.51 1.96
N ASP D 281 -8.39 -19.60 2.37
CA ASP D 281 -6.95 -19.74 2.16
C ASP D 281 -6.32 -20.79 3.06
N ILE D 282 -7.07 -21.28 4.05
CA ILE D 282 -6.56 -22.33 4.94
C ILE D 282 -7.47 -23.55 5.05
N ALA D 283 -8.62 -23.50 4.39
CA ALA D 283 -9.55 -24.66 4.40
C ALA D 283 -8.81 -25.90 3.88
N GLY D 284 -8.91 -26.99 4.62
CA GLY D 284 -8.31 -28.25 4.19
C GLY D 284 -6.86 -28.45 4.59
N LYS D 285 -6.22 -27.36 5.05
CA LYS D 285 -4.86 -27.40 5.61
C LYS D 285 -4.76 -27.90 7.07
N GLY D 286 -5.90 -28.13 7.75
CA GLY D 286 -5.89 -28.62 9.14
C GLY D 286 -5.20 -27.76 10.21
N ILE D 287 -5.17 -26.45 10.02
CA ILE D 287 -4.56 -25.59 11.02
C ILE D 287 -5.48 -24.50 11.54
N ALA D 288 -6.71 -24.44 11.05
CA ALA D 288 -7.66 -23.42 11.54
C ALA D 288 -7.87 -23.50 13.06
N ASN D 289 -7.93 -22.34 13.71
CA ASN D 289 -8.11 -22.25 15.16
C ASN D 289 -9.57 -22.52 15.52
N PRO D 290 -9.85 -23.61 16.26
CA PRO D 290 -11.26 -23.89 16.56
C PRO D 290 -11.76 -23.15 17.83
N THR D 291 -10.92 -22.28 18.41
CA THR D 291 -11.31 -21.57 19.64
C THR D 291 -12.65 -20.83 19.50
N ALA D 292 -12.82 -20.08 18.43
CA ALA D 292 -14.11 -19.34 18.26
C ALA D 292 -15.34 -20.26 18.21
N ALA D 293 -15.23 -21.42 17.60
CA ALA D 293 -16.36 -22.34 17.52
C ALA D 293 -16.64 -23.02 18.86
N ILE D 294 -15.59 -23.48 19.55
CA ILE D 294 -15.73 -24.14 20.84
C ILE D 294 -16.29 -23.15 21.88
N LEU D 295 -15.77 -21.92 21.91
CA LEU D 295 -16.33 -20.92 22.81
C LEU D 295 -17.78 -20.55 22.42
N SER D 296 -18.06 -20.52 21.11
CA SER D 296 -19.45 -20.44 20.58
C SER D 296 -20.37 -21.53 21.11
N ALA D 297 -19.89 -22.77 21.18
CA ALA D 297 -20.66 -23.85 21.77
C ALA D 297 -20.79 -23.63 23.29
N ALA D 298 -19.79 -22.99 23.89
CA ALA D 298 -19.82 -22.65 25.30
C ALA D 298 -20.92 -21.61 25.57
N MET D 299 -21.01 -20.57 24.74
CA MET D 299 -22.06 -19.57 24.92
C MET D 299 -23.46 -20.21 24.79
N MET D 300 -23.59 -21.16 23.86
CA MET D 300 -24.79 -21.99 23.72
C MET D 300 -25.10 -22.76 25.00
N LEU D 301 -24.12 -23.42 25.60
CA LEU D 301 -24.39 -24.11 26.87
C LEU D 301 -24.99 -23.15 27.88
N GLU D 302 -24.51 -21.92 27.88
CA GLU D 302 -24.91 -20.94 28.88
C GLU D 302 -26.24 -20.23 28.55
N HIS D 303 -26.30 -19.59 27.41
CA HIS D 303 -27.44 -18.76 27.07
C HIS D 303 -28.68 -19.50 26.49
N ALA D 304 -28.49 -20.68 25.87
CA ALA D 304 -29.63 -21.47 25.40
C ALA D 304 -30.10 -22.51 26.40
N PHE D 305 -29.20 -23.01 27.25
CA PHE D 305 -29.54 -24.10 28.17
C PHE D 305 -29.37 -23.81 29.67
N GLY D 306 -28.87 -22.62 30.01
CA GLY D 306 -28.61 -22.27 31.41
C GLY D 306 -27.54 -23.12 32.09
N LEU D 307 -26.65 -23.73 31.30
CA LEU D 307 -25.59 -24.54 31.86
C LEU D 307 -24.35 -23.68 32.06
N VAL D 308 -24.47 -22.74 33.01
CA VAL D 308 -23.50 -21.68 33.23
C VAL D 308 -22.20 -22.27 33.66
N GLU D 309 -22.25 -23.18 34.64
CA GLU D 309 -21.05 -23.80 35.19
C GLU D 309 -20.28 -24.60 34.14
N LEU D 310 -20.99 -25.39 33.33
CA LEU D 310 -20.37 -26.13 32.22
C LEU D 310 -19.76 -25.20 31.16
N ALA D 311 -20.41 -24.08 30.92
CA ALA D 311 -19.83 -23.11 30.00
C ALA D 311 -18.47 -22.62 30.53
N ARG D 312 -18.34 -22.49 31.84
CA ARG D 312 -17.10 -21.99 32.45
C ARG D 312 -15.94 -22.99 32.29
N LYS D 313 -16.22 -24.26 32.51
CA LYS D 313 -15.19 -25.31 32.44
C LYS D 313 -14.65 -25.47 31.03
N VAL D 314 -15.51 -25.22 30.05
CA VAL D 314 -15.08 -25.22 28.65
C VAL D 314 -14.09 -24.09 28.43
N GLU D 315 -14.49 -22.89 28.84
CA GLU D 315 -13.64 -21.76 28.63
C GLU D 315 -12.29 -21.85 29.41
N ASP D 316 -12.29 -22.45 30.60
CA ASP D 316 -11.02 -22.68 31.33
C ASP D 316 -10.10 -23.73 30.66
N ALA D 317 -10.71 -24.75 30.07
CA ALA D 317 -10.01 -25.77 29.28
C ALA D 317 -9.34 -25.17 28.05
N VAL D 318 -10.11 -24.45 27.24
CA VAL D 318 -9.62 -23.74 26.06
C VAL D 318 -8.45 -22.82 26.40
N ALA D 319 -8.55 -22.15 27.55
CA ALA D 319 -7.55 -21.20 28.03
C ALA D 319 -6.21 -21.87 28.33
N LYS D 320 -6.24 -22.99 29.02
CA LYS D 320 -5.01 -23.73 29.34
C LYS D 320 -4.41 -24.29 28.06
N ALA D 321 -5.29 -24.72 27.16
CA ALA D 321 -4.91 -25.25 25.85
C ALA D 321 -4.25 -24.21 24.94
N LEU D 322 -4.76 -22.98 24.98
CA LEU D 322 -4.13 -21.90 24.22
C LEU D 322 -2.67 -21.68 24.60
N LEU D 323 -2.33 -21.97 25.85
CA LEU D 323 -0.97 -21.77 26.34
C LEU D 323 -0.07 -22.99 26.15
N GLU D 324 -0.65 -24.18 26.18
CA GLU D 324 0.14 -25.38 26.11
C GLU D 324 0.42 -25.76 24.66
N THR D 325 -0.60 -25.66 23.80
CA THR D 325 -0.45 -26.04 22.38
C THR D 325 -1.10 -25.03 21.42
N PRO D 326 -0.51 -23.83 21.28
CA PRO D 326 -1.12 -22.77 20.45
C PRO D 326 -1.11 -23.01 18.93
N PRO D 327 -2.24 -22.73 18.25
CA PRO D 327 -2.29 -22.85 16.78
C PRO D 327 -1.48 -21.78 16.06
N PRO D 328 -1.23 -21.95 14.76
CA PRO D 328 -0.43 -21.01 13.95
C PRO D 328 -0.84 -19.53 13.99
N ASP D 329 -2.13 -19.22 14.10
CA ASP D 329 -2.51 -17.81 14.19
C ASP D 329 -2.11 -17.20 15.53
N LEU D 330 -1.72 -18.02 16.49
CA LEU D 330 -1.28 -17.51 17.78
C LEU D 330 0.25 -17.59 17.88
N GLY D 331 0.89 -17.65 16.72
CA GLY D 331 2.35 -17.77 16.66
C GLY D 331 2.80 -19.20 16.89
N GLY D 332 1.83 -20.12 16.97
CA GLY D 332 2.10 -21.51 17.34
C GLY D 332 2.32 -22.53 16.23
N SER D 333 2.46 -23.80 16.61
CA SER D 333 2.79 -24.88 15.68
C SER D 333 1.96 -26.13 15.97
N ALA D 334 0.71 -25.91 16.36
CA ALA D 334 -0.24 -27.01 16.65
C ALA D 334 -1.48 -26.92 15.73
N GLY D 335 -1.93 -28.07 15.22
CA GLY D 335 -3.03 -28.11 14.27
C GLY D 335 -4.39 -28.25 14.92
N THR D 336 -5.44 -28.06 14.14
CA THR D 336 -6.78 -28.08 14.67
C THR D 336 -6.92 -29.26 15.62
N GLU D 337 -6.64 -30.46 15.11
CA GLU D 337 -6.91 -31.73 15.82
C GLU D 337 -6.11 -31.86 17.13
N ALA D 338 -4.84 -31.43 17.10
CA ALA D 338 -3.97 -31.54 18.28
C ALA D 338 -4.44 -30.65 19.42
N PHE D 339 -4.75 -29.39 19.08
CA PHE D 339 -5.41 -28.41 19.97
C PHE D 339 -6.74 -28.89 20.55
N THR D 340 -7.61 -29.49 19.73
CA THR D 340 -8.88 -30.01 20.24
C THR D 340 -8.65 -31.13 21.26
N ALA D 341 -7.65 -31.96 20.99
CA ALA D 341 -7.29 -33.00 21.91
C ALA D 341 -6.78 -32.40 23.23
N THR D 342 -6.07 -31.29 23.14
CA THR D 342 -5.59 -30.65 24.38
C THR D 342 -6.77 -30.11 25.21
N VAL D 343 -7.78 -29.53 24.56
CA VAL D 343 -8.97 -29.06 25.29
C VAL D 343 -9.63 -30.21 26.06
N LEU D 344 -9.83 -31.35 25.40
CA LEU D 344 -10.39 -32.52 26.05
C LEU D 344 -9.53 -32.97 27.24
N ARG D 345 -8.21 -33.01 27.05
CA ARG D 345 -7.33 -33.46 28.13
C ARG D 345 -7.59 -32.61 29.36
N HIS D 346 -7.52 -31.31 29.20
CA HIS D 346 -7.80 -30.39 30.30
C HIS D 346 -9.20 -30.52 30.86
N LEU D 347 -10.18 -30.71 29.98
CA LEU D 347 -11.54 -31.06 30.36
C LEU D 347 -11.66 -32.34 31.19
N ALA D 348 -11.01 -33.42 30.75
CA ALA D 348 -11.02 -34.68 31.47
C ALA D 348 -10.35 -34.55 32.84
N ALA D 349 -9.17 -33.94 32.88
CA ALA D 349 -8.41 -33.79 34.12
C ALA D 349 -9.15 -32.93 35.14
N ALA D 350 -9.80 -31.87 34.66
CA ALA D 350 -10.47 -30.90 35.53
C ALA D 350 -11.92 -31.28 35.85
N ALA D 351 -12.17 -32.58 35.81
CA ALA D 351 -13.41 -33.19 36.27
C ALA D 351 -13.04 -34.48 36.99
N LEU D 352 -11.84 -34.99 36.70
CA LEU D 352 -11.23 -36.08 37.47
C LEU D 352 -10.73 -35.55 38.81
N GLU D 353 -10.50 -34.24 38.90
CA GLU D 353 -10.17 -33.56 40.15
C GLU D 353 -11.44 -33.25 40.97
N HIS D 354 -12.61 -33.29 40.32
CA HIS D 354 -13.89 -33.34 41.03
C HIS D 354 -14.22 -34.78 41.42
N HIS D 355 -13.21 -35.49 41.95
CA HIS D 355 -13.40 -36.81 42.60
C HIS D 355 -13.40 -36.65 44.11
N HIS D 356 -13.11 -35.43 44.58
CA HIS D 356 -13.04 -35.09 46.00
C HIS D 356 -14.38 -35.26 46.75
N HIS D 357 -15.51 -35.02 46.06
CA HIS D 357 -16.86 -35.12 46.65
C HIS D 357 -17.15 -36.53 47.18
N1 BCN E . 10.56 -13.65 -12.08
C1 BCN E . 9.84 -14.31 -13.17
C2 BCN E . 10.90 -14.76 -14.13
O21 BCN E . 10.57 -15.68 -14.89
O22 BCN E . 12.05 -14.22 -14.18
C3 BCN E . 10.60 -14.55 -10.87
C4 BCN E . 11.65 -15.66 -10.98
O4 BCN E . 12.86 -15.17 -11.58
C5 BCN E . 9.93 -12.33 -11.81
C6 BCN E . 8.44 -12.45 -11.47
O6 BCN E . 8.22 -12.70 -10.06
PA NAD F . 0.50 -18.38 -10.83
O1A NAD F . 0.96 -18.11 -12.25
O2A NAD F . -0.17 -19.72 -10.71
O5B NAD F . -0.56 -17.30 -10.28
C5B NAD F . -0.49 -16.05 -10.97
C4B NAD F . -1.88 -15.39 -10.97
O4B NAD F . -2.41 -15.37 -12.30
C3B NAD F . -2.90 -16.16 -10.11
O3B NAD F . -3.83 -15.24 -9.52
C2B NAD F . -3.56 -17.12 -11.13
O2B NAD F . -4.92 -17.47 -10.86
C1B NAD F . -3.52 -16.30 -12.44
N9A NAD F . -3.31 -17.23 -13.55
C8A NAD F . -2.17 -17.96 -13.74
N7A NAD F . -2.27 -18.70 -14.79
C5A NAD F . -3.47 -18.49 -15.36
C6A NAD F . -4.08 -19.02 -16.50
N6A NAD F . -3.39 -19.95 -17.25
N1A NAD F . -5.30 -18.62 -16.79
C2A NAD F . -5.93 -17.73 -16.03
N3A NAD F . -5.39 -17.21 -14.95
C4A NAD F . -4.16 -17.55 -14.57
O3 NAD F . 1.83 -18.42 -9.93
PN NAD F . 1.49 -18.05 -8.40
O1N NAD F . 2.28 -16.77 -8.08
O2N NAD F . -0.02 -17.90 -8.09
O5D NAD F . 2.03 -19.20 -7.43
C5D NAD F . 1.12 -20.29 -7.45
C4D NAD F . 1.96 -21.56 -7.28
O4D NAD F . 2.70 -21.85 -8.49
C3D NAD F . 2.97 -21.35 -6.13
O3D NAD F . 3.16 -22.59 -5.45
C2D NAD F . 4.25 -20.92 -6.89
O2D NAD F . 5.42 -21.31 -6.16
C1D NAD F . 4.13 -21.65 -8.26
N1N NAD F . 4.74 -20.94 -9.39
C2N NAD F . 5.22 -21.67 -10.40
C3N NAD F . 5.82 -21.07 -11.52
C7N NAD F . 6.34 -21.91 -12.64
O7N NAD F . 6.25 -23.13 -12.61
N7N NAD F . 6.92 -21.33 -13.71
C4N NAD F . 5.90 -19.67 -11.56
C5N NAD F . 5.40 -18.94 -10.49
C6N NAD F . 4.82 -19.61 -9.42
MN MN G . 12.69 -13.11 -13.09
N1 BCN H . 21.39 6.11 -20.83
C1 BCN H . 20.65 7.32 -20.44
C2 BCN H . 20.88 7.45 -18.96
O21 BCN H . 20.69 8.56 -18.50
O22 BCN H . 21.22 6.49 -18.23
C3 BCN H . 22.70 6.59 -21.34
C4 BCN H . 23.83 6.52 -20.32
O4 BCN H . 23.41 5.67 -19.26
C5 BCN H . 20.58 5.27 -21.75
C6 BCN H . 19.93 5.99 -22.96
O6 BCN H . 20.84 6.77 -23.77
PA NAD I . 18.83 12.35 -26.96
O1A NAD I . 18.30 12.38 -25.52
O2A NAD I . 19.78 13.52 -27.26
O5B NAD I . 17.63 12.42 -28.04
C5B NAD I . 16.62 11.43 -27.87
C4B NAD I . 15.39 12.02 -28.59
O4B NAD I . 14.71 12.96 -27.74
C3B NAD I . 15.81 12.81 -29.84
O3B NAD I . 14.86 12.56 -30.88
C2B NAD I . 15.77 14.30 -29.35
O2B NAD I . 15.60 15.24 -30.40
C1B NAD I . 14.60 14.28 -28.35
N9A NAD I . 14.82 15.27 -27.31
C8A NAD I . 15.77 15.15 -26.32
N7A NAD I . 15.75 16.17 -25.52
C5A NAD I . 14.79 17.02 -25.93
C6A NAD I . 14.32 18.27 -25.48
N6A NAD I . 14.85 18.87 -24.37
N1A NAD I . 13.36 18.86 -26.16
C2A NAD I . 12.80 18.28 -27.22
N3A NAD I . 13.20 17.13 -27.68
C4A NAD I . 14.19 16.46 -27.08
O3 NAD I . 19.53 10.91 -27.10
PN NAD I . 20.25 10.54 -28.46
O1N NAD I . 20.57 9.04 -28.24
O2N NAD I . 19.34 10.74 -29.70
O5D NAD I . 21.53 11.44 -28.80
C5D NAD I . 22.47 11.11 -27.80
C4D NAD I . 23.69 12.02 -27.80
O4D NAD I . 23.78 12.65 -26.50
C3D NAD I . 24.96 11.13 -27.90
O3D NAD I . 26.10 11.92 -28.23
C2D NAD I . 25.07 10.55 -26.46
O2D NAD I . 26.41 10.18 -26.13
C1D NAD I . 24.59 11.78 -25.63
N1N NAD I . 23.80 11.51 -24.42
C2N NAD I . 24.13 12.27 -23.42
C3N NAD I . 23.48 12.21 -22.18
C7N NAD I . 23.92 13.18 -21.10
O7N NAD I . 24.88 13.96 -21.27
N7N NAD I . 23.23 13.24 -19.93
C4N NAD I . 22.42 11.28 -22.05
C5N NAD I . 22.07 10.49 -23.14
C6N NAD I . 22.80 10.63 -24.33
MN MN J . 21.60 4.74 -18.84
N1 BCN K . 9.24 9.89 -27.60
C1 BCN K . 9.67 10.81 -26.53
C2 BCN K . 10.67 10.13 -25.65
O21 BCN K . 11.78 9.91 -26.19
O22 BCN K . 10.34 9.81 -24.49
C3 BCN K . 8.36 10.63 -28.50
C4 BCN K . 8.90 10.54 -29.92
O4 BCN K . 7.76 10.63 -30.77
C5 BCN K . 8.59 8.63 -27.11
C6 BCN K . 7.72 8.65 -25.82
O6 BCN K . 8.30 7.93 -24.70
N1 BCN L . -15.34 14.26 23.27
C1 BCN L . -13.97 14.63 22.88
C2 BCN L . -14.12 15.21 21.50
O21 BCN L . -13.46 16.20 21.22
O22 BCN L . -14.91 14.69 20.67
C3 BCN L . -16.03 15.34 24.00
C4 BCN L . -16.84 16.27 23.08
O4 BCN L . -17.17 15.61 21.85
C5 BCN L . -15.31 12.97 23.99
C6 BCN L . -14.17 12.90 25.00
O6 BCN L . -14.51 13.68 26.15
PA NAD M . -7.82 18.70 30.61
O1A NAD M . -7.62 18.69 29.07
O2A NAD M . -7.61 20.08 31.16
O5B NAD M . -6.72 17.75 31.28
C5B NAD M . -6.96 16.36 31.56
C4B NAD M . -5.68 15.89 32.32
O4B NAD M . -4.51 15.95 31.46
C3B NAD M . -5.32 16.79 33.52
O3B NAD M . -4.71 16.08 34.64
C2B NAD M . -4.32 17.80 32.88
O2B NAD M . -3.45 18.41 33.83
C1B NAD M . -3.52 16.92 31.93
N9A NAD M . -3.03 17.79 30.86
C8A NAD M . -3.81 18.33 29.89
N7A NAD M . -3.10 19.06 29.07
C5A NAD M . -1.81 19.05 29.45
C6A NAD M . -0.64 19.64 28.93
N6A NAD M . -0.73 20.45 27.82
N1A NAD M . 0.52 19.43 29.54
C2A NAD M . 0.54 18.65 30.63
N3A NAD M . -0.54 18.07 31.17
C4A NAD M . -1.74 18.23 30.61
O3 NAD M . -9.39 18.32 30.68
PN NAD M . -10.21 18.36 32.05
O1N NAD M . -11.15 17.19 31.69
O2N NAD M . -9.35 18.05 33.33
O5D NAD M . -11.12 19.65 32.24
C5D NAD M . -10.38 20.85 32.40
C4D NAD M . -11.23 22.05 31.89
O4D NAD M . -10.96 22.34 30.50
C3D NAD M . -12.77 21.86 31.97
O3D NAD M . -13.35 23.13 32.21
C2D NAD M . -13.18 21.39 30.56
O2D NAD M . -14.52 21.78 30.23
C1D NAD M . -12.15 22.14 29.69
N1N NAD M . -11.82 21.39 28.47
C2N NAD M . -11.88 22.02 27.31
C3N NAD M . -11.56 21.34 26.12
C7N NAD M . -11.64 22.05 24.80
O7N NAD M . -12.66 22.71 24.54
N7N NAD M . -10.60 21.99 23.94
C4N NAD M . -11.17 19.99 26.17
C5N NAD M . -11.10 19.36 27.43
C6N NAD M . -11.43 20.11 28.56
MN MN N . -16.16 13.67 21.00
N1 BCN O . -18.31 -6.10 10.06
C1 BCN O . -18.19 -7.14 11.12
C2 BCN O . -19.41 -7.08 12.02
O21 BCN O . -19.93 -8.13 12.44
O22 BCN O . -19.89 -5.97 12.34
C3 BCN O . -18.89 -6.63 8.79
C4 BCN O . -20.43 -6.55 8.80
O4 BCN O . -20.78 -5.52 9.73
C5 BCN O . -17.07 -5.31 9.89
C6 BCN O . -15.84 -6.10 9.48
O6 BCN O . -15.66 -5.84 8.09
PA NAD P . -11.86 -14.40 7.16
O1A NAD P . -12.20 -14.28 8.63
O2A NAD P . -12.53 -15.66 6.62
O5B NAD P . -10.28 -14.60 6.93
C5B NAD P . -9.48 -13.48 7.35
C4B NAD P . -8.04 -13.99 7.63
O4B NAD P . -7.93 -14.54 8.96
C3B NAD P . -7.61 -15.11 6.67
O3B NAD P . -6.22 -15.01 6.38
C2B NAD P . -7.86 -16.40 7.49
O2B NAD P . -6.99 -17.46 7.14
C1B NAD P . -7.57 -15.93 8.94
N9A NAD P . -8.45 -16.69 9.80
C8A NAD P . -9.80 -16.52 9.88
N7A NAD P . -10.29 -17.37 10.74
C5A NAD P . -9.30 -18.14 11.27
C6A NAD P . -9.26 -19.17 12.20
N6A NAD P . -10.42 -19.62 12.82
N1A NAD P . -8.09 -19.73 12.47
C2A NAD P . -6.97 -19.31 11.89
N3A NAD P . -6.96 -18.34 11.00
C4A NAD P . -8.11 -17.72 10.66
O3 NAD P . -12.42 -13.08 6.46
PN NAD P . -12.33 -13.19 4.84
O1N NAD P . -12.59 -11.74 4.38
O2N NAD P . -10.92 -13.65 4.38
O5D NAD P . -13.48 -14.18 4.29
C5D NAD P . -13.19 -14.60 2.94
C4D NAD P . -14.47 -14.88 2.15
O4D NAD P . -15.59 -15.18 3.02
C3D NAD P . -14.84 -13.65 1.29
O3D NAD P . -14.45 -13.86 -0.06
C2D NAD P . -16.37 -13.45 1.50
O2D NAD P . -17.14 -13.84 0.34
C1D NAD P . -16.75 -14.35 2.71
N1N NAD P . -17.22 -13.57 3.89
C2N NAD P . -17.50 -14.23 5.02
C3N NAD P . -17.96 -13.55 6.17
C7N NAD P . -18.28 -14.27 7.44
O7N NAD P . -17.88 -13.83 8.50
N7N NAD P . -19.01 -15.41 7.46
C4N NAD P . -18.11 -12.15 6.09
C5N NAD P . -17.81 -11.51 4.90
C6N NAD P . -17.36 -12.25 3.80
MN MN Q . -19.38 -4.48 11.75
#